data_9AYM
#
_entry.id   9AYM
#
_cell.length_a   1.00
_cell.length_b   1.00
_cell.length_c   1.00
_cell.angle_alpha   90.00
_cell.angle_beta   90.00
_cell.angle_gamma   90.00
#
_symmetry.space_group_name_H-M   'P 1'
#
loop_
_entity.id
_entity.type
_entity.pdbx_description
1 polymer 'RNA cytidine acetyltransferase'
2 non-polymer '[[(2~{R},3~{R},4~{R},5~{R})-5-(6-aminopurin-9-yl)-4-oxidanyl-3-phosphonooxy-oxolan-2-yl]methoxy-oxidanyl-phosphoryl] [(3~{S})-4-[[3-[2-[3-[1-[(2~{R},3~{R},4~{R},5~{S})-5-(hydroxymethyl)-3,4-bis(oxidanyl)oxolan-2-yl]-2-oxidanylidene-pyrimidin-4-yl]sulfanyl-2-oxidanylidene-propyl]sulfanylethylamino]-3-oxidanylidene-propyl]amino]-2,2-dimethyl-3-oxidanyl-4-oxidanylidene-butyl] hydrogen phosphate'
#
_entity_poly.entity_id   1
_entity_poly.type   'polypeptide(L)'
_entity_poly.pdbx_seq_one_letter_code
;HHHHHHENLYFQGMTVQKTVDSRIPTLIRNGLQTKKRSFFVVVGDHAKEAIVHLYYIMSSMDVRQNKSVLWAYKKELLGF
TSHRKKREAKIKKEIKRGIREPNQADPFELFISLNDIRYCYYKETDKILGNTYGMCILQDFEAITPNILARTIETVEGGG
LVVLLLKGMTSLKQLYTMTMDVHARYRTEAHDDVIARFNERFLLSLGSCESCLVIDDELNVLPISGGKGVKPLPPPDEDE
ELSPAAKELKKIKDELEDTQPIGSLIKLARTVDQAKALLTFVDAIAEKTLRNTVTLTAARGRGKSAAMGVAIAAAVAYGY
SNIFITSPSPENLKTLFEFVFKGFDALDYKDHADYTIIQSTNPEFNKAIVRVNIHRNHRQTIQYIRPQDAHVLGQAELVV
IDEAAAIPLPLVKKLMGPYLVFMASTISGYEGTGRSLSLKLIKQLREQSRAGANPNGGNAVEVDRSTLKATKETTSVGGR
SLKEITLSEPIRYAQGDNVEKWLNTLLCLDATLPRSKISTTGCPDPSQCELLHVNRDTLFSFHPVSEKFLQQMVALYVAS
HYKNSPNDLQLMSDAPAHELFVLTGPIQEGRLPEPLCVIQVSLEGKISKQSILKSLSRGQQPAGDLIPWLVSQQFQDDEF
ASLSGARIVRIATNPDYMSMGYGSKALQLLVDYYEGKFADLSEDAAAEVPRSIPRVTDAELSKGSLFDDIKVRDMHELPP
LFSKLSERRPEKLDYVGVSYGLTQQLHKFWKRAQFVPVYLRQTANDLTGEHTCVMIRPLQDGNDPSWLGAFAADFHKRFL
SLLSYKFREFPSILALTIEESANAGAMLDPSNAPTELTKAELDQLFTPFDHKRLESYANGLLDYHVVLDLMPTIAQLYFT
GRLREAVKLSGLQQAILLALGLQRKDIDTLATELNLPGSQVLAIFMKIMRKVTQHFGALVSGAIAAELPDPNKTVGVSKE
NAMGIHDDEVVGLKFEALEQRLEDELDEGGDEALRELRKKQRELIDSLPLDQYEIDGDDDAWKEAEKRVASAAKSGKKVD
GTLVSVPSAKAAKRKAEEMAALRDELEKMEKGKERGSKKAKKEKRR
;
_entity_poly.pdbx_strand_id   A,B
#
loop_
_chem_comp.id
_chem_comp.type
_chem_comp.name
_chem_comp.formula
A1AHN non-polymer '[[(2~{R},3~{R},4~{R},5~{R})-5-(6-aminopurin-9-yl)-4-oxidanyl-3-phosphonooxy-oxolan-2-yl]methoxy-oxidanyl-phosphoryl] [(3~{S})-4-[[3-[2-[3-[1-[(2~{R},3~{R},4~{R},5~{S})-5-(hydroxymethyl)-3,4-bis(oxidanyl)oxolan-2-yl]-2-oxidanylidene-pyrimidin-4-yl]sulfanyl-2-oxidanylidene-propyl]sulfanylethylamino]-3-oxidanylidene-propyl]amino]-2,2-dimethyl-3-oxidanyl-4-oxidanylidene-butyl] hydrogen phosphate' 'C33 H50 N9 O22 P3 S2'
#
# COMPACT_ATOMS: atom_id res chain seq x y z
N THR A 19 -67.63 20.66 -13.29
CA THR A 19 -67.51 19.21 -13.24
C THR A 19 -66.16 18.76 -13.79
N VAL A 20 -65.91 17.45 -13.76
CA VAL A 20 -64.68 16.86 -14.27
C VAL A 20 -65.06 15.70 -15.18
N ASP A 21 -64.22 15.43 -16.17
CA ASP A 21 -64.42 14.28 -17.04
C ASP A 21 -64.40 13.01 -16.22
N SER A 22 -65.32 12.08 -16.55
CA SER A 22 -65.47 10.88 -15.75
C SER A 22 -64.21 10.03 -15.72
N ARG A 23 -63.39 10.09 -16.77
CA ARG A 23 -62.21 9.25 -16.86
C ARG A 23 -61.12 9.63 -15.87
N ILE A 24 -61.13 10.84 -15.32
CA ILE A 24 -60.10 11.25 -14.37
C ILE A 24 -60.32 10.55 -13.02
N PRO A 25 -61.49 10.68 -12.36
CA PRO A 25 -61.70 9.91 -11.13
C PRO A 25 -61.66 8.43 -11.39
N THR A 26 -62.10 7.99 -12.58
CA THR A 26 -62.05 6.58 -12.91
C THR A 26 -60.62 6.05 -12.96
N LEU A 27 -59.71 6.75 -13.64
CA LEU A 27 -58.31 6.38 -13.65
C LEU A 27 -57.67 6.45 -12.27
N ILE A 28 -57.98 7.48 -11.48
CA ILE A 28 -57.43 7.57 -10.13
C ILE A 28 -57.90 6.40 -9.27
N ARG A 29 -59.19 6.05 -9.35
CA ARG A 29 -59.72 4.93 -8.59
C ARG A 29 -59.09 3.61 -9.03
N ASN A 30 -58.92 3.42 -10.34
CA ASN A 30 -58.29 2.20 -10.82
C ASN A 30 -56.86 2.10 -10.32
N GLY A 31 -56.12 3.22 -10.35
CA GLY A 31 -54.76 3.20 -9.83
C GLY A 31 -54.72 2.89 -8.34
N LEU A 32 -55.64 3.49 -7.57
CA LEU A 32 -55.66 3.25 -6.13
C LEU A 32 -56.01 1.80 -5.81
N GLN A 33 -56.97 1.23 -6.54
CA GLN A 33 -57.42 -0.12 -6.24
C GLN A 33 -56.40 -1.17 -6.70
N THR A 34 -55.82 -0.99 -7.89
CA THR A 34 -54.87 -1.95 -8.41
C THR A 34 -53.44 -1.69 -7.94
N LYS A 35 -53.24 -0.65 -7.13
CA LYS A 35 -51.91 -0.27 -6.64
C LYS A 35 -50.94 0.01 -7.79
N LYS A 36 -51.44 0.70 -8.82
CA LYS A 36 -50.64 1.10 -9.96
C LYS A 36 -50.65 2.62 -10.05
N ARG A 37 -49.54 3.16 -10.57
CA ARG A 37 -49.41 4.61 -10.66
C ARG A 37 -50.29 5.16 -11.78
N SER A 38 -50.56 6.47 -11.71
CA SER A 38 -51.34 7.16 -12.70
C SER A 38 -50.56 8.37 -13.21
N PHE A 39 -50.59 8.58 -14.51
CA PHE A 39 -49.85 9.66 -15.16
C PHE A 39 -50.81 10.75 -15.59
N PHE A 40 -50.52 11.98 -15.20
CA PHE A 40 -51.32 13.14 -15.58
C PHE A 40 -50.40 14.25 -16.05
N VAL A 41 -50.70 14.82 -17.22
CA VAL A 41 -49.93 15.91 -17.79
C VAL A 41 -50.86 17.11 -17.91
N VAL A 42 -50.46 18.23 -17.32
CA VAL A 42 -51.28 19.44 -17.26
C VAL A 42 -50.62 20.53 -18.10
N VAL A 43 -51.39 21.13 -18.99
CA VAL A 43 -50.94 22.24 -19.82
C VAL A 43 -51.80 23.46 -19.50
N GLY A 44 -51.17 24.63 -19.47
CA GLY A 44 -51.87 25.85 -19.15
C GLY A 44 -51.04 26.72 -18.23
N ASP A 45 -51.62 27.89 -17.91
CA ASP A 45 -50.97 28.87 -17.04
C ASP A 45 -51.40 28.79 -15.59
N HIS A 46 -52.35 27.92 -15.26
CA HIS A 46 -52.87 27.79 -13.90
C HIS A 46 -52.93 26.32 -13.50
N ALA A 47 -51.81 25.62 -13.69
CA ALA A 47 -51.75 24.20 -13.34
C ALA A 47 -51.93 23.93 -11.86
N LYS A 48 -51.81 24.97 -11.02
CA LYS A 48 -52.01 24.78 -9.59
C LYS A 48 -53.43 24.32 -9.29
N GLU A 49 -54.42 24.92 -9.97
CA GLU A 49 -55.80 24.51 -9.79
C GLU A 49 -56.00 23.05 -10.18
N ALA A 50 -55.42 22.64 -11.30
CA ALA A 50 -55.53 21.25 -11.74
C ALA A 50 -54.90 20.30 -10.73
N ILE A 51 -53.73 20.66 -10.21
CA ILE A 51 -53.05 19.81 -9.24
C ILE A 51 -53.86 19.69 -7.96
N VAL A 52 -54.44 20.79 -7.50
CA VAL A 52 -55.26 20.78 -6.29
C VAL A 52 -56.48 19.89 -6.51
N HIS A 53 -57.13 20.04 -7.67
CA HIS A 53 -58.31 19.24 -7.96
C HIS A 53 -57.99 17.76 -8.17
N LEU A 54 -56.78 17.43 -8.61
CA LEU A 54 -56.35 16.05 -8.74
C LEU A 54 -55.93 15.43 -7.41
N TYR A 55 -55.39 16.23 -6.50
CA TYR A 55 -55.06 15.75 -5.16
C TYR A 55 -56.31 15.54 -4.32
N TYR A 56 -57.29 16.44 -4.43
CA TYR A 56 -58.55 16.27 -3.72
C TYR A 56 -59.22 14.97 -4.15
N ILE A 57 -59.26 14.73 -5.46
CA ILE A 57 -59.90 13.52 -5.97
C ILE A 57 -59.15 12.28 -5.51
N MET A 58 -57.81 12.32 -5.53
CA MET A 58 -57.03 11.17 -5.10
C MET A 58 -57.24 10.88 -3.61
N SER A 59 -57.29 11.93 -2.79
CA SER A 59 -57.41 11.74 -1.35
C SER A 59 -58.83 11.39 -0.92
N SER A 60 -59.85 11.80 -1.68
CA SER A 60 -61.23 11.59 -1.25
C SER A 60 -61.64 10.12 -1.29
N MET A 61 -60.94 9.28 -2.06
CA MET A 61 -61.32 7.89 -2.19
C MET A 61 -60.51 6.95 -1.32
N ASP A 62 -59.29 7.33 -0.94
CA ASP A 62 -58.43 6.49 -0.13
C ASP A 62 -57.87 7.29 1.04
N VAL A 63 -57.78 6.63 2.20
CA VAL A 63 -57.25 7.27 3.39
C VAL A 63 -55.90 6.70 3.81
N ARG A 64 -55.52 5.51 3.35
CA ARG A 64 -54.25 4.94 3.72
C ARG A 64 -53.11 5.37 2.79
N GLN A 65 -53.39 6.21 1.80
CA GLN A 65 -52.36 6.82 0.96
C GLN A 65 -52.61 8.32 0.89
N ASN A 66 -52.05 9.07 1.84
CA ASN A 66 -52.07 10.52 1.85
C ASN A 66 -50.67 11.04 2.16
N LYS A 67 -49.67 10.46 1.51
CA LYS A 67 -48.28 10.71 1.86
C LYS A 67 -47.83 12.08 1.37
N SER A 68 -46.53 12.34 1.53
CA SER A 68 -45.96 13.62 1.15
C SER A 68 -45.98 13.79 -0.36
N VAL A 69 -45.97 15.06 -0.79
CA VAL A 69 -46.00 15.43 -2.20
C VAL A 69 -44.64 15.99 -2.58
N LEU A 70 -44.03 15.43 -3.61
CA LEU A 70 -42.73 15.89 -4.08
C LEU A 70 -42.91 16.89 -5.21
N TRP A 71 -42.29 18.06 -5.06
CA TRP A 71 -42.36 19.12 -6.06
C TRP A 71 -40.95 19.43 -6.55
N ALA A 72 -40.75 19.42 -7.85
CA ALA A 72 -39.45 19.65 -8.46
C ALA A 72 -39.52 20.85 -9.38
N TYR A 73 -38.64 21.82 -9.16
CA TYR A 73 -38.55 22.98 -10.03
C TYR A 73 -37.08 23.40 -10.15
N LYS A 74 -36.79 24.15 -11.22
CA LYS A 74 -35.42 24.56 -11.49
C LYS A 74 -35.02 25.77 -10.64
N LYS A 75 -35.88 26.77 -10.58
CA LYS A 75 -35.60 27.97 -9.80
C LYS A 75 -36.89 28.55 -9.21
N PRO A 107 -58.00 27.54 -1.99
CA PRO A 107 -57.70 26.26 -2.63
C PRO A 107 -56.22 25.90 -2.59
N PHE A 108 -55.44 26.43 -3.53
CA PHE A 108 -54.02 26.14 -3.56
C PHE A 108 -53.31 26.67 -2.33
N GLU A 109 -53.66 27.88 -1.89
CA GLU A 109 -53.05 28.44 -0.68
C GLU A 109 -53.34 27.57 0.53
N LEU A 110 -54.57 27.07 0.64
CA LEU A 110 -54.88 26.11 1.70
C LEU A 110 -54.23 24.76 1.45
N PHE A 111 -54.04 24.39 0.17
CA PHE A 111 -53.45 23.10 -0.15
C PHE A 111 -52.00 23.02 0.32
N ILE A 112 -51.23 24.10 0.15
CA ILE A 112 -49.84 24.06 0.57
C ILE A 112 -49.69 23.92 2.08
N SER A 113 -50.58 24.53 2.86
CA SER A 113 -50.45 24.59 4.31
C SER A 113 -51.11 23.42 5.02
N LEU A 114 -51.64 22.44 4.27
CA LEU A 114 -52.32 21.31 4.86
C LEU A 114 -51.66 19.96 4.61
N ASN A 115 -50.77 19.85 3.63
CA ASN A 115 -50.16 18.58 3.28
C ASN A 115 -48.64 18.74 3.23
N ASP A 116 -47.95 17.69 3.63
CA ASP A 116 -46.48 17.68 3.62
C ASP A 116 -45.99 17.73 2.18
N ILE A 117 -45.34 18.83 1.82
CA ILE A 117 -44.81 19.03 0.47
C ILE A 117 -43.30 19.17 0.57
N ARG A 118 -42.58 18.34 -0.17
CA ARG A 118 -41.12 18.39 -0.21
C ARG A 118 -40.68 18.99 -1.54
N TYR A 119 -39.90 20.06 -1.47
CA TYR A 119 -39.37 20.72 -2.65
C TYR A 119 -37.95 20.23 -2.91
N CYS A 120 -37.69 19.81 -4.13
CA CYS A 120 -36.38 19.31 -4.52
C CYS A 120 -35.93 19.97 -5.81
N TYR A 121 -34.68 20.42 -5.84
CA TYR A 121 -34.11 21.00 -7.04
C TYR A 121 -33.76 19.89 -8.04
N TYR A 122 -33.64 20.28 -9.30
CA TYR A 122 -33.28 19.32 -10.33
C TYR A 122 -31.87 18.78 -10.12
N LYS A 123 -30.93 19.64 -9.75
CA LYS A 123 -29.58 19.20 -9.45
C LYS A 123 -29.49 18.42 -8.15
N GLU A 124 -30.51 18.50 -7.29
CA GLU A 124 -30.53 17.82 -6.01
C GLU A 124 -31.39 16.57 -6.02
N THR A 125 -31.80 16.08 -7.19
CA THR A 125 -32.62 14.88 -7.26
C THR A 125 -31.87 13.65 -6.78
N ASP A 126 -30.54 13.69 -6.69
CA ASP A 126 -29.81 12.59 -6.10
C ASP A 126 -30.02 12.49 -4.59
N LYS A 127 -30.58 13.52 -3.97
CA LYS A 127 -30.81 13.53 -2.53
C LYS A 127 -32.09 12.79 -2.14
N ILE A 128 -32.96 12.47 -3.09
CA ILE A 128 -34.23 11.81 -2.79
C ILE A 128 -34.19 10.33 -3.16
N LEU A 129 -33.01 9.77 -3.42
CA LEU A 129 -32.89 8.36 -3.70
C LEU A 129 -33.30 7.54 -2.47
N GLY A 130 -34.16 6.54 -2.69
CA GLY A 130 -34.61 5.67 -1.63
C GLY A 130 -35.82 6.13 -0.87
N ASN A 131 -36.33 7.34 -1.15
CA ASN A 131 -37.52 7.82 -0.48
C ASN A 131 -38.78 7.25 -1.14
N THR A 132 -39.94 7.70 -0.68
CA THR A 132 -41.21 7.29 -1.26
C THR A 132 -42.24 8.37 -1.01
N TYR A 133 -42.83 8.89 -2.08
CA TYR A 133 -43.78 9.99 -2.00
C TYR A 133 -45.10 9.58 -2.64
N GLY A 134 -46.19 10.17 -2.14
CA GLY A 134 -47.51 9.83 -2.62
C GLY A 134 -47.89 10.47 -3.94
N MET A 135 -47.16 11.49 -4.37
CA MET A 135 -47.45 12.16 -5.64
C MET A 135 -46.26 13.04 -6.01
N CYS A 136 -45.83 12.93 -7.26
CA CYS A 136 -44.67 13.67 -7.75
C CYS A 136 -45.13 14.75 -8.73
N ILE A 137 -44.48 15.91 -8.67
CA ILE A 137 -44.84 17.05 -9.50
C ILE A 137 -43.58 17.56 -10.18
N LEU A 138 -43.66 17.77 -11.49
CA LEU A 138 -42.57 18.35 -12.27
C LEU A 138 -43.06 19.66 -12.87
N GLN A 139 -42.34 20.74 -12.62
CA GLN A 139 -42.82 22.07 -13.00
C GLN A 139 -42.24 22.54 -14.33
N ASP A 140 -40.93 22.44 -14.50
CA ASP A 140 -40.26 22.96 -15.69
C ASP A 140 -40.04 21.83 -16.69
N PHE A 141 -40.74 21.89 -17.82
CA PHE A 141 -40.47 20.97 -18.92
C PHE A 141 -39.07 21.21 -19.48
N GLU A 142 -38.67 22.48 -19.61
CA GLU A 142 -37.43 22.83 -20.27
C GLU A 142 -36.20 22.30 -19.57
N ALA A 143 -36.35 21.59 -18.45
CA ALA A 143 -35.20 21.14 -17.67
C ALA A 143 -35.19 19.65 -17.41
N ILE A 144 -36.30 18.94 -17.63
CA ILE A 144 -36.39 17.53 -17.26
C ILE A 144 -35.59 16.71 -18.27
N THR A 145 -34.35 16.42 -17.92
CA THR A 145 -33.57 15.44 -18.65
C THR A 145 -34.10 14.05 -18.33
N PRO A 146 -33.81 13.05 -19.17
CA PRO A 146 -34.24 11.69 -18.85
C PRO A 146 -33.75 11.18 -17.50
N ASN A 147 -32.55 11.60 -17.08
CA ASN A 147 -32.07 11.26 -15.75
C ASN A 147 -33.03 11.75 -14.68
N ILE A 148 -33.49 13.00 -14.81
CA ILE A 148 -34.41 13.56 -13.84
C ILE A 148 -35.71 12.78 -13.83
N LEU A 149 -36.23 12.45 -15.01
CA LEU A 149 -37.48 11.71 -15.10
C LEU A 149 -37.37 10.36 -14.42
N ALA A 150 -36.29 9.63 -14.68
CA ALA A 150 -36.10 8.33 -14.06
C ALA A 150 -35.95 8.47 -12.55
N ARG A 151 -35.23 9.48 -12.08
CA ARG A 151 -35.00 9.63 -10.65
C ARG A 151 -36.27 10.04 -9.91
N THR A 152 -37.11 10.85 -10.54
CA THR A 152 -38.25 11.44 -9.85
C THR A 152 -39.55 10.68 -10.05
N ILE A 153 -39.63 9.77 -11.02
CA ILE A 153 -40.83 8.99 -11.23
C ILE A 153 -40.82 7.71 -10.42
N GLU A 154 -39.65 7.09 -10.24
CA GLU A 154 -39.58 5.81 -9.54
C GLU A 154 -39.87 5.93 -8.05
N THR A 155 -39.93 7.14 -7.49
CA THR A 155 -40.16 7.34 -6.07
C THR A 155 -41.62 7.65 -5.76
N VAL A 156 -42.56 7.07 -6.50
CA VAL A 156 -43.98 7.27 -6.28
C VAL A 156 -44.61 5.92 -5.96
N GLU A 157 -45.34 5.86 -4.84
CA GLU A 157 -46.00 4.62 -4.46
C GLU A 157 -47.17 4.32 -5.39
N GLY A 158 -47.54 3.04 -5.46
CA GLY A 158 -48.65 2.65 -6.30
C GLY A 158 -49.95 3.32 -5.85
N GLY A 159 -50.75 3.72 -6.83
CA GLY A 159 -51.96 4.47 -6.56
C GLY A 159 -51.77 5.96 -6.49
N GLY A 160 -50.54 6.45 -6.54
CA GLY A 160 -50.27 7.87 -6.52
C GLY A 160 -50.42 8.48 -7.90
N LEU A 161 -50.07 9.76 -7.99
CA LEU A 161 -50.15 10.51 -9.22
C LEU A 161 -48.78 11.05 -9.58
N VAL A 162 -48.37 10.83 -10.83
CA VAL A 162 -47.18 11.46 -11.39
C VAL A 162 -47.68 12.58 -12.30
N VAL A 163 -47.56 13.82 -11.83
CA VAL A 163 -48.11 14.98 -12.53
C VAL A 163 -46.95 15.77 -13.14
N LEU A 164 -47.03 16.00 -14.44
CA LEU A 164 -46.06 16.80 -15.17
C LEU A 164 -46.73 18.07 -15.66
N LEU A 165 -46.20 19.23 -15.25
CA LEU A 165 -46.83 20.52 -15.62
C LEU A 165 -46.20 21.08 -16.89
N LEU A 166 -47.02 21.41 -17.89
CA LEU A 166 -46.49 22.04 -19.13
C LEU A 166 -47.03 23.47 -19.21
N LYS A 167 -46.22 24.40 -19.73
CA LYS A 167 -46.65 25.83 -19.81
C LYS A 167 -47.79 25.95 -20.81
N GLY A 168 -48.66 26.96 -20.64
CA GLY A 168 -49.79 27.16 -21.56
C GLY A 168 -49.32 27.16 -23.00
N MET A 169 -49.91 26.31 -23.84
CA MET A 169 -49.46 26.19 -25.26
C MET A 169 -50.67 26.34 -26.19
N THR A 170 -50.56 27.20 -27.21
CA THR A 170 -51.66 27.39 -28.19
C THR A 170 -51.94 26.04 -28.87
N SER A 171 -50.88 25.31 -29.24
CA SER A 171 -51.06 23.97 -29.87
C SER A 171 -49.91 23.06 -29.42
N LEU A 172 -50.24 21.85 -28.93
CA LEU A 172 -49.20 20.87 -28.53
C LEU A 172 -48.20 20.73 -29.69
N LYS A 173 -48.57 21.17 -30.90
CA LYS A 173 -47.69 21.04 -32.04
C LYS A 173 -46.45 21.92 -31.93
N GLN A 174 -46.44 22.86 -30.98
CA GLN A 174 -45.25 23.68 -30.79
C GLN A 174 -44.28 23.08 -29.79
N LEU A 175 -44.56 21.89 -29.26
CA LEU A 175 -43.65 21.27 -28.30
C LEU A 175 -42.38 20.77 -28.96
N TYR A 176 -42.46 20.30 -30.21
CA TYR A 176 -41.28 19.71 -30.85
C TYR A 176 -40.19 20.73 -31.09
N THR A 177 -40.52 22.03 -31.06
CA THR A 177 -39.53 23.10 -31.22
C THR A 177 -39.68 24.06 -30.05
N MET A 178 -39.05 23.71 -28.93
CA MET A 178 -39.02 24.56 -27.74
C MET A 178 -37.66 24.41 -27.07
N THR A 179 -37.18 25.54 -26.53
CA THR A 179 -35.80 25.69 -26.09
C THR A 179 -35.55 24.86 -24.83
N MET A 180 -34.87 23.73 -25.02
CA MET A 180 -34.32 22.97 -23.90
C MET A 180 -33.26 23.81 -23.18
N ASP A 181 -33.28 23.78 -21.85
CA ASP A 181 -32.18 24.39 -21.10
C ASP A 181 -30.90 23.59 -21.25
N VAL A 182 -30.99 22.36 -21.76
CA VAL A 182 -29.81 21.54 -21.97
C VAL A 182 -29.26 21.70 -23.39
N HIS A 183 -30.08 22.22 -24.33
CA HIS A 183 -29.64 22.36 -25.71
C HIS A 183 -28.43 23.27 -25.83
N ALA A 184 -28.27 24.21 -24.91
CA ALA A 184 -27.16 25.15 -24.93
C ALA A 184 -25.82 24.43 -24.90
N ARG A 185 -25.77 23.26 -24.26
CA ARG A 185 -24.52 22.52 -24.17
C ARG A 185 -24.18 21.81 -25.49
N TYR A 186 -25.19 21.34 -26.23
CA TYR A 186 -24.91 20.65 -27.48
C TYR A 186 -24.40 21.60 -28.56
N ARG A 187 -24.96 22.81 -28.62
CA ARG A 187 -24.63 23.72 -29.70
C ARG A 187 -23.17 24.17 -29.62
N THR A 188 -22.61 24.48 -30.79
CA THR A 188 -21.20 24.82 -30.91
C THR A 188 -21.08 25.93 -31.95
N GLU A 189 -19.89 26.52 -32.05
CA GLU A 189 -19.66 27.55 -33.05
C GLU A 189 -19.83 26.99 -34.46
N ALA A 190 -19.33 25.78 -34.70
CA ALA A 190 -19.47 25.19 -36.03
C ALA A 190 -20.92 24.86 -36.35
N HIS A 191 -21.63 24.24 -35.41
CA HIS A 191 -23.03 23.87 -35.58
C HIS A 191 -23.84 24.53 -34.47
N ASP A 192 -24.70 25.48 -34.84
CA ASP A 192 -25.46 26.26 -33.87
C ASP A 192 -26.91 25.82 -33.76
N ASP A 193 -27.60 25.60 -34.88
CA ASP A 193 -29.00 25.23 -34.84
C ASP A 193 -29.19 23.82 -34.28
N VAL A 194 -30.30 23.62 -33.58
CA VAL A 194 -30.64 22.35 -32.96
C VAL A 194 -32.11 22.06 -33.21
N ILE A 195 -32.39 20.87 -33.73
CA ILE A 195 -33.77 20.42 -33.96
C ILE A 195 -34.12 19.44 -32.85
N ALA A 196 -35.10 19.80 -32.03
CA ALA A 196 -35.48 18.98 -30.89
C ALA A 196 -36.31 17.80 -31.36
N ARG A 197 -35.75 16.59 -31.22
CA ARG A 197 -36.45 15.36 -31.57
C ARG A 197 -36.94 14.58 -30.36
N PHE A 198 -36.31 14.81 -29.20
CA PHE A 198 -36.69 14.08 -27.97
C PHE A 198 -38.13 14.42 -27.59
N ASN A 199 -38.46 15.71 -27.59
CA ASN A 199 -39.84 16.16 -27.26
C ASN A 199 -40.83 15.54 -28.25
N GLU A 200 -40.42 15.42 -29.51
CA GLU A 200 -41.31 14.82 -30.55
C GLU A 200 -41.73 13.42 -30.10
N ARG A 201 -40.76 12.56 -29.78
CA ARG A 201 -41.05 11.17 -29.35
C ARG A 201 -41.79 11.20 -28.01
N PHE A 202 -41.41 12.12 -27.12
CA PHE A 202 -42.03 12.20 -25.77
C PHE A 202 -43.55 12.37 -25.93
N LEU A 203 -43.97 13.33 -26.75
CA LEU A 203 -45.42 13.59 -26.92
C LEU A 203 -46.11 12.36 -27.53
N LEU A 204 -45.45 11.71 -28.49
CA LEU A 204 -46.07 10.54 -29.17
C LEU A 204 -46.09 9.32 -28.24
N SER A 205 -45.08 9.20 -27.37
CA SER A 205 -45.00 8.01 -26.47
C SER A 205 -46.23 7.93 -25.55
N LEU A 206 -46.82 9.09 -25.24
CA LEU A 206 -47.98 9.12 -24.31
C LEU A 206 -49.09 8.18 -24.79
N GLY A 207 -49.40 8.20 -26.09
CA GLY A 207 -50.48 7.38 -26.60
C GLY A 207 -50.31 5.89 -26.40
N SER A 208 -49.14 5.45 -25.97
CA SER A 208 -48.88 4.04 -25.73
C SER A 208 -49.07 3.64 -24.26
N CYS A 209 -49.43 4.59 -23.40
CA CYS A 209 -49.63 4.33 -21.98
C CYS A 209 -51.11 4.41 -21.66
N GLU A 210 -51.65 3.35 -21.06
CA GLU A 210 -53.07 3.30 -20.74
C GLU A 210 -53.43 4.09 -19.48
N SER A 211 -52.45 4.45 -18.65
CA SER A 211 -52.69 5.21 -17.44
C SER A 211 -52.30 6.67 -17.58
N CYS A 212 -51.98 7.13 -18.78
CA CYS A 212 -51.52 8.50 -19.00
C CYS A 212 -52.66 9.33 -19.56
N LEU A 213 -53.03 10.38 -18.85
CA LEU A 213 -54.07 11.30 -19.25
C LEU A 213 -53.48 12.70 -19.36
N VAL A 214 -53.77 13.38 -20.47
CA VAL A 214 -53.32 14.75 -20.70
C VAL A 214 -54.53 15.65 -20.54
N ILE A 215 -54.42 16.64 -19.66
CA ILE A 215 -55.53 17.52 -19.33
C ILE A 215 -55.07 18.97 -19.41
N ASP A 216 -56.04 19.85 -19.57
CA ASP A 216 -55.78 21.28 -19.71
C ASP A 216 -56.07 21.99 -18.39
N ASP A 217 -56.03 23.32 -18.43
CA ASP A 217 -56.35 24.12 -17.25
C ASP A 217 -57.81 23.93 -16.85
N GLU A 218 -58.69 23.66 -17.81
CA GLU A 218 -60.11 23.43 -17.56
C GLU A 218 -60.42 21.97 -17.28
N LEU A 219 -59.40 21.11 -17.16
CA LEU A 219 -59.57 19.68 -16.89
C LEU A 219 -60.38 19.02 -18.00
N ASN A 220 -59.83 19.05 -19.21
CA ASN A 220 -60.43 18.44 -20.38
C ASN A 220 -59.44 17.48 -21.02
N VAL A 221 -59.91 16.27 -21.33
CA VAL A 221 -59.04 15.26 -21.93
C VAL A 221 -58.82 15.59 -23.39
N LEU A 222 -57.60 15.33 -23.87
CA LEU A 222 -57.23 15.56 -25.26
C LEU A 222 -57.05 14.24 -26.01
N PRO A 223 -57.24 14.23 -27.33
CA PRO A 223 -57.05 12.99 -28.09
C PRO A 223 -55.66 12.41 -28.00
N ILE A 224 -54.64 13.22 -27.69
CA ILE A 224 -53.29 12.70 -27.54
C ILE A 224 -53.20 11.74 -26.36
N SER A 225 -54.11 11.87 -25.39
CA SER A 225 -54.07 11.02 -24.20
C SER A 225 -54.17 9.56 -24.58
N GLY A 226 -53.30 8.74 -24.01
CA GLY A 226 -53.29 7.31 -24.26
C GLY A 226 -54.21 6.50 -23.40
N GLY A 227 -54.95 7.13 -22.50
CA GLY A 227 -55.85 6.42 -21.63
C GLY A 227 -57.28 6.92 -21.71
N LYS A 228 -57.67 7.45 -22.88
CA LYS A 228 -59.03 7.92 -23.06
C LYS A 228 -60.03 6.78 -23.19
N GLY A 229 -59.55 5.56 -23.45
CA GLY A 229 -60.44 4.42 -23.56
C GLY A 229 -60.52 3.63 -22.27
N VAL A 230 -60.12 4.24 -21.16
CA VAL A 230 -60.12 3.56 -19.88
C VAL A 230 -61.55 3.32 -19.41
N LYS A 231 -61.77 2.21 -18.72
CA LYS A 231 -63.08 1.83 -18.21
C LYS A 231 -62.98 1.50 -16.73
N PRO A 232 -64.03 1.77 -15.95
CA PRO A 232 -63.99 1.47 -14.52
C PRO A 232 -63.83 -0.02 -14.25
N LEU A 233 -63.04 -0.33 -13.24
CA LEU A 233 -62.86 -1.71 -12.82
C LEU A 233 -63.97 -2.12 -11.83
N PRO A 234 -64.32 -3.39 -11.79
CA PRO A 234 -65.33 -3.85 -10.82
C PRO A 234 -64.87 -3.59 -9.40
N PRO A 235 -65.79 -3.23 -8.50
CA PRO A 235 -65.40 -2.95 -7.13
C PRO A 235 -64.82 -4.19 -6.47
N PRO A 236 -63.85 -4.02 -5.58
CA PRO A 236 -63.21 -5.19 -4.96
C PRO A 236 -63.93 -5.65 -3.71
N ASP A 237 -63.48 -6.77 -3.14
CA ASP A 237 -64.01 -7.30 -1.89
C ASP A 237 -62.84 -7.74 -1.03
N GLU A 238 -62.54 -6.95 0.00
CA GLU A 238 -61.41 -7.24 0.89
C GLU A 238 -61.78 -8.19 2.03
N ASP A 239 -63.04 -8.61 2.12
CA ASP A 239 -63.44 -9.51 3.19
C ASP A 239 -62.78 -10.87 3.06
N GLU A 240 -62.78 -11.44 1.85
CA GLU A 240 -62.18 -12.75 1.61
C GLU A 240 -61.17 -12.75 0.49
N GLU A 241 -61.42 -12.01 -0.59
CA GLU A 241 -60.49 -11.99 -1.71
C GLU A 241 -59.21 -11.28 -1.34
N LEU A 242 -58.08 -11.91 -1.64
CA LEU A 242 -56.77 -11.32 -1.39
C LEU A 242 -55.80 -11.82 -2.45
N SER A 243 -54.77 -11.01 -2.71
CA SER A 243 -53.80 -11.37 -3.73
C SER A 243 -53.02 -12.61 -3.29
N PRO A 244 -52.69 -13.51 -4.22
CA PRO A 244 -51.88 -14.68 -3.85
C PRO A 244 -50.52 -14.31 -3.30
N ALA A 245 -49.92 -13.21 -3.79
CA ALA A 245 -48.62 -12.78 -3.26
C ALA A 245 -48.71 -12.40 -1.79
N ALA A 246 -49.77 -11.68 -1.42
CA ALA A 246 -49.94 -11.29 -0.02
C ALA A 246 -50.15 -12.51 0.88
N LYS A 247 -50.89 -13.50 0.38
CA LYS A 247 -51.03 -14.75 1.17
C LYS A 247 -49.67 -15.42 1.29
N GLU A 248 -48.92 -15.51 0.19
CA GLU A 248 -47.60 -16.22 0.21
C GLU A 248 -46.67 -15.54 1.22
N LEU A 249 -46.58 -14.21 1.17
CA LEU A 249 -45.65 -13.49 2.07
C LEU A 249 -46.04 -13.76 3.53
N LYS A 250 -47.30 -13.55 3.89
CA LYS A 250 -47.70 -13.72 5.31
C LYS A 250 -47.50 -15.19 5.72
N LYS A 251 -47.67 -16.13 4.78
CA LYS A 251 -47.41 -17.55 5.11
C LYS A 251 -45.92 -17.74 5.42
N ILE A 252 -45.04 -17.20 4.57
CA ILE A 252 -43.57 -17.38 4.77
C ILE A 252 -43.13 -16.55 5.98
N LYS A 253 -43.98 -15.62 6.44
CA LYS A 253 -43.66 -14.87 7.68
C LYS A 253 -44.15 -15.67 8.88
N ASP A 254 -45.44 -16.03 8.93
CA ASP A 254 -45.94 -16.70 10.12
C ASP A 254 -45.31 -18.07 10.33
N GLU A 255 -44.76 -18.68 9.28
CA GLU A 255 -44.12 -19.97 9.45
C GLU A 255 -42.86 -19.88 10.32
N LEU A 256 -42.07 -18.82 10.14
CA LEU A 256 -40.80 -18.65 10.85
C LEU A 256 -40.90 -17.68 12.01
N GLU A 257 -42.12 -17.36 12.46
CA GLU A 257 -42.28 -16.39 13.54
C GLU A 257 -41.64 -16.87 14.84
N ASP A 258 -41.74 -18.16 15.13
CA ASP A 258 -41.17 -18.68 16.37
C ASP A 258 -39.64 -18.58 16.37
N THR A 259 -39.02 -18.90 15.23
CA THR A 259 -37.56 -18.89 15.15
C THR A 259 -37.03 -17.46 15.24
N GLN A 260 -35.82 -17.34 15.79
CA GLN A 260 -35.11 -16.07 15.86
C GLN A 260 -33.68 -16.32 15.38
N PRO A 261 -33.01 -15.32 14.80
CA PRO A 261 -33.44 -13.94 14.56
C PRO A 261 -34.17 -13.78 13.23
N ILE A 262 -34.32 -14.88 12.47
CA ILE A 262 -34.97 -14.79 11.17
C ILE A 262 -36.43 -14.38 11.31
N GLY A 263 -37.08 -14.79 12.39
CA GLY A 263 -38.48 -14.44 12.58
C GLY A 263 -38.71 -12.95 12.70
N SER A 264 -37.84 -12.27 13.45
CA SER A 264 -37.96 -10.83 13.63
C SER A 264 -37.31 -10.04 12.51
N LEU A 265 -36.56 -10.69 11.62
CA LEU A 265 -35.90 -10.02 10.51
C LEU A 265 -36.56 -10.36 9.18
N ILE A 266 -37.64 -11.14 9.21
CA ILE A 266 -38.43 -11.42 8.02
C ILE A 266 -39.73 -10.62 8.00
N LYS A 267 -40.05 -9.91 9.07
CA LYS A 267 -41.22 -9.04 9.12
C LYS A 267 -40.95 -7.69 8.49
N LEU A 268 -39.72 -7.45 8.00
CA LEU A 268 -39.38 -6.23 7.30
C LEU A 268 -39.54 -6.33 5.80
N ALA A 269 -39.43 -7.53 5.23
CA ALA A 269 -39.61 -7.70 3.80
C ALA A 269 -41.06 -7.45 3.40
N ARG A 270 -41.24 -6.90 2.19
CA ARG A 270 -42.55 -6.56 1.69
C ARG A 270 -42.98 -7.33 0.44
N THR A 271 -42.06 -8.03 -0.20
CA THR A 271 -42.38 -8.82 -1.39
C THR A 271 -41.98 -10.27 -1.16
N VAL A 272 -42.60 -11.17 -1.93
CA VAL A 272 -42.26 -12.58 -1.84
C VAL A 272 -40.81 -12.82 -2.25
N ASP A 273 -40.37 -12.15 -3.32
CA ASP A 273 -38.98 -12.31 -3.76
C ASP A 273 -38.01 -11.77 -2.70
N GLN A 274 -38.36 -10.67 -2.05
CA GLN A 274 -37.52 -10.16 -0.97
C GLN A 274 -37.45 -11.16 0.18
N ALA A 275 -38.59 -11.78 0.52
CA ALA A 275 -38.59 -12.76 1.58
C ALA A 275 -37.72 -13.96 1.23
N LYS A 276 -37.80 -14.44 -0.01
CA LYS A 276 -36.95 -15.55 -0.43
C LYS A 276 -35.48 -15.16 -0.43
N ALA A 277 -35.18 -13.93 -0.83
CA ALA A 277 -33.79 -13.46 -0.79
C ALA A 277 -33.27 -13.42 0.63
N LEU A 278 -34.09 -12.92 1.57
CA LEU A 278 -33.69 -12.94 2.97
C LEU A 278 -33.51 -14.36 3.48
N LEU A 279 -34.39 -15.27 3.08
CA LEU A 279 -34.29 -16.65 3.53
C LEU A 279 -33.00 -17.30 3.05
N THR A 280 -32.64 -17.09 1.78
CA THR A 280 -31.40 -17.70 1.30
C THR A 280 -30.17 -17.01 1.88
N PHE A 281 -30.23 -15.69 2.09
CA PHE A 281 -29.12 -15.00 2.75
C PHE A 281 -28.90 -15.54 4.15
N VAL A 282 -29.98 -15.73 4.91
CA VAL A 282 -29.86 -16.22 6.28
C VAL A 282 -29.45 -17.69 6.28
N ASP A 283 -29.93 -18.50 5.34
CA ASP A 283 -29.51 -19.88 5.26
C ASP A 283 -28.06 -20.04 4.80
N ALA A 284 -27.49 -18.97 4.23
CA ALA A 284 -26.05 -19.00 3.88
C ALA A 284 -25.27 -18.46 5.09
N ILE A 285 -25.86 -17.50 5.81
CA ILE A 285 -25.21 -16.93 7.03
C ILE A 285 -25.28 -17.96 8.17
N ALA A 286 -26.46 -18.54 8.40
CA ALA A 286 -26.63 -19.56 9.46
C ALA A 286 -25.69 -20.72 9.18
N GLU A 287 -25.46 -21.03 7.89
CA GLU A 287 -24.51 -22.11 7.52
C GLU A 287 -23.12 -21.75 8.06
N LYS A 288 -22.83 -20.45 8.18
CA LYS A 288 -21.53 -19.99 8.72
C LYS A 288 -20.40 -20.67 7.94
N THR A 289 -20.55 -20.77 6.61
CA THR A 289 -19.51 -21.40 5.77
C THR A 289 -18.80 -20.31 4.95
N LEU A 290 -17.48 -20.26 5.04
CA LEU A 290 -16.69 -19.24 4.29
C LEU A 290 -16.49 -19.74 2.86
N ARG A 291 -17.21 -20.80 2.47
CA ARG A 291 -17.12 -21.34 1.08
C ARG A 291 -18.46 -21.11 0.40
N ASN A 292 -19.15 -20.02 0.74
CA ASN A 292 -20.47 -19.70 0.12
C ASN A 292 -20.38 -18.33 -0.56
N THR A 293 -21.11 -18.14 -1.66
CA THR A 293 -21.13 -16.82 -2.35
C THR A 293 -22.51 -16.60 -2.96
N VAL A 294 -23.31 -15.69 -2.39
CA VAL A 294 -24.69 -15.46 -2.90
C VAL A 294 -24.74 -14.11 -3.63
N THR A 295 -25.12 -14.13 -4.91
CA THR A 295 -25.22 -12.86 -5.70
C THR A 295 -26.70 -12.50 -5.87
N LEU A 296 -27.01 -11.20 -5.88
CA LEU A 296 -28.42 -10.73 -6.02
C LEU A 296 -28.52 -9.77 -7.20
N THR A 297 -29.18 -10.20 -8.29
CA THR A 297 -29.37 -9.34 -9.44
C THR A 297 -30.84 -8.96 -9.54
N ALA A 298 -31.11 -7.66 -9.59
CA ALA A 298 -32.49 -7.19 -9.67
C ALA A 298 -32.51 -5.81 -10.31
N ALA A 299 -33.67 -5.46 -10.85
CA ALA A 299 -33.85 -4.16 -11.46
C ALA A 299 -33.86 -3.08 -10.38
N ARG A 300 -33.84 -1.83 -10.81
CA ARG A 300 -33.83 -0.70 -9.88
C ARG A 300 -35.23 -0.54 -9.28
N GLY A 301 -35.29 -0.37 -7.97
CA GLY A 301 -36.55 -0.25 -7.26
C GLY A 301 -37.14 -1.55 -6.77
N ARG A 302 -36.53 -2.69 -7.09
CA ARG A 302 -37.04 -3.97 -6.63
C ARG A 302 -36.72 -4.25 -5.17
N GLY A 303 -35.72 -3.58 -4.60
CA GLY A 303 -35.43 -3.72 -3.18
C GLY A 303 -34.21 -4.57 -2.86
N LYS A 304 -33.16 -4.44 -3.65
CA LYS A 304 -31.91 -5.14 -3.32
C LYS A 304 -31.30 -4.58 -2.04
N SER A 305 -31.33 -3.26 -1.88
CA SER A 305 -30.68 -2.64 -0.73
C SER A 305 -31.32 -3.08 0.58
N ALA A 306 -32.65 -3.12 0.64
CA ALA A 306 -33.32 -3.54 1.86
C ALA A 306 -33.02 -4.99 2.20
N ALA A 307 -33.07 -5.88 1.20
CA ALA A 307 -32.77 -7.28 1.46
C ALA A 307 -31.33 -7.46 1.94
N MET A 308 -30.39 -6.76 1.31
CA MET A 308 -29.00 -6.89 1.73
C MET A 308 -28.77 -6.30 3.12
N GLY A 309 -29.46 -5.20 3.44
CA GLY A 309 -29.32 -4.62 4.76
C GLY A 309 -29.85 -5.52 5.84
N VAL A 310 -31.02 -6.12 5.63
CA VAL A 310 -31.54 -7.05 6.63
C VAL A 310 -30.66 -8.29 6.70
N ALA A 311 -30.06 -8.71 5.59
CA ALA A 311 -29.12 -9.82 5.63
C ALA A 311 -27.89 -9.47 6.46
N ILE A 312 -27.39 -8.24 6.33
CA ILE A 312 -26.26 -7.80 7.15
C ILE A 312 -26.63 -7.79 8.62
N ALA A 313 -27.85 -7.33 8.93
CA ALA A 313 -28.31 -7.35 10.31
C ALA A 313 -28.39 -8.78 10.85
N ALA A 314 -28.86 -9.71 10.01
CA ALA A 314 -28.91 -11.11 10.42
C ALA A 314 -27.51 -11.66 10.66
N ALA A 315 -26.55 -11.29 9.81
CA ALA A 315 -25.17 -11.72 10.00
C ALA A 315 -24.61 -11.17 11.32
N VAL A 316 -24.94 -9.91 11.64
CA VAL A 316 -24.51 -9.34 12.91
C VAL A 316 -25.12 -10.13 14.07
N ALA A 317 -26.41 -10.44 13.98
CA ALA A 317 -27.07 -11.17 15.05
C ALA A 317 -26.59 -12.62 15.15
N TYR A 318 -25.98 -13.15 14.10
CA TYR A 318 -25.53 -14.54 14.11
C TYR A 318 -24.10 -14.71 14.60
N GLY A 319 -23.45 -13.63 15.04
CA GLY A 319 -22.13 -13.77 15.61
C GLY A 319 -21.00 -13.59 14.62
N TYR A 320 -21.09 -12.56 13.79
CA TYR A 320 -20.04 -12.23 12.84
C TYR A 320 -19.28 -11.01 13.33
N SER A 321 -17.95 -11.10 13.36
CA SER A 321 -17.13 -10.05 13.94
C SER A 321 -16.82 -8.95 12.94
N ASN A 322 -16.21 -9.30 11.82
CA ASN A 322 -15.75 -8.33 10.82
C ASN A 322 -16.64 -8.45 9.58
N ILE A 323 -17.39 -7.40 9.30
CA ILE A 323 -18.26 -7.33 8.13
C ILE A 323 -17.87 -6.10 7.33
N PHE A 324 -17.54 -6.31 6.05
CA PHE A 324 -17.06 -5.23 5.18
C PHE A 324 -18.03 -5.04 4.03
N ILE A 325 -18.38 -3.79 3.76
CA ILE A 325 -19.24 -3.45 2.64
C ILE A 325 -18.46 -2.62 1.63
N THR A 326 -18.19 -3.19 0.46
CA THR A 326 -17.42 -2.51 -0.58
C THR A 326 -18.37 -1.98 -1.64
N SER A 327 -18.32 -0.67 -1.88
CA SER A 327 -19.19 -0.03 -2.86
C SER A 327 -18.40 1.04 -3.59
N PRO A 328 -18.80 1.39 -4.82
CA PRO A 328 -18.08 2.44 -5.55
C PRO A 328 -18.06 3.78 -4.83
N SER A 329 -19.14 4.13 -4.13
CA SER A 329 -19.21 5.38 -3.39
C SER A 329 -20.06 5.16 -2.15
N PRO A 330 -19.66 5.70 -1.00
CA PRO A 330 -20.43 5.49 0.23
C PRO A 330 -21.81 6.13 0.20
N GLU A 331 -22.08 7.09 -0.68
CA GLU A 331 -23.41 7.67 -0.77
C GLU A 331 -24.45 6.71 -1.29
N ASN A 332 -24.03 5.68 -2.04
CA ASN A 332 -24.97 4.63 -2.43
C ASN A 332 -25.39 3.80 -1.22
N LEU A 333 -24.56 3.78 -0.18
CA LEU A 333 -24.84 3.02 1.04
C LEU A 333 -25.60 3.89 2.05
N LYS A 334 -26.77 4.35 1.63
CA LYS A 334 -27.66 5.09 2.50
C LYS A 334 -28.89 4.30 2.88
N THR A 335 -29.65 3.82 1.91
CA THR A 335 -30.78 2.93 2.18
C THR A 335 -30.34 1.59 2.77
N LEU A 336 -29.18 1.08 2.34
CA LEU A 336 -28.67 -0.16 2.89
C LEU A 336 -28.43 -0.04 4.39
N PHE A 337 -27.73 1.01 4.81
CA PHE A 337 -27.50 1.21 6.23
C PHE A 337 -28.78 1.62 6.96
N GLU A 338 -29.71 2.30 6.30
CA GLU A 338 -31.00 2.56 6.93
C GLU A 338 -31.72 1.26 7.25
N PHE A 339 -31.69 0.29 6.34
CA PHE A 339 -32.35 -0.98 6.62
C PHE A 339 -31.55 -1.85 7.58
N VAL A 340 -30.22 -1.70 7.61
CA VAL A 340 -29.43 -2.36 8.65
C VAL A 340 -29.86 -1.85 10.03
N PHE A 341 -30.03 -0.54 10.15
CA PHE A 341 -30.48 0.05 11.41
C PHE A 341 -31.90 -0.38 11.75
N LYS A 342 -32.76 -0.50 10.73
CA LYS A 342 -34.11 -1.00 10.95
C LYS A 342 -34.08 -2.43 11.47
N GLY A 343 -33.22 -3.28 10.91
CA GLY A 343 -33.08 -4.63 11.42
C GLY A 343 -32.55 -4.67 12.84
N PHE A 344 -31.59 -3.79 13.14
CA PHE A 344 -31.10 -3.69 14.51
C PHE A 344 -32.21 -3.29 15.47
N ASP A 345 -33.04 -2.33 15.07
CA ASP A 345 -34.16 -1.92 15.92
C ASP A 345 -35.15 -3.07 16.10
N ALA A 346 -35.42 -3.83 15.04
CA ALA A 346 -36.28 -4.99 15.15
C ALA A 346 -35.65 -6.10 15.98
N LEU A 347 -34.33 -6.08 16.15
CA LEU A 347 -33.63 -7.04 17.00
C LEU A 347 -33.49 -6.56 18.43
N ASP A 348 -34.31 -5.59 18.85
CA ASP A 348 -34.36 -5.08 20.22
C ASP A 348 -33.05 -4.43 20.65
N TYR A 349 -32.23 -3.97 19.71
CA TYR A 349 -31.03 -3.24 20.06
C TYR A 349 -31.39 -1.82 20.50
N LYS A 350 -30.52 -1.23 21.30
CA LYS A 350 -30.73 0.13 21.80
C LYS A 350 -29.66 1.05 21.23
N ASP A 351 -30.08 2.23 20.77
CA ASP A 351 -29.15 3.19 20.21
C ASP A 351 -28.23 3.75 21.29
N HIS A 352 -26.97 3.97 20.92
CA HIS A 352 -25.94 4.57 21.78
C HIS A 352 -25.64 3.75 23.02
N ALA A 353 -26.20 2.54 23.13
CA ALA A 353 -25.93 1.68 24.28
C ALA A 353 -25.44 0.32 23.80
N ASP A 354 -25.97 -0.14 22.67
CA ASP A 354 -25.53 -1.39 22.06
C ASP A 354 -24.80 -1.20 20.75
N TYR A 355 -24.93 -0.04 20.10
CA TYR A 355 -24.19 0.21 18.88
C TYR A 355 -23.97 1.71 18.71
N THR A 356 -22.80 2.07 18.22
CA THR A 356 -22.44 3.44 17.91
C THR A 356 -22.16 3.57 16.41
N ILE A 357 -22.58 4.68 15.83
CA ILE A 357 -22.49 4.91 14.40
C ILE A 357 -21.37 5.92 14.14
N ILE A 358 -20.41 5.53 13.30
CA ILE A 358 -19.30 6.38 12.92
C ILE A 358 -19.55 6.88 11.50
N GLN A 359 -19.66 8.20 11.36
CA GLN A 359 -19.99 8.83 10.08
C GLN A 359 -18.84 9.72 9.65
N SER A 360 -18.44 9.60 8.39
CA SER A 360 -17.32 10.37 7.86
C SER A 360 -17.82 11.77 7.48
N THR A 361 -17.42 12.77 8.26
CA THR A 361 -17.87 14.14 8.02
C THR A 361 -16.82 14.99 7.31
N ASN A 362 -15.54 14.66 7.49
CA ASN A 362 -14.49 15.47 6.87
C ASN A 362 -14.54 15.48 5.35
N PRO A 363 -14.67 14.33 4.65
CA PRO A 363 -14.72 14.39 3.18
C PRO A 363 -16.03 14.96 2.65
N GLU A 364 -16.21 14.90 1.33
CA GLU A 364 -17.39 15.49 0.70
C GLU A 364 -18.67 14.79 1.15
N PHE A 365 -18.67 13.46 1.21
CA PHE A 365 -19.88 12.71 1.56
C PHE A 365 -20.07 12.76 3.07
N ASN A 366 -20.64 13.88 3.53
CA ASN A 366 -20.83 14.07 4.97
C ASN A 366 -21.84 13.08 5.52
N LYS A 367 -22.97 12.90 4.83
CA LYS A 367 -24.03 12.04 5.33
C LYS A 367 -23.70 10.55 5.24
N ALA A 368 -22.61 10.19 4.58
CA ALA A 368 -22.29 8.79 4.37
C ALA A 368 -21.91 8.11 5.67
N ILE A 369 -22.46 6.93 5.91
CA ILE A 369 -22.06 6.11 7.05
C ILE A 369 -20.95 5.17 6.60
N VAL A 370 -19.85 5.16 7.36
CA VAL A 370 -18.68 4.40 6.94
C VAL A 370 -18.39 3.26 7.90
N ARG A 371 -18.75 3.44 9.18
CA ARG A 371 -18.46 2.41 10.17
C ARG A 371 -19.57 2.35 11.19
N VAL A 372 -19.97 1.13 11.55
CA VAL A 372 -20.92 0.86 12.62
C VAL A 372 -20.27 -0.13 13.56
N ASN A 373 -20.29 0.17 14.86
CA ASN A 373 -19.66 -0.66 15.87
C ASN A 373 -20.74 -1.36 16.69
N ILE A 374 -20.55 -2.66 16.93
CA ILE A 374 -21.45 -3.47 17.74
C ILE A 374 -20.66 -3.98 18.94
N HIS A 375 -21.23 -3.79 20.14
CA HIS A 375 -20.56 -4.28 21.38
C HIS A 375 -21.61 -4.92 22.28
N ARG A 376 -22.56 -5.65 21.69
CA ARG A 376 -23.62 -6.32 22.48
C ARG A 376 -22.98 -7.33 23.43
N ASN A 377 -22.31 -8.35 22.90
CA ASN A 377 -21.60 -9.35 23.75
C ASN A 377 -20.13 -9.37 23.35
N HIS A 378 -19.85 -9.15 22.06
CA HIS A 378 -18.44 -9.10 21.59
C HIS A 378 -18.33 -7.96 20.56
N ARG A 379 -17.11 -7.52 20.27
CA ARG A 379 -16.92 -6.36 19.35
C ARG A 379 -17.19 -6.78 17.91
N GLN A 380 -18.19 -6.15 17.26
CA GLN A 380 -18.47 -6.44 15.82
C GLN A 380 -18.43 -5.09 15.08
N THR A 381 -18.09 -5.11 13.78
CA THR A 381 -17.94 -3.82 13.05
C THR A 381 -18.45 -3.93 11.62
N ILE A 382 -19.16 -2.91 11.13
CA ILE A 382 -19.61 -2.88 9.71
C ILE A 382 -18.82 -1.77 9.03
N GLN A 383 -17.68 -2.11 8.41
CA GLN A 383 -16.82 -1.09 7.84
C GLN A 383 -17.06 -0.95 6.35
N TYR A 384 -17.10 0.29 5.88
CA TYR A 384 -17.14 0.55 4.45
C TYR A 384 -15.73 0.76 3.93
N ILE A 385 -15.38 0.04 2.88
CA ILE A 385 -14.08 0.16 2.25
C ILE A 385 -14.26 0.41 0.75
N ARG A 386 -13.28 1.06 0.16
CA ARG A 386 -13.28 1.24 -1.28
C ARG A 386 -12.96 -0.07 -1.98
N PRO A 387 -13.41 -0.25 -3.22
CA PRO A 387 -13.13 -1.52 -3.92
C PRO A 387 -11.66 -1.79 -4.14
N GLN A 388 -10.81 -0.78 -4.08
CA GLN A 388 -9.37 -0.95 -4.25
C GLN A 388 -8.64 -1.27 -2.96
N ASP A 389 -9.37 -1.44 -1.85
CA ASP A 389 -8.79 -1.72 -0.55
C ASP A 389 -8.92 -3.18 -0.17
N ALA A 390 -8.70 -4.10 -1.11
CA ALA A 390 -8.85 -5.52 -0.85
C ALA A 390 -7.77 -6.06 0.09
N HIS A 391 -6.79 -5.22 0.44
CA HIS A 391 -5.70 -5.63 1.36
C HIS A 391 -6.21 -5.69 2.80
N VAL A 392 -7.43 -5.20 3.06
CA VAL A 392 -7.95 -5.13 4.46
C VAL A 392 -8.95 -6.27 4.68
N LEU A 393 -9.06 -7.20 3.73
CA LEU A 393 -10.06 -8.29 3.84
C LEU A 393 -9.39 -9.56 4.40
N GLY A 394 -8.24 -9.41 5.06
CA GLY A 394 -7.53 -10.57 5.65
C GLY A 394 -8.36 -11.26 6.71
N GLN A 395 -9.08 -10.48 7.54
CA GLN A 395 -9.89 -11.07 8.64
C GLN A 395 -11.37 -10.92 8.30
N ALA A 396 -11.68 -10.54 7.05
CA ALA A 396 -13.09 -10.34 6.64
C ALA A 396 -13.89 -11.62 6.85
N GLU A 397 -15.02 -11.54 7.57
CA GLU A 397 -15.88 -12.72 7.77
C GLU A 397 -17.05 -12.63 6.78
N LEU A 398 -17.45 -11.40 6.43
CA LEU A 398 -18.54 -11.21 5.42
C LEU A 398 -18.23 -9.97 4.59
N VAL A 399 -17.93 -10.15 3.30
CA VAL A 399 -17.69 -9.02 2.42
C VAL A 399 -18.87 -8.90 1.48
N VAL A 400 -19.60 -7.80 1.59
CA VAL A 400 -20.78 -7.54 0.77
C VAL A 400 -20.41 -6.50 -0.27
N ILE A 401 -20.47 -6.89 -1.54
CA ILE A 401 -20.09 -6.02 -2.65
C ILE A 401 -21.37 -5.47 -3.26
N ASP A 402 -21.65 -4.20 -3.00
CA ASP A 402 -22.81 -3.55 -3.60
C ASP A 402 -22.47 -3.07 -5.00
N GLU A 403 -23.40 -3.29 -5.93
CA GLU A 403 -23.21 -2.94 -7.34
C GLU A 403 -21.95 -3.60 -7.90
N ALA A 404 -21.92 -4.94 -7.80
CA ALA A 404 -20.75 -5.70 -8.22
C ALA A 404 -20.52 -5.62 -9.72
N ALA A 405 -21.58 -5.42 -10.52
CA ALA A 405 -21.40 -5.31 -11.96
C ALA A 405 -20.61 -4.05 -12.33
N ALA A 406 -20.92 -2.92 -11.69
CA ALA A 406 -20.24 -1.67 -11.99
C ALA A 406 -18.79 -1.66 -11.54
N ILE A 407 -18.42 -2.49 -10.58
CA ILE A 407 -17.04 -2.58 -10.10
C ILE A 407 -16.21 -3.24 -11.21
N PRO A 408 -15.02 -2.72 -11.51
CA PRO A 408 -14.18 -3.35 -12.54
C PRO A 408 -13.86 -4.79 -12.18
N LEU A 409 -13.74 -5.63 -13.21
CA LEU A 409 -13.57 -7.06 -12.99
C LEU A 409 -12.32 -7.42 -12.17
N PRO A 410 -11.14 -6.85 -12.41
CA PRO A 410 -10.01 -7.17 -11.53
C PRO A 410 -10.25 -6.84 -10.08
N LEU A 411 -10.94 -5.73 -9.80
CA LEU A 411 -11.24 -5.38 -8.42
C LEU A 411 -12.15 -6.41 -7.76
N VAL A 412 -13.16 -6.90 -8.50
CA VAL A 412 -14.02 -7.94 -7.98
C VAL A 412 -13.23 -9.22 -7.76
N LYS A 413 -12.33 -9.55 -8.68
CA LYS A 413 -11.50 -10.74 -8.50
C LYS A 413 -10.64 -10.62 -7.24
N LYS A 414 -10.11 -9.43 -6.97
CA LYS A 414 -9.27 -9.25 -5.79
C LYS A 414 -10.09 -9.24 -4.50
N LEU A 415 -11.30 -8.68 -4.52
CA LEU A 415 -12.12 -8.60 -3.32
C LEU A 415 -12.61 -9.96 -2.84
N MET A 416 -12.65 -10.96 -3.71
CA MET A 416 -13.10 -12.29 -3.32
C MET A 416 -11.98 -13.05 -2.63
N GLY A 417 -12.32 -13.78 -1.57
CA GLY A 417 -11.37 -14.54 -0.81
C GLY A 417 -11.97 -15.77 -0.17
N PRO A 418 -11.37 -16.25 0.90
CA PRO A 418 -11.88 -17.44 1.61
C PRO A 418 -12.87 -17.07 2.71
N TYR A 419 -13.94 -16.39 2.33
CA TYR A 419 -14.97 -15.98 3.28
C TYR A 419 -16.31 -15.98 2.56
N LEU A 420 -17.32 -15.39 3.20
CA LEU A 420 -18.67 -15.34 2.66
C LEU A 420 -18.87 -14.01 1.95
N VAL A 421 -19.24 -14.06 0.68
CA VAL A 421 -19.34 -12.88 -0.16
C VAL A 421 -20.79 -12.69 -0.59
N PHE A 422 -21.32 -11.50 -0.38
CA PHE A 422 -22.64 -11.11 -0.86
C PHE A 422 -22.46 -10.13 -2.01
N MET A 423 -23.21 -10.32 -3.09
CA MET A 423 -23.07 -9.52 -4.28
C MET A 423 -24.41 -8.93 -4.68
N ALA A 424 -24.38 -7.71 -5.21
CA ALA A 424 -25.56 -7.07 -5.74
C ALA A 424 -25.26 -6.52 -7.13
N SER A 425 -26.27 -6.53 -7.99
CA SER A 425 -26.13 -5.99 -9.33
C SER A 425 -27.49 -5.49 -9.80
N THR A 426 -27.49 -4.39 -10.53
CA THR A 426 -28.68 -3.85 -11.17
C THR A 426 -28.57 -4.12 -12.66
N ILE A 427 -29.23 -5.18 -13.13
CA ILE A 427 -29.07 -5.64 -14.50
C ILE A 427 -30.09 -5.02 -15.45
N SER A 428 -30.97 -4.17 -14.95
CA SER A 428 -31.97 -3.53 -15.78
C SER A 428 -32.39 -2.22 -15.12
N GLY A 429 -33.26 -1.48 -15.81
CA GLY A 429 -33.77 -0.26 -15.25
C GLY A 429 -32.74 0.85 -15.21
N TYR A 430 -33.12 1.92 -14.52
CA TYR A 430 -32.28 3.11 -14.43
C TYR A 430 -31.01 2.81 -13.65
N GLU A 431 -29.91 3.44 -14.08
CA GLU A 431 -28.59 3.28 -13.48
C GLU A 431 -28.11 1.83 -13.49
N GLY A 432 -28.69 1.01 -14.37
CA GLY A 432 -28.33 -0.39 -14.43
C GLY A 432 -27.03 -0.62 -15.17
N THR A 433 -26.67 -1.89 -15.26
CA THR A 433 -25.48 -2.33 -15.97
C THR A 433 -25.88 -3.16 -17.17
N GLY A 434 -25.09 -3.08 -18.23
CA GLY A 434 -25.38 -3.85 -19.42
C GLY A 434 -25.30 -5.34 -19.16
N ARG A 435 -26.03 -6.10 -19.99
CA ARG A 435 -26.09 -7.54 -19.81
C ARG A 435 -24.73 -8.19 -20.01
N SER A 436 -23.87 -7.60 -20.83
CA SER A 436 -22.56 -8.20 -21.10
C SER A 436 -21.69 -8.22 -19.85
N LEU A 437 -21.68 -7.13 -19.09
CA LEU A 437 -20.83 -7.09 -17.89
C LEU A 437 -21.34 -8.04 -16.81
N SER A 438 -22.66 -8.10 -16.62
CA SER A 438 -23.22 -9.04 -15.66
C SER A 438 -22.93 -10.47 -16.09
N LEU A 439 -23.03 -10.76 -17.39
CA LEU A 439 -22.71 -12.10 -17.87
C LEU A 439 -21.25 -12.43 -17.63
N LYS A 440 -20.35 -11.47 -17.86
CA LYS A 440 -18.94 -11.72 -17.60
C LYS A 440 -18.69 -11.99 -16.12
N LEU A 441 -19.32 -11.22 -15.24
CA LEU A 441 -19.14 -11.43 -13.81
C LEU A 441 -19.67 -12.80 -13.38
N ILE A 442 -20.85 -13.18 -13.86
CA ILE A 442 -21.42 -14.46 -13.49
C ILE A 442 -20.58 -15.61 -14.04
N LYS A 443 -20.05 -15.45 -15.25
CA LYS A 443 -19.18 -16.47 -15.83
C LYS A 443 -17.90 -16.62 -15.01
N GLN A 444 -17.33 -15.50 -14.56
CA GLN A 444 -16.14 -15.58 -13.72
C GLN A 444 -16.45 -16.29 -12.41
N LEU A 445 -17.59 -15.96 -11.79
CA LEU A 445 -17.96 -16.61 -10.54
C LEU A 445 -18.16 -18.11 -10.74
N ARG A 446 -18.82 -18.50 -11.82
CA ARG A 446 -19.05 -19.92 -12.08
C ARG A 446 -17.74 -20.64 -12.34
N GLU A 447 -16.83 -20.02 -13.10
CA GLU A 447 -15.54 -20.63 -13.36
C GLU A 447 -14.68 -20.77 -12.11
N GLN A 448 -14.71 -19.80 -11.20
CA GLN A 448 -13.96 -19.88 -9.95
C GLN A 448 -14.64 -20.80 -8.94
N SER A 449 -15.95 -20.98 -9.04
CA SER A 449 -16.68 -21.84 -8.12
C SER A 449 -17.09 -23.14 -8.79
N ARG A 480 -15.82 -21.21 -4.82
CA ARG A 480 -16.26 -22.40 -4.05
C ARG A 480 -17.73 -22.71 -4.39
N SER A 481 -18.67 -22.06 -3.70
CA SER A 481 -20.12 -22.27 -3.98
C SER A 481 -20.77 -20.94 -4.37
N LEU A 482 -21.56 -20.93 -5.43
CA LEU A 482 -22.21 -19.68 -5.90
C LEU A 482 -23.74 -19.84 -5.88
N LYS A 483 -24.45 -18.87 -5.29
CA LYS A 483 -25.94 -18.92 -5.28
C LYS A 483 -26.47 -17.73 -6.08
N GLU A 484 -27.40 -17.96 -7.00
CA GLU A 484 -27.92 -16.86 -7.86
C GLU A 484 -29.41 -16.63 -7.59
N ILE A 485 -29.77 -15.47 -7.04
CA ILE A 485 -31.16 -15.14 -6.77
C ILE A 485 -31.51 -13.86 -7.50
N THR A 486 -32.81 -13.68 -7.76
CA THR A 486 -33.31 -12.58 -8.55
C THR A 486 -34.59 -12.05 -7.94
N LEU A 487 -34.76 -10.74 -7.97
CA LEU A 487 -35.98 -10.08 -7.53
C LEU A 487 -36.72 -9.50 -8.74
N SER A 488 -38.02 -9.74 -8.80
CA SER A 488 -38.84 -9.28 -9.92
C SER A 488 -39.93 -8.32 -9.50
N GLU A 489 -40.68 -8.66 -8.46
CA GLU A 489 -41.83 -7.84 -8.07
C GLU A 489 -41.35 -6.54 -7.42
N PRO A 490 -41.75 -5.38 -7.93
CA PRO A 490 -41.38 -4.12 -7.29
C PRO A 490 -42.15 -3.91 -6.01
N ILE A 491 -41.73 -2.89 -5.26
CA ILE A 491 -42.29 -2.60 -3.95
C ILE A 491 -43.29 -1.46 -4.00
N ARG A 492 -42.87 -0.30 -4.49
CA ARG A 492 -43.71 0.89 -4.43
C ARG A 492 -44.96 0.78 -5.29
N TYR A 493 -44.92 -0.02 -6.35
CA TYR A 493 -46.05 -0.12 -7.28
C TYR A 493 -46.23 -1.59 -7.66
N ALA A 494 -47.44 -1.90 -8.13
CA ALA A 494 -47.75 -3.26 -8.51
C ALA A 494 -46.94 -3.68 -9.73
N GLN A 495 -46.68 -4.98 -9.81
CA GLN A 495 -45.97 -5.52 -10.97
C GLN A 495 -46.77 -5.27 -12.25
N GLY A 496 -46.07 -4.91 -13.32
CA GLY A 496 -46.74 -4.53 -14.54
C GLY A 496 -47.33 -3.15 -14.52
N ASP A 497 -46.72 -2.23 -13.79
CA ASP A 497 -47.21 -0.85 -13.71
C ASP A 497 -47.15 -0.20 -15.09
N ASN A 498 -48.17 0.59 -15.40
CA ASN A 498 -48.25 1.21 -16.72
C ASN A 498 -47.27 2.35 -16.88
N VAL A 499 -47.13 3.20 -15.86
CA VAL A 499 -46.20 4.32 -15.95
C VAL A 499 -44.77 3.83 -16.02
N GLU A 500 -44.44 2.77 -15.26
CA GLU A 500 -43.10 2.20 -15.35
C GLU A 500 -42.82 1.65 -16.74
N LYS A 501 -43.86 1.13 -17.40
CA LYS A 501 -43.69 0.64 -18.79
C LYS A 501 -43.36 1.82 -19.71
N TRP A 502 -44.11 2.92 -19.63
CA TRP A 502 -43.88 4.09 -20.53
C TRP A 502 -42.49 4.67 -20.30
N LEU A 503 -42.12 4.96 -19.05
CA LEU A 503 -40.79 5.59 -18.76
C LEU A 503 -39.68 4.60 -19.07
N ASN A 504 -40.01 3.35 -19.36
CA ASN A 504 -38.95 2.38 -19.78
C ASN A 504 -38.96 2.28 -21.30
N THR A 505 -39.84 3.02 -21.97
CA THR A 505 -39.89 3.04 -23.45
C THR A 505 -39.38 4.41 -23.94
N LEU A 506 -39.85 5.48 -23.32
CA LEU A 506 -39.38 6.84 -23.70
C LEU A 506 -37.88 6.95 -23.44
N LEU A 507 -37.39 6.44 -22.32
CA LEU A 507 -35.94 6.54 -21.98
C LEU A 507 -35.21 5.29 -22.44
N CYS A 508 -35.90 4.36 -23.08
CA CYS A 508 -35.29 3.07 -23.50
C CYS A 508 -34.44 2.50 -22.36
N LEU A 509 -35.05 2.22 -21.20
CA LEU A 509 -34.28 1.75 -20.01
C LEU A 509 -34.35 0.23 -19.91
N ASP A 510 -34.87 -0.46 -20.92
CA ASP A 510 -34.89 -1.94 -20.92
C ASP A 510 -35.16 -2.45 -22.35
N PRO A 524 -23.48 -14.09 -40.16
CA PRO A 524 -23.10 -13.77 -41.53
C PRO A 524 -21.61 -13.50 -41.68
N ASP A 525 -21.08 -13.68 -42.89
CA ASP A 525 -19.68 -13.43 -43.14
C ASP A 525 -19.37 -11.94 -42.95
N PRO A 526 -18.27 -11.60 -42.28
CA PRO A 526 -17.97 -10.17 -42.06
C PRO A 526 -17.83 -9.37 -43.34
N SER A 527 -17.29 -9.97 -44.40
CA SER A 527 -17.12 -9.28 -45.66
C SER A 527 -18.44 -9.03 -46.38
N GLN A 528 -19.46 -9.85 -46.12
CA GLN A 528 -20.75 -9.72 -46.79
C GLN A 528 -21.59 -8.59 -46.22
N CYS A 529 -21.29 -8.11 -45.01
CA CYS A 529 -22.10 -7.08 -44.39
C CYS A 529 -21.92 -5.74 -45.10
N GLU A 530 -22.90 -4.87 -44.93
CA GLU A 530 -22.87 -3.53 -45.49
C GLU A 530 -23.30 -2.53 -44.41
N LEU A 531 -22.87 -1.28 -44.58
CA LEU A 531 -23.12 -0.24 -43.61
C LEU A 531 -24.17 0.73 -44.13
N LEU A 532 -25.11 1.10 -43.27
CA LEU A 532 -26.17 2.04 -43.62
C LEU A 532 -26.21 3.18 -42.62
N HIS A 533 -26.63 4.34 -43.09
CA HIS A 533 -26.76 5.53 -42.26
C HIS A 533 -28.21 5.67 -41.81
N VAL A 534 -28.41 5.74 -40.50
CA VAL A 534 -29.75 5.77 -39.92
C VAL A 534 -30.20 7.23 -39.81
N ASN A 535 -31.31 7.56 -40.47
CA ASN A 535 -31.83 8.91 -40.42
C ASN A 535 -32.44 9.19 -39.06
N ARG A 536 -32.01 10.27 -38.41
CA ARG A 536 -32.50 10.60 -37.09
C ARG A 536 -33.83 11.34 -37.11
N ASP A 537 -34.29 11.80 -38.28
CA ASP A 537 -35.57 12.49 -38.34
C ASP A 537 -36.74 11.52 -38.21
N THR A 538 -36.54 10.26 -38.62
CA THR A 538 -37.58 9.25 -38.54
C THR A 538 -37.34 8.22 -37.45
N LEU A 539 -36.08 8.04 -37.03
CA LEU A 539 -35.78 7.12 -35.95
C LEU A 539 -36.43 7.53 -34.64
N PHE A 540 -36.70 8.81 -34.47
CA PHE A 540 -37.34 9.34 -33.26
C PHE A 540 -38.72 9.89 -33.58
N SER A 541 -39.43 9.23 -34.50
CA SER A 541 -40.79 9.61 -34.87
C SER A 541 -41.85 8.70 -34.25
N PHE A 542 -41.44 7.76 -33.40
CA PHE A 542 -42.33 6.83 -32.72
C PHE A 542 -43.12 5.95 -33.69
N HIS A 543 -42.61 5.75 -34.90
CA HIS A 543 -43.20 4.75 -35.78
C HIS A 543 -42.89 3.36 -35.25
N PRO A 544 -43.82 2.41 -35.36
CA PRO A 544 -43.58 1.08 -34.76
C PRO A 544 -42.30 0.42 -35.25
N VAL A 545 -42.03 0.45 -36.56
CA VAL A 545 -40.77 -0.08 -37.07
C VAL A 545 -39.61 0.76 -36.60
N SER A 546 -39.75 2.09 -36.67
CA SER A 546 -38.70 2.98 -36.21
C SER A 546 -38.45 2.81 -34.72
N GLU A 547 -39.52 2.70 -33.93
CA GLU A 547 -39.35 2.51 -32.50
C GLU A 547 -38.69 1.17 -32.18
N LYS A 548 -39.08 0.11 -32.90
CA LYS A 548 -38.45 -1.19 -32.68
C LYS A 548 -36.95 -1.13 -32.98
N PHE A 549 -36.59 -0.49 -34.09
CA PHE A 549 -35.17 -0.40 -34.42
C PHE A 549 -34.42 0.48 -33.43
N LEU A 550 -35.06 1.55 -32.96
CA LEU A 550 -34.41 2.38 -31.95
C LEU A 550 -34.15 1.61 -30.67
N GLN A 551 -35.13 0.80 -30.23
CA GLN A 551 -34.93 -0.01 -29.05
C GLN A 551 -33.81 -1.02 -29.26
N GLN A 552 -33.74 -1.60 -30.46
CA GLN A 552 -32.66 -2.57 -30.79
C GLN A 552 -31.29 -1.93 -30.54
N MET A 553 -30.98 -0.84 -31.26
CA MET A 553 -29.65 -0.20 -31.14
C MET A 553 -29.41 0.27 -29.70
N VAL A 554 -30.43 0.85 -29.07
CA VAL A 554 -30.29 1.37 -27.68
C VAL A 554 -29.88 0.21 -26.76
N ALA A 555 -30.56 -0.92 -26.89
CA ALA A 555 -30.25 -2.11 -26.04
C ALA A 555 -28.80 -2.55 -26.26
N LEU A 556 -28.34 -2.49 -27.51
CA LEU A 556 -26.94 -2.90 -27.84
C LEU A 556 -25.97 -2.04 -27.03
N TYR A 557 -26.20 -0.71 -27.01
CA TYR A 557 -25.33 0.21 -26.24
C TYR A 557 -25.51 -0.03 -24.73
N VAL A 558 -26.72 -0.39 -24.30
CA VAL A 558 -27.00 -0.56 -22.84
C VAL A 558 -26.04 -1.60 -22.25
N ALA A 559 -25.92 -2.76 -22.90
CA ALA A 559 -25.03 -3.83 -22.39
C ALA A 559 -23.60 -3.29 -22.30
N SER A 560 -23.17 -2.52 -23.32
CA SER A 560 -21.81 -1.96 -23.34
C SER A 560 -21.77 -0.65 -22.52
N HIS A 561 -22.06 -0.74 -21.22
CA HIS A 561 -22.06 0.47 -20.34
C HIS A 561 -22.07 0.03 -18.87
N TYR A 562 -20.99 0.31 -18.15
CA TYR A 562 -20.90 -0.05 -16.74
C TYR A 562 -22.05 0.55 -15.94
N LYS A 563 -22.53 1.71 -16.35
CA LYS A 563 -23.70 2.32 -15.71
C LYS A 563 -24.56 2.94 -16.78
N ASN A 564 -25.83 2.53 -16.82
CA ASN A 564 -26.76 3.05 -17.83
C ASN A 564 -27.12 4.49 -17.50
N SER A 565 -27.09 5.35 -18.52
CA SER A 565 -27.46 6.75 -18.37
C SER A 565 -28.41 7.11 -19.50
N PRO A 566 -29.66 7.47 -19.21
CA PRO A 566 -30.60 7.83 -20.28
C PRO A 566 -30.40 9.24 -20.84
N ASN A 567 -29.43 10.01 -20.32
CA ASN A 567 -29.13 11.30 -20.91
C ASN A 567 -28.45 11.14 -22.27
N ASP A 568 -27.74 10.03 -22.48
CA ASP A 568 -27.13 9.79 -23.78
C ASP A 568 -28.18 9.67 -24.87
N LEU A 569 -29.38 9.21 -24.53
CA LEU A 569 -30.46 9.18 -25.52
C LEU A 569 -30.84 10.58 -25.96
N GLN A 570 -30.98 11.50 -25.01
CA GLN A 570 -31.29 12.88 -25.37
C GLN A 570 -30.15 13.51 -26.16
N LEU A 571 -28.90 13.21 -25.78
CA LEU A 571 -27.77 13.74 -26.54
C LEU A 571 -27.78 13.21 -27.97
N MET A 572 -28.07 11.93 -28.15
CA MET A 572 -28.14 11.37 -29.49
C MET A 572 -29.27 11.99 -30.30
N SER A 573 -30.42 12.21 -29.66
CA SER A 573 -31.59 12.69 -30.39
C SER A 573 -31.47 14.16 -30.76
N ASP A 574 -31.00 15.01 -29.85
CA ASP A 574 -31.07 16.45 -30.02
C ASP A 574 -29.73 17.08 -30.41
N ALA A 575 -28.70 16.28 -30.67
CA ALA A 575 -27.42 16.86 -31.06
C ALA A 575 -27.52 17.48 -32.44
N PRO A 576 -26.77 18.55 -32.69
CA PRO A 576 -26.89 19.25 -33.97
C PRO A 576 -26.14 18.58 -35.10
N ALA A 577 -25.09 17.82 -34.79
CA ALA A 577 -24.24 17.24 -35.83
C ALA A 577 -23.92 15.77 -35.61
N HIS A 578 -24.60 15.10 -34.69
CA HIS A 578 -24.33 13.69 -34.43
C HIS A 578 -24.95 12.82 -35.53
N GLU A 579 -24.16 11.92 -36.09
CA GLU A 579 -24.62 11.00 -37.12
C GLU A 579 -24.56 9.58 -36.60
N LEU A 580 -25.57 8.79 -36.95
CA LEU A 580 -25.69 7.41 -36.50
C LEU A 580 -25.50 6.48 -37.68
N PHE A 581 -24.55 5.55 -37.55
CA PHE A 581 -24.26 4.56 -38.57
C PHE A 581 -24.45 3.17 -37.98
N VAL A 582 -25.07 2.28 -38.75
CA VAL A 582 -25.34 0.93 -38.30
C VAL A 582 -24.84 -0.04 -39.35
N LEU A 583 -24.44 -1.22 -38.90
CA LEU A 583 -23.91 -2.26 -39.78
C LEU A 583 -24.88 -3.43 -39.79
N THR A 584 -25.39 -3.77 -40.97
CA THR A 584 -26.36 -4.84 -41.14
C THR A 584 -25.87 -5.82 -42.19
N GLY A 585 -26.34 -7.06 -42.09
CA GLY A 585 -26.01 -8.07 -43.07
C GLY A 585 -26.86 -7.95 -44.31
N PRO A 586 -26.72 -8.93 -45.20
CA PRO A 586 -27.55 -8.96 -46.42
C PRO A 586 -29.01 -9.15 -46.05
N ILE A 587 -29.84 -8.16 -46.41
CA ILE A 587 -31.23 -8.14 -46.01
C ILE A 587 -32.09 -7.90 -47.25
N GLN A 588 -33.26 -8.51 -47.26
CA GLN A 588 -34.24 -8.37 -48.34
C GLN A 588 -35.41 -7.52 -47.87
N GLU A 589 -36.29 -7.19 -48.80
CA GLU A 589 -37.45 -6.36 -48.49
C GLU A 589 -38.41 -7.10 -47.58
N GLY A 590 -39.12 -6.32 -46.75
CA GLY A 590 -40.11 -6.87 -45.84
C GLY A 590 -39.57 -7.33 -44.51
N ARG A 591 -38.26 -7.27 -44.29
CA ARG A 591 -37.64 -7.69 -43.04
C ARG A 591 -36.72 -6.58 -42.56
N LEU A 592 -36.89 -6.17 -41.31
CA LEU A 592 -35.98 -5.17 -40.73
C LEU A 592 -34.62 -5.80 -40.48
N PRO A 593 -33.54 -5.17 -40.92
CA PRO A 593 -32.21 -5.76 -40.72
C PRO A 593 -31.83 -5.80 -39.25
N GLU A 594 -31.05 -6.81 -38.89
CA GLU A 594 -30.59 -6.96 -37.51
C GLU A 594 -29.29 -6.19 -37.33
N PRO A 595 -29.25 -5.17 -36.48
CA PRO A 595 -28.03 -4.38 -36.30
C PRO A 595 -26.95 -5.18 -35.58
N LEU A 596 -25.85 -5.43 -36.28
CA LEU A 596 -24.72 -6.13 -35.67
C LEU A 596 -23.68 -5.18 -35.10
N CYS A 597 -23.68 -3.93 -35.54
CA CYS A 597 -22.73 -2.94 -35.04
C CYS A 597 -23.31 -1.56 -35.27
N VAL A 598 -23.29 -0.72 -34.24
CA VAL A 598 -23.80 0.64 -34.31
C VAL A 598 -22.65 1.59 -34.03
N ILE A 599 -22.46 2.58 -34.90
CA ILE A 599 -21.42 3.58 -34.77
C ILE A 599 -22.07 4.94 -34.70
N GLN A 600 -21.74 5.70 -33.67
CA GLN A 600 -22.21 7.08 -33.54
C GLN A 600 -21.03 8.00 -33.78
N VAL A 601 -21.15 8.86 -34.79
CA VAL A 601 -20.08 9.75 -35.21
C VAL A 601 -20.55 11.19 -35.00
N SER A 602 -19.70 11.99 -34.35
CA SER A 602 -19.98 13.40 -34.11
C SER A 602 -19.01 14.25 -34.90
N LEU A 603 -19.53 15.23 -35.61
CA LEU A 603 -18.70 16.12 -36.42
C LEU A 603 -18.11 17.22 -35.54
N GLU A 604 -16.80 17.40 -35.63
CA GLU A 604 -16.09 18.37 -34.78
C GLU A 604 -15.07 19.12 -35.61
N GLY A 605 -14.72 20.31 -35.14
CA GLY A 605 -13.70 21.11 -35.79
C GLY A 605 -14.22 22.39 -36.39
N LYS A 606 -13.50 22.92 -37.38
CA LYS A 606 -13.87 24.15 -38.07
C LYS A 606 -14.06 25.31 -37.08
N ILE A 607 -13.15 25.39 -36.12
CA ILE A 607 -13.14 26.46 -35.13
C ILE A 607 -12.22 27.56 -35.62
N SER A 608 -12.73 28.80 -35.62
CA SER A 608 -11.96 29.92 -36.11
C SER A 608 -10.71 30.14 -35.26
N LYS A 609 -9.63 30.58 -35.91
CA LYS A 609 -8.37 30.80 -35.21
C LYS A 609 -8.51 31.90 -34.16
N GLN A 610 -9.35 32.91 -34.42
CA GLN A 610 -9.56 33.96 -33.44
C GLN A 610 -10.15 33.40 -32.15
N SER A 611 -11.12 32.50 -32.27
CA SER A 611 -11.68 31.85 -31.07
C SER A 611 -10.64 30.97 -30.40
N ILE A 612 -9.78 30.31 -31.18
CA ILE A 612 -8.73 29.49 -30.60
C ILE A 612 -7.80 30.33 -29.74
N LEU A 613 -7.36 31.48 -30.26
CA LEU A 613 -6.48 32.34 -29.48
C LEU A 613 -7.22 32.99 -28.31
N LYS A 614 -8.51 33.26 -28.47
CA LYS A 614 -9.30 33.82 -27.37
C LYS A 614 -9.37 32.83 -26.21
N SER A 615 -9.58 31.55 -26.54
CA SER A 615 -9.67 30.53 -25.48
C SER A 615 -8.30 30.16 -24.93
N LEU A 616 -7.26 30.14 -25.77
CA LEU A 616 -5.94 29.71 -25.34
C LEU A 616 -5.29 30.68 -24.35
N SER A 617 -5.76 31.92 -24.30
CA SER A 617 -5.25 32.91 -23.36
C SER A 617 -5.97 32.85 -22.02
N ARG A 618 -6.90 31.92 -21.85
CA ARG A 618 -7.62 31.75 -20.60
C ARG A 618 -7.72 30.26 -20.31
N GLY A 619 -8.51 29.91 -19.29
CA GLY A 619 -8.76 28.51 -18.97
C GLY A 619 -10.15 28.06 -19.38
N GLN A 620 -11.05 29.03 -19.58
CA GLN A 620 -12.40 28.70 -20.00
C GLN A 620 -12.42 28.14 -21.42
N GLN A 621 -13.30 27.17 -21.64
CA GLN A 621 -13.44 26.52 -22.93
C GLN A 621 -14.92 26.39 -23.26
N PRO A 622 -15.29 26.47 -24.54
CA PRO A 622 -16.69 26.31 -24.91
C PRO A 622 -17.25 24.94 -24.58
N ALA A 623 -16.39 23.91 -24.50
CA ALA A 623 -16.76 22.55 -24.13
C ALA A 623 -17.68 21.91 -25.15
N GLY A 624 -17.96 22.60 -26.26
CA GLY A 624 -18.75 21.99 -27.32
C GLY A 624 -18.02 20.84 -27.99
N ASP A 625 -16.74 21.04 -28.30
CA ASP A 625 -15.91 20.03 -28.95
C ASP A 625 -14.98 19.39 -27.93
N LEU A 626 -14.50 18.20 -28.24
CA LEU A 626 -13.59 17.49 -27.34
C LEU A 626 -12.21 17.30 -27.92
N ILE A 627 -12.07 16.64 -29.06
CA ILE A 627 -10.76 16.37 -29.63
C ILE A 627 -10.04 17.66 -30.03
N PRO A 628 -10.69 18.60 -30.75
CA PRO A 628 -9.97 19.85 -31.06
C PRO A 628 -9.62 20.68 -29.83
N TRP A 629 -10.58 20.89 -28.93
CA TRP A 629 -10.36 21.73 -27.75
C TRP A 629 -9.39 21.10 -26.75
N LEU A 630 -9.11 19.81 -26.87
CA LEU A 630 -8.14 19.15 -26.01
C LEU A 630 -6.74 19.17 -26.60
N VAL A 631 -6.60 18.87 -27.88
CA VAL A 631 -5.28 18.94 -28.52
C VAL A 631 -4.79 20.39 -28.56
N SER A 632 -5.68 21.33 -28.89
CA SER A 632 -5.28 22.72 -28.96
C SER A 632 -4.84 23.26 -27.61
N GLN A 633 -5.27 22.62 -26.51
CA GLN A 633 -4.82 23.04 -25.19
C GLN A 633 -3.56 22.31 -24.76
N GLN A 634 -3.51 20.99 -24.99
CA GLN A 634 -2.35 20.21 -24.56
C GLN A 634 -1.10 20.60 -25.33
N PHE A 635 -1.22 20.75 -26.65
CA PHE A 635 -0.08 21.05 -27.50
C PHE A 635 0.10 22.53 -27.74
N GLN A 636 -0.82 23.37 -27.25
CA GLN A 636 -0.78 24.81 -27.47
C GLN A 636 -0.66 25.14 -28.96
N ASP A 637 -1.42 24.41 -29.77
CA ASP A 637 -1.40 24.54 -31.22
C ASP A 637 -2.65 25.26 -31.68
N ASP A 638 -2.48 26.29 -32.51
CA ASP A 638 -3.58 27.11 -32.97
C ASP A 638 -4.04 26.76 -34.38
N GLU A 639 -3.52 25.69 -34.97
CA GLU A 639 -3.87 25.32 -36.33
C GLU A 639 -4.63 24.00 -36.43
N PHE A 640 -4.54 23.14 -35.41
CA PHE A 640 -5.20 21.84 -35.49
C PHE A 640 -6.71 21.96 -35.38
N ALA A 641 -7.20 22.75 -34.43
CA ALA A 641 -8.63 22.82 -34.18
C ALA A 641 -9.41 23.50 -35.29
N SER A 642 -8.73 24.15 -36.23
CA SER A 642 -9.41 24.77 -37.36
C SER A 642 -9.69 23.79 -38.49
N LEU A 643 -9.28 22.52 -38.34
CA LEU A 643 -9.56 21.52 -39.35
C LEU A 643 -11.00 21.03 -39.21
N SER A 644 -11.39 20.06 -40.02
CA SER A 644 -12.69 19.41 -39.94
C SER A 644 -12.47 17.94 -39.60
N GLY A 645 -13.17 17.46 -38.59
CA GLY A 645 -12.93 16.10 -38.11
C GLY A 645 -14.18 15.46 -37.56
N ALA A 646 -14.08 14.15 -37.32
CA ALA A 646 -15.17 13.34 -36.81
C ALA A 646 -14.71 12.61 -35.56
N ARG A 647 -15.53 12.64 -34.53
CA ARG A 647 -15.27 11.94 -33.28
C ARG A 647 -16.22 10.76 -33.16
N ILE A 648 -15.67 9.56 -33.00
CA ILE A 648 -16.49 8.37 -32.82
C ILE A 648 -16.94 8.32 -31.36
N VAL A 649 -18.13 8.85 -31.10
CA VAL A 649 -18.61 8.97 -29.71
C VAL A 649 -18.81 7.58 -29.10
N ARG A 650 -19.44 6.68 -29.84
CA ARG A 650 -19.71 5.34 -29.32
C ARG A 650 -19.74 4.35 -30.47
N ILE A 651 -18.98 3.27 -30.35
CA ILE A 651 -19.05 2.16 -31.30
C ILE A 651 -19.25 0.88 -30.50
N ALA A 652 -20.35 0.19 -30.74
CA ALA A 652 -20.66 -1.04 -30.03
C ALA A 652 -21.20 -2.06 -31.02
N THR A 653 -20.90 -3.33 -30.76
CA THR A 653 -21.43 -4.43 -31.55
C THR A 653 -22.32 -5.31 -30.69
N ASN A 654 -22.87 -6.34 -31.30
CA ASN A 654 -23.74 -7.26 -30.57
C ASN A 654 -22.88 -8.14 -29.67
N PRO A 655 -23.17 -8.20 -28.37
CA PRO A 655 -22.34 -9.02 -27.48
C PRO A 655 -22.31 -10.49 -27.85
N ASP A 656 -23.34 -11.00 -28.52
CA ASP A 656 -23.32 -12.38 -28.99
C ASP A 656 -22.41 -12.57 -30.20
N TYR A 657 -22.11 -11.49 -30.93
CA TYR A 657 -21.26 -11.56 -32.12
C TYR A 657 -19.94 -10.81 -31.93
N MET A 658 -19.50 -10.62 -30.68
CA MET A 658 -18.27 -9.90 -30.44
C MET A 658 -17.06 -10.74 -30.85
N SER A 659 -15.96 -10.04 -31.15
CA SER A 659 -14.70 -10.67 -31.53
C SER A 659 -14.88 -11.61 -32.73
N MET A 660 -15.72 -11.19 -33.68
CA MET A 660 -15.91 -11.92 -34.91
C MET A 660 -15.58 -11.09 -36.16
N GLY A 661 -15.27 -9.80 -36.00
CA GLY A 661 -14.86 -8.98 -37.10
C GLY A 661 -15.89 -7.98 -37.60
N TYR A 662 -17.01 -7.82 -36.90
CA TYR A 662 -18.03 -6.86 -37.34
C TYR A 662 -17.64 -5.42 -37.03
N GLY A 663 -17.06 -5.17 -35.86
CA GLY A 663 -16.68 -3.81 -35.50
C GLY A 663 -15.59 -3.26 -36.40
N SER A 664 -14.55 -4.06 -36.67
CA SER A 664 -13.48 -3.62 -37.55
C SER A 664 -14.00 -3.38 -38.96
N LYS A 665 -14.88 -4.27 -39.45
CA LYS A 665 -15.44 -4.08 -40.78
C LYS A 665 -16.28 -2.81 -40.85
N ALA A 666 -17.08 -2.55 -39.82
CA ALA A 666 -17.87 -1.33 -39.79
C ALA A 666 -16.97 -0.10 -39.76
N LEU A 667 -15.90 -0.15 -38.97
CA LEU A 667 -14.97 0.97 -38.90
C LEU A 667 -14.30 1.22 -40.25
N GLN A 668 -13.87 0.15 -40.92
CA GLN A 668 -13.24 0.32 -42.23
C GLN A 668 -14.22 0.86 -43.25
N LEU A 669 -15.47 0.39 -43.21
CA LEU A 669 -16.48 0.91 -44.13
C LEU A 669 -16.75 2.39 -43.87
N LEU A 670 -16.83 2.79 -42.60
CA LEU A 670 -17.03 4.20 -42.28
C LEU A 670 -15.85 5.05 -42.76
N VAL A 671 -14.63 4.56 -42.54
CA VAL A 671 -13.46 5.30 -42.98
C VAL A 671 -13.45 5.46 -44.50
N ASP A 672 -13.74 4.36 -45.21
CA ASP A 672 -13.80 4.44 -46.67
C ASP A 672 -14.89 5.39 -47.13
N TYR A 673 -16.03 5.41 -46.42
CA TYR A 673 -17.09 6.35 -46.76
C TYR A 673 -16.61 7.79 -46.58
N TYR A 674 -15.86 8.06 -45.51
CA TYR A 674 -15.36 9.41 -45.30
C TYR A 674 -14.13 9.74 -46.15
N GLU A 675 -13.54 8.74 -46.81
CA GLU A 675 -12.45 8.96 -47.74
C GLU A 675 -12.95 9.17 -49.17
N GLY A 676 -14.25 9.30 -49.36
CA GLY A 676 -14.83 9.47 -50.68
C GLY A 676 -14.70 8.27 -51.59
N LYS A 677 -14.76 7.06 -51.04
CA LYS A 677 -14.75 5.84 -51.84
C LYS A 677 -16.12 5.41 -52.29
N PHE A 678 -17.18 6.08 -51.83
CA PHE A 678 -18.55 5.80 -52.25
C PHE A 678 -19.09 7.04 -52.95
N ALA A 679 -19.51 6.88 -54.20
CA ALA A 679 -20.01 8.00 -54.98
C ALA A 679 -21.53 7.90 -55.17
N LEU A 718 -41.57 12.21 -44.63
CA LEU A 718 -41.22 10.88 -44.16
C LEU A 718 -39.97 10.34 -44.86
N PRO A 719 -38.80 10.78 -44.41
CA PRO A 719 -37.55 10.29 -45.01
C PRO A 719 -37.40 8.79 -44.79
N PRO A 720 -36.72 8.10 -45.71
CA PRO A 720 -36.43 6.68 -45.46
C PRO A 720 -35.56 6.52 -44.22
N LEU A 721 -35.85 5.49 -43.43
CA LEU A 721 -35.10 5.27 -42.20
C LEU A 721 -33.64 4.97 -42.49
N PHE A 722 -33.39 4.14 -43.49
CA PHE A 722 -32.03 3.74 -43.83
C PHE A 722 -31.60 4.39 -45.14
N SER A 723 -30.46 5.05 -45.11
CA SER A 723 -29.83 5.63 -46.30
C SER A 723 -28.53 4.87 -46.54
N LYS A 724 -28.42 4.25 -47.71
CA LYS A 724 -27.19 3.54 -48.05
C LYS A 724 -26.03 4.52 -48.14
N LEU A 725 -24.83 4.03 -47.85
CA LEU A 725 -23.65 4.89 -47.86
C LEU A 725 -23.33 5.43 -49.25
N SER A 726 -23.88 4.82 -50.30
CA SER A 726 -23.64 5.25 -51.66
C SER A 726 -24.62 6.30 -52.15
N GLU A 727 -25.53 6.77 -51.27
CA GLU A 727 -26.56 7.71 -51.68
C GLU A 727 -26.53 9.03 -50.93
N ARG A 728 -25.57 9.24 -50.03
CA ARG A 728 -25.40 10.52 -49.37
C ARG A 728 -23.96 11.00 -49.54
N ARG A 729 -23.77 12.30 -49.67
CA ARG A 729 -22.46 12.85 -49.92
C ARG A 729 -21.71 13.04 -48.59
N PRO A 730 -20.59 12.37 -48.39
CA PRO A 730 -19.82 12.55 -47.15
C PRO A 730 -19.24 13.95 -47.07
N GLU A 731 -19.04 14.42 -45.83
CA GLU A 731 -18.38 15.69 -45.62
C GLU A 731 -16.88 15.55 -45.77
N LYS A 732 -16.23 16.62 -46.25
CA LYS A 732 -14.79 16.64 -46.41
C LYS A 732 -14.14 16.69 -45.04
N LEU A 733 -13.52 15.58 -44.62
CA LEU A 733 -12.92 15.45 -43.31
C LEU A 733 -11.43 15.20 -43.44
N ASP A 734 -10.65 15.85 -42.57
CA ASP A 734 -9.21 15.68 -42.53
C ASP A 734 -8.74 14.61 -41.55
N TYR A 735 -9.51 14.37 -40.48
CA TYR A 735 -9.13 13.36 -39.51
C TYR A 735 -10.37 12.77 -38.87
N VAL A 736 -10.21 11.57 -38.30
CA VAL A 736 -11.22 10.94 -37.48
C VAL A 736 -10.57 10.55 -36.17
N GLY A 737 -11.25 10.83 -35.05
CA GLY A 737 -10.66 10.64 -33.75
C GLY A 737 -11.62 9.95 -32.80
N VAL A 738 -11.06 9.48 -31.69
CA VAL A 738 -11.84 8.80 -30.67
C VAL A 738 -11.20 9.04 -29.31
N SER A 739 -12.02 9.21 -28.29
CA SER A 739 -11.59 9.38 -26.91
C SER A 739 -12.23 8.28 -26.09
N TYR A 740 -11.42 7.45 -25.44
CA TYR A 740 -11.93 6.26 -24.79
C TYR A 740 -11.05 5.90 -23.60
N GLY A 741 -11.62 5.12 -22.68
CA GLY A 741 -10.86 4.63 -21.56
C GLY A 741 -9.86 3.58 -22.01
N LEU A 742 -8.60 3.75 -21.60
CA LEU A 742 -7.54 2.90 -22.08
C LEU A 742 -7.73 1.46 -21.61
N THR A 743 -7.49 0.53 -22.53
CA THR A 743 -7.58 -0.90 -22.26
C THR A 743 -6.78 -1.63 -23.33
N GLN A 744 -6.10 -2.71 -22.94
CA GLN A 744 -5.22 -3.38 -23.88
C GLN A 744 -5.96 -3.88 -25.10
N GLN A 745 -7.13 -4.50 -24.91
CA GLN A 745 -7.91 -4.98 -26.04
C GLN A 745 -8.43 -3.83 -26.89
N LEU A 746 -8.96 -2.79 -26.23
CA LEU A 746 -9.46 -1.64 -26.97
C LEU A 746 -8.34 -0.93 -27.72
N HIS A 747 -7.18 -0.78 -27.08
CA HIS A 747 -6.04 -0.16 -27.75
C HIS A 747 -5.59 -1.00 -28.93
N LYS A 748 -5.56 -2.33 -28.78
CA LYS A 748 -5.18 -3.18 -29.90
C LYS A 748 -6.13 -3.02 -31.07
N PHE A 749 -7.43 -2.98 -30.79
CA PHE A 749 -8.41 -2.80 -31.86
C PHE A 749 -8.22 -1.47 -32.56
N TRP A 750 -8.06 -0.39 -31.78
CA TRP A 750 -7.91 0.93 -32.40
C TRP A 750 -6.62 1.02 -33.21
N LYS A 751 -5.52 0.46 -32.69
CA LYS A 751 -4.26 0.47 -33.42
C LYS A 751 -4.37 -0.33 -34.72
N ARG A 752 -5.05 -1.48 -34.67
CA ARG A 752 -5.29 -2.22 -35.91
C ARG A 752 -6.14 -1.42 -36.89
N ALA A 753 -6.99 -0.54 -36.38
CA ALA A 753 -7.80 0.33 -37.22
C ALA A 753 -7.04 1.57 -37.69
N GLN A 754 -5.70 1.56 -37.58
CA GLN A 754 -4.85 2.66 -38.04
C GLN A 754 -5.16 3.96 -37.30
N PHE A 755 -5.18 3.89 -35.98
CA PHE A 755 -5.30 5.06 -35.12
C PHE A 755 -4.01 5.21 -34.33
N VAL A 756 -3.58 6.45 -34.10
CA VAL A 756 -2.37 6.69 -33.33
C VAL A 756 -2.68 7.65 -32.18
N PRO A 757 -2.09 7.46 -31.00
CA PRO A 757 -2.45 8.28 -29.85
C PRO A 757 -1.90 9.69 -29.98
N VAL A 758 -2.59 10.63 -29.33
CA VAL A 758 -2.18 12.03 -29.33
C VAL A 758 -2.10 12.52 -27.89
N TYR A 759 -2.87 11.91 -27.00
CA TYR A 759 -2.95 12.37 -25.62
C TYR A 759 -3.36 11.21 -24.74
N LEU A 760 -2.95 11.26 -23.47
CA LEU A 760 -3.28 10.23 -22.50
C LEU A 760 -3.35 10.86 -21.12
N ARG A 761 -4.55 10.84 -20.52
CA ARG A 761 -4.75 11.47 -19.23
C ARG A 761 -3.97 10.75 -18.13
N GLN A 762 -3.52 11.53 -17.14
CA GLN A 762 -2.77 10.98 -16.03
C GLN A 762 -3.65 10.53 -14.87
N THR A 763 -4.67 11.31 -14.54
CA THR A 763 -5.56 10.97 -13.44
C THR A 763 -6.60 9.97 -13.93
N ALA A 764 -6.52 8.74 -13.44
CA ALA A 764 -7.43 7.70 -13.88
C ALA A 764 -8.86 8.01 -13.44
N ASN A 765 -9.82 7.51 -14.21
CA ASN A 765 -11.22 7.72 -13.88
C ASN A 765 -11.57 6.98 -12.59
N ASP A 766 -12.21 7.68 -11.66
CA ASP A 766 -12.49 7.08 -10.35
C ASP A 766 -13.50 5.95 -10.45
N LEU A 767 -14.57 6.13 -11.22
CA LEU A 767 -15.58 5.07 -11.33
C LEU A 767 -15.15 3.91 -12.21
N THR A 768 -14.15 4.12 -13.08
CA THR A 768 -13.76 3.09 -14.05
C THR A 768 -12.35 2.55 -13.82
N GLY A 769 -11.41 3.40 -13.41
CA GLY A 769 -10.04 2.94 -13.23
C GLY A 769 -9.21 2.96 -14.48
N GLU A 770 -9.60 3.72 -15.50
CA GLU A 770 -8.90 3.75 -16.77
C GLU A 770 -8.57 5.19 -17.15
N HIS A 771 -7.48 5.36 -17.89
CA HIS A 771 -7.02 6.67 -18.31
C HIS A 771 -7.61 7.00 -19.68
N THR A 772 -8.10 8.23 -19.84
CA THR A 772 -8.64 8.66 -21.11
C THR A 772 -7.52 8.79 -22.14
N CYS A 773 -7.70 8.16 -23.29
CA CYS A 773 -6.74 8.20 -24.37
C CYS A 773 -7.43 8.72 -25.63
N VAL A 774 -6.74 9.59 -26.37
CA VAL A 774 -7.27 10.19 -27.58
C VAL A 774 -6.45 9.69 -28.76
N MET A 775 -7.13 9.07 -29.72
CA MET A 775 -6.48 8.56 -30.92
C MET A 775 -7.04 9.27 -32.13
N ILE A 776 -6.16 9.70 -33.03
CA ILE A 776 -6.54 10.45 -34.22
C ILE A 776 -5.96 9.76 -35.44
N ARG A 777 -6.79 9.58 -36.47
CA ARG A 777 -6.36 8.97 -37.71
C ARG A 777 -6.40 9.99 -38.84
N PRO A 778 -5.35 10.11 -39.64
CA PRO A 778 -5.38 11.01 -40.80
C PRO A 778 -6.05 10.34 -41.99
N LEU A 779 -7.39 10.32 -41.96
CA LEU A 779 -8.13 9.52 -42.93
C LEU A 779 -7.96 10.04 -44.36
N GLN A 780 -7.92 11.36 -44.54
CA GLN A 780 -7.92 11.93 -45.88
C GLN A 780 -6.69 11.46 -46.65
N ASP A 781 -6.92 11.00 -47.88
CA ASP A 781 -5.86 10.56 -48.76
C ASP A 781 -5.56 11.65 -49.79
N GLY A 782 -4.31 11.66 -50.26
CA GLY A 782 -3.87 12.74 -51.11
C GLY A 782 -3.49 13.99 -50.38
N ASN A 783 -3.53 13.97 -49.05
CA ASN A 783 -3.10 15.08 -48.21
C ASN A 783 -1.97 14.61 -47.32
N ASP A 784 -1.04 15.52 -47.03
CA ASP A 784 0.12 15.16 -46.24
C ASP A 784 -0.29 14.93 -44.79
N PRO A 785 -0.06 13.74 -44.24
CA PRO A 785 -0.32 13.49 -42.82
C PRO A 785 0.87 13.88 -41.94
N SER A 786 1.40 15.08 -42.16
CA SER A 786 2.51 15.59 -41.37
C SER A 786 2.07 16.44 -40.19
N TRP A 787 0.86 17.00 -40.25
CA TRP A 787 0.35 17.73 -39.09
C TRP A 787 0.17 16.80 -37.90
N LEU A 788 -0.21 15.55 -38.15
CA LEU A 788 -0.34 14.55 -37.08
C LEU A 788 0.99 13.94 -36.70
N GLY A 789 1.98 13.96 -37.60
CA GLY A 789 3.29 13.45 -37.23
C GLY A 789 3.91 14.23 -36.08
N ALA A 790 3.76 15.55 -36.11
CA ALA A 790 4.29 16.37 -35.02
C ALA A 790 3.61 16.05 -33.70
N PHE A 791 2.28 15.91 -33.71
CA PHE A 791 1.55 15.58 -32.49
C PHE A 791 1.96 14.22 -31.96
N ALA A 792 2.07 13.23 -32.84
CA ALA A 792 2.44 11.89 -32.40
C ALA A 792 3.85 11.87 -31.84
N ALA A 793 4.80 12.58 -32.48
CA ALA A 793 6.16 12.63 -31.97
C ALA A 793 6.22 13.35 -30.63
N ASP A 794 5.48 14.45 -30.48
CA ASP A 794 5.47 15.14 -29.21
C ASP A 794 4.89 14.27 -28.11
N PHE A 795 3.81 13.56 -28.42
CA PHE A 795 3.18 12.65 -27.43
C PHE A 795 4.12 11.48 -27.16
N HIS A 796 4.72 10.91 -28.22
CA HIS A 796 5.59 9.71 -28.06
C HIS A 796 6.74 10.03 -27.10
N LYS A 797 7.50 11.11 -27.37
CA LYS A 797 8.67 11.43 -26.53
C LYS A 797 8.22 11.75 -25.10
N ARG A 798 7.10 12.47 -24.96
CA ARG A 798 6.58 12.82 -23.61
C ARG A 798 6.19 11.53 -22.88
N PHE A 799 5.42 10.66 -23.54
CA PHE A 799 4.96 9.40 -22.91
C PHE A 799 6.17 8.62 -22.37
N LEU A 800 7.29 8.61 -23.12
CA LEU A 800 8.47 7.82 -22.72
C LEU A 800 8.75 8.00 -21.22
N SER A 801 9.03 9.23 -20.79
CA SER A 801 9.39 9.46 -19.36
C SER A 801 8.16 9.85 -18.54
N LEU A 802 6.99 9.96 -19.17
CA LEU A 802 5.74 10.24 -18.41
C LEU A 802 5.33 8.96 -17.67
N LEU A 803 5.98 7.84 -17.99
CA LEU A 803 5.65 6.54 -17.33
C LEU A 803 6.04 6.61 -15.86
N SER A 804 6.82 7.61 -15.46
CA SER A 804 7.17 7.80 -14.02
C SER A 804 6.15 8.74 -13.36
N TYR A 805 5.18 9.22 -14.14
CA TYR A 805 4.17 10.19 -13.61
C TYR A 805 2.76 9.62 -13.79
N LYS A 806 2.17 9.06 -12.72
CA LYS A 806 0.78 8.54 -12.78
C LYS A 806 0.68 7.35 -13.75
N PHE A 807 1.80 6.88 -14.28
CA PHE A 807 1.79 5.77 -15.28
C PHE A 807 2.62 4.60 -14.74
N ARG A 808 3.33 4.80 -13.64
CA ARG A 808 4.14 3.74 -13.06
C ARG A 808 3.34 2.46 -12.89
N GLU A 809 2.02 2.57 -12.73
CA GLU A 809 1.17 1.42 -12.50
C GLU A 809 0.79 0.68 -13.78
N PHE A 810 1.15 1.21 -14.94
CA PHE A 810 0.83 0.54 -16.19
C PHE A 810 1.57 -0.79 -16.28
N PRO A 811 0.92 -1.84 -16.78
CA PRO A 811 1.67 -3.06 -17.09
C PRO A 811 2.68 -2.79 -18.19
N SER A 812 3.78 -3.55 -18.16
CA SER A 812 4.87 -3.31 -19.10
C SER A 812 4.41 -3.51 -20.54
N ILE A 813 3.60 -4.55 -20.79
CA ILE A 813 3.18 -4.86 -22.15
C ILE A 813 2.31 -3.75 -22.71
N LEU A 814 1.37 -3.24 -21.91
CA LEU A 814 0.49 -2.17 -22.39
C LEU A 814 1.28 -0.92 -22.71
N ALA A 815 2.21 -0.54 -21.84
CA ALA A 815 3.02 0.65 -22.10
C ALA A 815 3.89 0.47 -23.32
N LEU A 816 4.45 -0.74 -23.51
CA LEU A 816 5.24 -1.01 -24.70
C LEU A 816 4.39 -0.88 -25.97
N THR A 817 3.17 -1.42 -25.95
CA THR A 817 2.31 -1.31 -27.13
C THR A 817 1.96 0.13 -27.42
N ILE A 818 1.66 0.92 -26.38
CA ILE A 818 1.34 2.33 -26.60
C ILE A 818 2.53 3.07 -27.18
N GLU A 819 3.73 2.79 -26.66
CA GLU A 819 4.93 3.44 -27.18
C GLU A 819 5.16 3.06 -28.64
N GLU A 820 4.98 1.79 -28.98
CA GLU A 820 5.16 1.36 -30.37
C GLU A 820 4.15 2.05 -31.28
N SER A 821 2.90 2.15 -30.84
CA SER A 821 1.88 2.81 -31.64
C SER A 821 2.19 4.29 -31.82
N ALA A 822 2.65 4.95 -30.76
CA ALA A 822 3.00 6.36 -30.86
C ALA A 822 4.17 6.58 -31.81
N ASN A 823 5.17 5.68 -31.75
CA ASN A 823 6.30 5.78 -32.68
C ASN A 823 5.85 5.56 -34.12
N ALA A 824 4.97 4.59 -34.34
CA ALA A 824 4.44 4.36 -35.68
C ALA A 824 3.68 5.57 -36.19
N GLY A 825 2.93 6.24 -35.31
CA GLY A 825 2.27 7.47 -35.70
C GLY A 825 3.24 8.60 -36.00
N ALA A 826 4.29 8.73 -35.19
CA ALA A 826 5.30 9.75 -35.43
C ALA A 826 6.10 9.53 -36.70
N MET A 827 6.17 8.28 -37.17
CA MET A 827 6.90 7.99 -38.40
C MET A 827 6.22 8.55 -39.65
N LEU A 828 4.99 9.08 -39.52
CA LEU A 828 4.33 9.68 -40.67
C LEU A 828 5.11 10.87 -41.21
N ASP A 829 5.70 11.67 -40.33
CA ASP A 829 6.51 12.81 -40.73
C ASP A 829 7.92 12.33 -41.05
N PRO A 830 8.39 12.48 -42.29
CA PRO A 830 9.77 12.03 -42.59
C PRO A 830 10.83 12.75 -41.78
N SER A 831 10.60 14.01 -41.41
CA SER A 831 11.58 14.75 -40.62
C SER A 831 11.69 14.26 -39.19
N ASN A 832 10.78 13.41 -38.75
CA ASN A 832 10.82 12.85 -37.40
C ASN A 832 11.55 11.51 -37.34
N ALA A 833 12.16 11.08 -38.43
CA ALA A 833 12.90 9.83 -38.43
C ALA A 833 14.09 9.93 -37.48
N PRO A 834 14.41 8.87 -36.75
CA PRO A 834 15.49 8.95 -35.76
C PRO A 834 16.86 8.95 -36.44
N THR A 835 17.81 9.55 -35.74
CA THR A 835 19.18 9.66 -36.21
C THR A 835 20.06 8.66 -35.47
N GLU A 836 21.19 8.34 -36.08
CA GLU A 836 22.13 7.41 -35.49
C GLU A 836 22.78 8.01 -34.24
N LEU A 837 23.50 7.16 -33.51
CA LEU A 837 24.23 7.57 -32.31
C LEU A 837 25.71 7.69 -32.66
N THR A 838 26.28 8.86 -32.37
CA THR A 838 27.68 9.14 -32.68
C THR A 838 28.50 9.26 -31.41
N LYS A 839 29.81 9.15 -31.56
CA LYS A 839 30.70 9.21 -30.40
C LYS A 839 30.65 10.58 -29.73
N ALA A 840 30.50 11.64 -30.52
CA ALA A 840 30.49 12.99 -29.95
C ALA A 840 29.34 13.17 -28.98
N GLU A 841 28.14 12.71 -29.35
CA GLU A 841 27.00 12.82 -28.44
C GLU A 841 27.02 11.75 -27.36
N LEU A 842 27.57 10.57 -27.66
CA LEU A 842 27.67 9.53 -26.65
C LEU A 842 28.56 9.95 -25.48
N ASP A 843 29.70 10.57 -25.79
CA ASP A 843 30.60 11.03 -24.73
C ASP A 843 29.99 12.15 -23.90
N GLN A 844 28.98 12.85 -24.43
CA GLN A 844 28.28 13.87 -23.67
C GLN A 844 27.26 13.27 -22.71
N LEU A 845 26.99 11.98 -22.80
CA LEU A 845 26.03 11.31 -21.93
C LEU A 845 26.70 10.43 -20.88
N PHE A 846 27.63 9.58 -21.28
CA PHE A 846 28.29 8.64 -20.38
C PHE A 846 29.76 9.02 -20.22
N THR A 847 30.19 9.18 -18.98
CA THR A 847 31.60 9.33 -18.68
C THR A 847 32.31 7.99 -18.86
N PRO A 848 33.62 7.99 -19.06
CA PRO A 848 34.33 6.72 -19.23
C PRO A 848 34.16 5.76 -18.06
N PHE A 849 34.01 6.28 -16.84
CA PHE A 849 33.73 5.42 -15.70
C PHE A 849 32.37 4.75 -15.81
N ASP A 850 31.38 5.46 -16.38
CA ASP A 850 30.08 4.83 -16.61
C ASP A 850 30.20 3.70 -17.63
N HIS A 851 31.01 3.90 -18.68
CA HIS A 851 31.25 2.82 -19.63
C HIS A 851 31.93 1.64 -18.96
N LYS A 852 32.89 1.92 -18.08
CA LYS A 852 33.56 0.85 -17.35
C LYS A 852 32.57 0.08 -16.47
N ARG A 853 31.68 0.78 -15.79
CA ARG A 853 30.68 0.13 -14.97
C ARG A 853 29.75 -0.73 -15.81
N LEU A 854 29.30 -0.22 -16.95
CA LEU A 854 28.43 -0.99 -17.83
C LEU A 854 29.13 -2.24 -18.35
N GLU A 855 30.40 -2.09 -18.76
CA GLU A 855 31.15 -3.24 -19.25
C GLU A 855 31.36 -4.27 -18.15
N SER A 856 31.62 -3.82 -16.92
CA SER A 856 31.76 -4.75 -15.81
C SER A 856 30.45 -5.50 -15.54
N TYR A 857 29.33 -4.79 -15.57
CA TYR A 857 28.05 -5.47 -15.35
C TYR A 857 27.75 -6.46 -16.47
N ALA A 858 28.04 -6.09 -17.72
CA ALA A 858 27.78 -6.99 -18.83
C ALA A 858 28.56 -8.28 -18.70
N ASN A 859 29.71 -8.25 -18.03
CA ASN A 859 30.52 -9.44 -17.82
C ASN A 859 30.08 -10.25 -16.62
N GLY A 860 29.07 -9.79 -15.88
CA GLY A 860 28.58 -10.52 -14.73
C GLY A 860 29.38 -10.38 -13.47
N LEU A 861 30.29 -9.40 -13.41
CA LEU A 861 31.15 -9.19 -12.25
C LEU A 861 30.64 -8.08 -11.33
N LEU A 862 29.45 -7.55 -11.58
CA LEU A 862 28.92 -6.48 -10.76
C LEU A 862 27.44 -6.72 -10.52
N ASP A 863 26.97 -6.35 -9.34
CA ASP A 863 25.55 -6.45 -9.02
C ASP A 863 24.76 -5.45 -9.85
N TYR A 864 23.54 -5.84 -10.20
CA TYR A 864 22.71 -4.99 -11.07
C TYR A 864 22.28 -3.70 -10.39
N HIS A 865 22.37 -3.63 -9.06
CA HIS A 865 21.95 -2.42 -8.37
C HIS A 865 22.89 -1.26 -8.64
N VAL A 866 24.17 -1.54 -8.92
CA VAL A 866 25.14 -0.48 -9.14
C VAL A 866 24.83 0.29 -10.41
N VAL A 867 24.59 -0.43 -11.51
CA VAL A 867 24.28 0.22 -12.80
C VAL A 867 22.77 0.32 -12.86
N LEU A 868 22.25 1.38 -12.25
CA LEU A 868 20.81 1.63 -12.29
C LEU A 868 20.42 3.06 -12.59
N ASP A 869 21.28 4.05 -12.35
CA ASP A 869 20.98 5.40 -12.81
C ASP A 869 21.27 5.56 -14.30
N LEU A 870 22.10 4.68 -14.87
CA LEU A 870 22.26 4.64 -16.32
C LEU A 870 21.06 4.05 -17.02
N MET A 871 20.16 3.39 -16.29
CA MET A 871 18.97 2.82 -16.91
C MET A 871 18.08 3.85 -17.57
N PRO A 872 17.74 5.00 -16.96
CA PRO A 872 16.95 5.98 -17.71
C PRO A 872 17.61 6.43 -19.00
N THR A 873 18.93 6.63 -19.01
CA THR A 873 19.58 7.12 -20.22
C THR A 873 19.55 6.08 -21.33
N ILE A 874 19.85 4.82 -20.99
CA ILE A 874 19.82 3.76 -22.00
C ILE A 874 18.40 3.54 -22.50
N ALA A 875 17.42 3.54 -21.60
CA ALA A 875 16.03 3.36 -22.02
C ALA A 875 15.59 4.49 -22.93
N GLN A 876 15.93 5.74 -22.59
CA GLN A 876 15.57 6.86 -23.45
C GLN A 876 16.27 6.78 -24.80
N LEU A 877 17.55 6.38 -24.80
CA LEU A 877 18.27 6.26 -26.07
C LEU A 877 17.64 5.20 -26.96
N TYR A 878 17.23 4.07 -26.38
CA TYR A 878 16.66 3.01 -27.19
C TYR A 878 15.26 3.35 -27.66
N PHE A 879 14.43 3.91 -26.79
CA PHE A 879 13.02 4.10 -27.11
C PHE A 879 12.74 5.40 -27.83
N THR A 880 13.73 6.26 -28.02
CA THR A 880 13.56 7.43 -28.87
C THR A 880 14.11 7.22 -30.27
N GLY A 881 14.65 6.04 -30.55
CA GLY A 881 15.04 5.66 -31.90
C GLY A 881 16.53 5.68 -32.18
N ARG A 882 17.34 6.34 -31.33
CA ARG A 882 18.76 6.44 -31.61
C ARG A 882 19.43 5.08 -31.59
N LEU A 883 19.07 4.22 -30.63
CA LEU A 883 19.63 2.90 -30.51
C LEU A 883 18.75 1.81 -31.11
N ARG A 884 17.60 2.17 -31.67
CA ARG A 884 16.64 1.15 -32.11
C ARG A 884 17.19 0.30 -33.24
N GLU A 885 17.86 0.92 -34.20
CA GLU A 885 18.37 0.17 -35.34
C GLU A 885 19.62 -0.62 -34.98
N ALA A 886 20.48 -0.08 -34.12
CA ALA A 886 21.77 -0.71 -33.85
C ALA A 886 21.61 -2.04 -33.13
N VAL A 887 20.73 -2.11 -32.14
CA VAL A 887 20.54 -3.32 -31.34
C VAL A 887 19.12 -3.82 -31.50
N LYS A 888 18.96 -5.13 -31.63
CA LYS A 888 17.68 -5.77 -31.83
C LYS A 888 17.20 -6.39 -30.53
N LEU A 889 15.98 -6.04 -30.11
CA LEU A 889 15.39 -6.54 -28.89
C LEU A 889 14.01 -7.11 -29.18
N SER A 890 13.71 -8.25 -28.57
CA SER A 890 12.40 -8.88 -28.75
C SER A 890 11.35 -8.14 -27.94
N GLY A 891 10.13 -8.69 -27.92
CA GLY A 891 9.06 -8.06 -27.17
C GLY A 891 9.30 -8.10 -25.67
N LEU A 892 9.72 -9.25 -25.15
CA LEU A 892 9.95 -9.37 -23.71
C LEU A 892 11.09 -8.48 -23.25
N GLN A 893 12.20 -8.48 -23.99
CA GLN A 893 13.33 -7.63 -23.63
C GLN A 893 12.95 -6.17 -23.70
N GLN A 894 12.18 -5.78 -24.72
CA GLN A 894 11.75 -4.39 -24.83
C GLN A 894 10.85 -4.01 -23.65
N ALA A 895 9.94 -4.91 -23.26
CA ALA A 895 9.06 -4.61 -22.13
C ALA A 895 9.85 -4.46 -20.83
N ILE A 896 10.80 -5.36 -20.60
CA ILE A 896 11.60 -5.28 -19.38
C ILE A 896 12.45 -4.02 -19.37
N LEU A 897 13.06 -3.69 -20.51
CA LEU A 897 13.85 -2.46 -20.61
C LEU A 897 12.99 -1.24 -20.34
N LEU A 898 11.80 -1.19 -20.93
CA LEU A 898 10.91 -0.05 -20.71
C LEU A 898 10.54 0.06 -19.24
N ALA A 899 10.15 -1.05 -18.62
CA ALA A 899 9.78 -1.01 -17.22
C ALA A 899 10.92 -0.49 -16.37
N LEU A 900 12.08 -1.15 -16.45
CA LEU A 900 13.20 -0.82 -15.58
C LEU A 900 13.76 0.58 -15.84
N GLY A 901 13.65 1.08 -17.07
CA GLY A 901 14.20 2.38 -17.37
C GLY A 901 13.24 3.52 -17.12
N LEU A 902 12.05 3.46 -17.71
CA LEU A 902 11.11 4.58 -17.65
C LEU A 902 10.07 4.44 -16.55
N GLN A 903 9.67 3.22 -16.19
CA GLN A 903 8.71 3.05 -15.11
C GLN A 903 9.37 2.89 -13.75
N ARG A 904 10.69 2.69 -13.71
CA ARG A 904 11.44 2.61 -12.46
C ARG A 904 10.86 1.55 -11.53
N LYS A 905 10.45 0.43 -12.10
CA LYS A 905 9.92 -0.67 -11.32
C LYS A 905 11.06 -1.51 -10.71
N ASP A 906 10.72 -2.23 -9.66
CA ASP A 906 11.65 -3.16 -9.04
C ASP A 906 11.65 -4.48 -9.79
N ILE A 907 12.65 -5.32 -9.47
CA ILE A 907 12.71 -6.63 -10.10
C ILE A 907 11.56 -7.51 -9.65
N ASP A 908 11.16 -7.40 -8.38
CA ASP A 908 10.09 -8.24 -7.87
C ASP A 908 8.76 -7.91 -8.55
N THR A 909 8.42 -6.62 -8.65
CA THR A 909 7.17 -6.23 -9.29
C THR A 909 7.16 -6.65 -10.75
N LEU A 910 8.28 -6.43 -11.45
CA LEU A 910 8.36 -6.83 -12.85
C LEU A 910 8.23 -8.34 -13.02
N ALA A 911 8.84 -9.10 -12.10
CA ALA A 911 8.74 -10.56 -12.17
C ALA A 911 7.31 -11.03 -11.95
N THR A 912 6.62 -10.45 -10.97
CA THR A 912 5.24 -10.84 -10.72
C THR A 912 4.34 -10.47 -11.89
N GLU A 913 4.54 -9.29 -12.47
CA GLU A 913 3.69 -8.87 -13.59
C GLU A 913 3.90 -9.75 -14.81
N LEU A 914 5.13 -10.18 -15.05
CA LEU A 914 5.46 -10.95 -16.25
C LEU A 914 5.38 -12.45 -16.01
N ASN A 915 4.97 -12.88 -14.81
CA ASN A 915 4.85 -14.30 -14.47
C ASN A 915 6.15 -15.05 -14.73
N LEU A 916 7.25 -14.47 -14.30
CA LEU A 916 8.57 -15.06 -14.41
C LEU A 916 9.28 -15.00 -13.07
N PRO A 917 10.18 -15.94 -12.79
CA PRO A 917 10.96 -15.87 -11.55
C PRO A 917 11.89 -14.67 -11.56
N GLY A 918 12.21 -14.18 -10.36
CA GLY A 918 13.05 -13.01 -10.25
C GLY A 918 14.42 -13.20 -10.87
N SER A 919 14.98 -14.41 -10.76
CA SER A 919 16.28 -14.67 -11.34
C SER A 919 16.25 -14.59 -12.86
N GLN A 920 15.16 -15.07 -13.47
CA GLN A 920 15.07 -15.06 -14.93
C GLN A 920 14.89 -13.65 -15.49
N VAL A 921 14.25 -12.75 -14.75
CA VAL A 921 14.13 -11.37 -15.21
C VAL A 921 15.51 -10.74 -15.32
N LEU A 922 16.36 -10.93 -14.32
CA LEU A 922 17.71 -10.39 -14.37
C LEU A 922 18.56 -11.11 -15.42
N ALA A 923 18.34 -12.41 -15.58
CA ALA A 923 19.09 -13.17 -16.57
C ALA A 923 18.85 -12.66 -17.98
N ILE A 924 17.59 -12.32 -18.29
CA ILE A 924 17.29 -11.72 -19.58
C ILE A 924 17.61 -10.23 -19.59
N PHE A 925 17.76 -9.61 -18.42
CA PHE A 925 18.14 -8.21 -18.35
C PHE A 925 19.62 -8.01 -18.62
N MET A 926 20.46 -8.95 -18.19
CA MET A 926 21.89 -8.86 -18.49
C MET A 926 22.13 -9.00 -19.99
N LYS A 927 21.37 -9.86 -20.66
CA LYS A 927 21.51 -10.00 -22.11
C LYS A 927 21.13 -8.73 -22.85
N ILE A 928 20.26 -7.90 -22.28
CA ILE A 928 20.03 -6.58 -22.85
C ILE A 928 21.29 -5.73 -22.74
N MET A 929 21.95 -5.76 -21.57
CA MET A 929 23.18 -5.02 -21.38
C MET A 929 24.34 -5.55 -22.22
N ARG A 930 24.42 -6.86 -22.42
CA ARG A 930 25.48 -7.41 -23.25
C ARG A 930 25.33 -7.01 -24.71
N LYS A 931 24.17 -6.49 -25.11
CA LYS A 931 23.98 -5.97 -26.46
C LYS A 931 24.26 -4.47 -26.55
N VAL A 932 23.85 -3.71 -25.54
CA VAL A 932 24.14 -2.28 -25.51
C VAL A 932 25.62 -2.03 -25.30
N THR A 933 26.23 -2.78 -24.38
CA THR A 933 27.66 -2.58 -24.09
C THR A 933 28.51 -2.89 -25.31
N GLN A 934 28.18 -3.97 -26.03
CA GLN A 934 28.94 -4.30 -27.23
C GLN A 934 28.83 -3.19 -28.28
N HIS A 935 27.64 -2.64 -28.46
CA HIS A 935 27.48 -1.56 -29.42
C HIS A 935 28.25 -0.31 -28.98
N PHE A 936 28.20 0.02 -27.69
CA PHE A 936 28.95 1.18 -27.21
C PHE A 936 30.45 0.98 -27.40
N GLY A 937 30.95 -0.21 -27.13
CA GLY A 937 32.37 -0.48 -27.33
C GLY A 937 32.78 -0.39 -28.79
N ALA A 938 31.98 -0.98 -29.68
CA ALA A 938 32.27 -0.89 -31.10
C ALA A 938 32.16 0.55 -31.60
N LEU A 939 31.31 1.36 -30.96
CA LEU A 939 31.17 2.74 -31.36
C LEU A 939 32.38 3.57 -30.93
N VAL A 940 32.83 3.39 -29.69
CA VAL A 940 33.96 4.19 -29.20
C VAL A 940 35.26 3.75 -29.87
N SER A 941 35.43 2.43 -30.07
CA SER A 941 36.66 1.94 -30.67
C SER A 941 36.80 2.43 -32.11
N GLY A 942 35.72 2.39 -32.88
CA GLY A 942 35.75 2.82 -34.26
C GLY A 942 34.62 3.77 -34.63
N THR B 19 39.63 -41.11 43.77
CA THR B 19 38.80 -40.19 44.51
C THR B 19 38.64 -38.87 43.77
N VAL B 20 37.83 -37.96 44.33
CA VAL B 20 37.60 -36.64 43.75
C VAL B 20 37.81 -35.61 44.85
N ASP B 21 38.23 -34.41 44.47
CA ASP B 21 38.37 -33.31 45.40
C ASP B 21 37.02 -33.01 46.03
N SER B 22 37.03 -32.73 47.35
CA SER B 22 35.79 -32.56 48.08
C SER B 22 34.98 -31.38 47.57
N ARG B 23 35.63 -30.37 47.01
CA ARG B 23 34.93 -29.17 46.56
C ARG B 23 34.06 -29.40 45.34
N ILE B 24 34.27 -30.46 44.57
CA ILE B 24 33.46 -30.71 43.38
C ILE B 24 32.07 -31.19 43.80
N PRO B 25 31.92 -32.29 44.58
CA PRO B 25 30.57 -32.66 45.04
C PRO B 25 29.96 -31.58 45.90
N THR B 26 30.80 -30.85 46.66
CA THR B 26 30.30 -29.77 47.48
C THR B 26 29.67 -28.66 46.65
N LEU B 27 30.35 -28.20 45.61
CA LEU B 27 29.79 -27.21 44.71
C LEU B 27 28.55 -27.72 43.97
N ILE B 28 28.56 -28.97 43.52
CA ILE B 28 27.38 -29.52 42.86
C ILE B 28 26.19 -29.57 43.80
N ARG B 29 26.41 -30.00 45.05
CA ARG B 29 25.33 -30.06 46.03
C ARG B 29 24.81 -28.66 46.36
N ASN B 30 25.72 -27.68 46.50
CA ASN B 30 25.28 -26.32 46.77
C ASN B 30 24.44 -25.78 45.62
N GLY B 31 24.87 -26.05 44.39
CA GLY B 31 24.08 -25.61 43.25
C GLY B 31 22.72 -26.27 43.19
N LEU B 32 22.66 -27.58 43.48
CA LEU B 32 21.39 -28.28 43.45
C LEU B 32 20.44 -27.78 44.54
N GLN B 33 20.98 -27.52 45.74
CA GLN B 33 20.13 -27.12 46.85
C GLN B 33 19.67 -25.67 46.70
N THR B 34 20.56 -24.77 46.29
CA THR B 34 20.21 -23.37 46.15
C THR B 34 19.60 -23.04 44.79
N LYS B 35 19.45 -24.03 43.92
CA LYS B 35 18.90 -23.84 42.57
C LYS B 35 19.73 -22.82 41.78
N LYS B 36 21.05 -22.90 41.92
CA LYS B 36 21.97 -22.04 41.18
C LYS B 36 22.86 -22.91 40.31
N ARG B 37 23.27 -22.35 39.17
CA ARG B 37 24.09 -23.11 38.23
C ARG B 37 25.51 -23.26 38.76
N SER B 38 26.22 -24.23 38.20
CA SER B 38 27.62 -24.49 38.55
C SER B 38 28.45 -24.52 37.28
N PHE B 39 29.62 -23.90 37.34
CA PHE B 39 30.52 -23.78 36.20
C PHE B 39 31.71 -24.70 36.39
N PHE B 40 31.98 -25.53 35.39
CA PHE B 40 33.12 -26.43 35.40
C PHE B 40 33.85 -26.34 34.07
N VAL B 41 35.17 -26.17 34.13
CA VAL B 41 36.01 -26.08 32.95
C VAL B 41 37.00 -27.23 33.00
N VAL B 42 37.02 -28.05 31.95
CA VAL B 42 37.84 -29.26 31.89
C VAL B 42 38.92 -29.06 30.84
N VAL B 43 40.16 -29.34 31.22
CA VAL B 43 41.30 -29.28 30.31
C VAL B 43 41.93 -30.67 30.24
N GLY B 44 42.36 -31.06 29.06
CA GLY B 44 42.96 -32.36 28.85
C GLY B 44 42.47 -32.99 27.56
N ASP B 45 42.98 -34.20 27.31
CA ASP B 45 42.65 -34.94 26.10
C ASP B 45 41.56 -35.98 26.31
N HIS B 46 41.07 -36.16 27.54
CA HIS B 46 40.05 -37.15 27.85
C HIS B 46 38.95 -36.53 28.72
N ALA B 47 38.43 -35.39 28.25
CA ALA B 47 37.38 -34.69 28.99
C ALA B 47 36.09 -35.50 29.10
N LYS B 48 35.95 -36.55 28.28
CA LYS B 48 34.75 -37.39 28.38
C LYS B 48 34.65 -38.05 29.74
N GLU B 49 35.78 -38.54 30.27
CA GLU B 49 35.78 -39.14 31.59
C GLU B 49 35.35 -38.14 32.66
N ALA B 50 35.88 -36.91 32.57
CA ALA B 50 35.52 -35.87 33.54
C ALA B 50 34.03 -35.55 33.45
N ILE B 51 33.50 -35.44 32.24
CA ILE B 51 32.08 -35.13 32.07
C ILE B 51 31.21 -36.24 32.62
N VAL B 52 31.58 -37.49 32.38
CA VAL B 52 30.83 -38.62 32.90
C VAL B 52 30.85 -38.61 34.42
N HIS B 53 32.03 -38.38 35.01
CA HIS B 53 32.14 -38.36 36.46
C HIS B 53 31.43 -37.16 37.09
N LEU B 54 31.29 -36.06 36.36
CA LEU B 54 30.54 -34.91 36.85
C LEU B 54 29.03 -35.08 36.70
N TYR B 55 28.58 -35.81 35.69
CA TYR B 55 27.17 -36.13 35.53
C TYR B 55 26.71 -37.16 36.55
N TYR B 56 27.55 -38.17 36.83
CA TYR B 56 27.22 -39.16 37.84
C TYR B 56 27.04 -38.48 39.19
N ILE B 57 27.97 -37.59 39.53
CA ILE B 57 27.89 -36.89 40.82
C ILE B 57 26.66 -36.02 40.89
N MET B 58 26.36 -35.31 39.80
CA MET B 58 25.17 -34.43 39.79
C MET B 58 23.89 -35.25 39.94
N SER B 59 23.81 -36.39 39.25
CA SER B 59 22.58 -37.18 39.29
C SER B 59 22.43 -37.98 40.58
N SER B 60 23.53 -38.33 41.24
CA SER B 60 23.43 -39.19 42.41
C SER B 60 22.79 -38.51 43.61
N MET B 61 22.77 -37.17 43.63
CA MET B 61 22.23 -36.45 44.77
C MET B 61 20.80 -35.96 44.56
N ASP B 62 20.38 -35.75 43.31
CA ASP B 62 19.05 -35.26 43.00
C ASP B 62 18.39 -36.13 41.95
N VAL B 63 17.10 -36.36 42.11
CA VAL B 63 16.34 -37.16 41.16
C VAL B 63 15.35 -36.33 40.35
N ARG B 64 14.97 -35.14 40.82
CA ARG B 64 14.03 -34.31 40.07
C ARG B 64 14.70 -33.43 39.03
N GLN B 65 16.03 -33.50 38.89
CA GLN B 65 16.75 -32.83 37.81
C GLN B 65 17.69 -33.84 37.15
N ASN B 66 17.18 -34.54 36.14
CA ASN B 66 17.95 -35.44 35.30
C ASN B 66 17.62 -35.19 33.84
N LYS B 67 17.56 -33.92 33.46
CA LYS B 67 17.04 -33.53 32.16
C LYS B 67 18.05 -33.84 31.06
N SER B 68 17.72 -33.38 29.85
CA SER B 68 18.56 -33.64 28.69
C SER B 68 19.87 -32.87 28.79
N VAL B 69 20.88 -33.39 28.10
CA VAL B 69 22.22 -32.80 28.09
C VAL B 69 22.46 -32.19 26.72
N LEU B 70 22.84 -30.91 26.70
CA LEU B 70 23.11 -30.22 25.44
C LEU B 70 24.60 -30.27 25.14
N TRP B 71 24.95 -30.72 23.94
CA TRP B 71 26.34 -30.82 23.50
C TRP B 71 26.51 -29.97 22.26
N ALA B 72 27.51 -29.10 22.27
CA ALA B 72 27.77 -28.18 21.17
C ALA B 72 29.18 -28.41 20.65
N TYR B 73 29.28 -28.65 19.34
CA TYR B 73 30.58 -28.80 18.70
C TYR B 73 30.51 -28.20 17.30
N LYS B 74 31.69 -27.87 16.77
CA LYS B 74 31.77 -27.23 15.46
C LYS B 74 31.64 -28.24 14.33
N LYS B 75 32.35 -29.35 14.42
CA LYS B 75 32.29 -30.38 13.40
C LYS B 75 32.47 -31.77 14.01
N PRO B 107 31.74 -46.72 30.59
CA PRO B 107 31.49 -45.41 31.18
C PRO B 107 30.87 -44.42 30.20
N PHE B 108 31.70 -43.78 29.38
CA PHE B 108 31.20 -42.81 28.41
C PHE B 108 30.30 -43.48 27.38
N GLU B 109 30.69 -44.65 26.90
CA GLU B 109 29.86 -45.38 25.93
C GLU B 109 28.50 -45.71 26.51
N LEU B 110 28.46 -46.14 27.78
CA LEU B 110 27.19 -46.34 28.46
C LEU B 110 26.50 -45.02 28.76
N PHE B 111 27.27 -43.96 28.98
CA PHE B 111 26.67 -42.66 29.30
C PHE B 111 25.86 -42.11 28.14
N ILE B 112 26.38 -42.25 26.91
CA ILE B 112 25.66 -41.72 25.76
C ILE B 112 24.34 -42.45 25.53
N SER B 113 24.28 -43.75 25.78
CA SER B 113 23.11 -44.55 25.46
C SER B 113 22.09 -44.62 26.60
N LEU B 114 22.30 -43.86 27.67
CA LEU B 114 21.39 -43.90 28.82
C LEU B 114 20.70 -42.58 29.10
N ASN B 115 21.20 -41.46 28.58
CA ASN B 115 20.63 -40.16 28.87
C ASN B 115 20.36 -39.40 27.57
N ASP B 116 19.29 -38.63 27.58
CA ASP B 116 18.90 -37.83 26.42
C ASP B 116 19.95 -36.75 26.17
N ILE B 117 20.66 -36.86 25.05
CA ILE B 117 21.70 -35.91 24.68
C ILE B 117 21.30 -35.25 23.39
N ARG B 118 21.26 -33.91 23.38
CA ARG B 118 20.93 -33.14 22.19
C ARG B 118 22.20 -32.49 21.66
N TYR B 119 22.51 -32.76 20.40
CA TYR B 119 23.68 -32.19 19.74
C TYR B 119 23.24 -30.97 18.93
N CYS B 120 23.92 -29.86 19.12
CA CYS B 120 23.62 -28.63 18.40
C CYS B 120 24.89 -28.03 17.82
N TYR B 121 24.82 -27.63 16.57
CA TYR B 121 25.95 -26.96 15.93
C TYR B 121 26.06 -25.52 16.42
N TYR B 122 27.25 -24.95 16.26
CA TYR B 122 27.46 -23.57 16.66
C TYR B 122 26.62 -22.61 15.83
N LYS B 123 26.54 -22.84 14.52
CA LYS B 123 25.71 -22.03 13.67
C LYS B 123 24.22 -22.27 13.88
N GLU B 124 23.86 -23.37 14.54
CA GLU B 124 22.46 -23.71 14.78
C GLU B 124 22.03 -23.41 16.21
N THR B 125 22.82 -22.65 16.97
CA THR B 125 22.44 -22.31 18.34
C THR B 125 21.19 -21.44 18.41
N ASP B 126 20.80 -20.82 17.30
CA ASP B 126 19.53 -20.10 17.27
C ASP B 126 18.33 -21.03 17.32
N LYS B 127 18.53 -22.32 17.08
CA LYS B 127 17.45 -23.29 17.08
C LYS B 127 17.07 -23.76 18.48
N ILE B 128 17.90 -23.48 19.49
CA ILE B 128 17.64 -23.93 20.85
C ILE B 128 17.12 -22.80 21.74
N LEU B 129 16.72 -21.67 21.15
CA LEU B 129 16.15 -20.59 21.93
C LEU B 129 14.85 -21.02 22.58
N GLY B 130 14.71 -20.75 23.87
CA GLY B 130 13.51 -21.09 24.60
C GLY B 130 13.47 -22.47 25.21
N ASN B 131 14.47 -23.31 24.95
CA ASN B 131 14.51 -24.63 25.54
C ASN B 131 15.07 -24.57 26.95
N THR B 132 15.25 -25.73 27.56
CA THR B 132 15.82 -25.83 28.90
C THR B 132 16.48 -27.19 29.06
N TYR B 133 17.78 -27.19 29.36
CA TYR B 133 18.56 -28.41 29.47
C TYR B 133 19.19 -28.50 30.85
N GLY B 134 19.40 -29.74 31.31
CA GLY B 134 19.95 -29.95 32.63
C GLY B 134 21.45 -29.78 32.72
N MET B 135 22.15 -29.76 31.60
CA MET B 135 23.60 -29.58 31.60
C MET B 135 24.05 -29.26 30.19
N CYS B 136 24.89 -28.23 30.06
CA CYS B 136 25.38 -27.77 28.76
C CYS B 136 26.86 -28.09 28.63
N ILE B 137 27.26 -28.49 27.43
CA ILE B 137 28.64 -28.88 27.15
C ILE B 137 29.12 -28.12 25.92
N LEU B 138 30.30 -27.52 26.03
CA LEU B 138 30.95 -26.84 24.92
C LEU B 138 32.27 -27.54 24.62
N GLN B 139 32.45 -27.96 23.38
CA GLN B 139 33.60 -28.80 23.03
C GLN B 139 34.77 -28.00 22.48
N ASP B 140 34.50 -27.13 21.50
CA ASP B 140 35.56 -26.40 20.81
C ASP B 140 35.69 -25.01 21.42
N PHE B 141 36.81 -24.76 22.09
CA PHE B 141 37.12 -23.40 22.56
C PHE B 141 37.35 -22.48 21.37
N GLU B 142 38.01 -22.96 20.32
CA GLU B 142 38.41 -22.11 19.20
C GLU B 142 37.23 -21.54 18.44
N ALA B 143 36.00 -21.85 18.83
CA ALA B 143 34.83 -21.41 18.08
C ALA B 143 33.80 -20.66 18.92
N ILE B 144 33.90 -20.69 20.24
CA ILE B 144 32.87 -20.10 21.09
C ILE B 144 33.03 -18.58 21.05
N THR B 145 32.26 -17.94 20.19
CA THR B 145 32.12 -16.50 20.23
C THR B 145 31.25 -16.13 21.42
N PRO B 146 31.31 -14.87 21.88
CA PRO B 146 30.43 -14.47 22.99
C PRO B 146 28.96 -14.68 22.71
N ASN B 147 28.53 -14.54 21.46
CA ASN B 147 27.15 -14.85 21.11
C ASN B 147 26.81 -16.30 21.44
N ILE B 148 27.70 -17.22 21.10
CA ILE B 148 27.46 -18.63 21.39
C ILE B 148 27.39 -18.86 22.89
N LEU B 149 28.30 -18.24 23.64
CA LEU B 149 28.30 -18.42 25.09
C LEU B 149 27.01 -17.93 25.71
N ALA B 150 26.54 -16.76 25.30
CA ALA B 150 25.28 -16.23 25.83
C ALA B 150 24.11 -17.10 25.43
N ARG B 151 24.09 -17.61 24.20
CA ARG B 151 22.97 -18.42 23.74
C ARG B 151 22.92 -19.77 24.43
N THR B 152 24.09 -20.36 24.71
CA THR B 152 24.16 -21.73 25.19
C THR B 152 24.26 -21.85 26.70
N ILE B 153 24.56 -20.77 27.42
CA ILE B 153 24.64 -20.82 28.88
C ILE B 153 23.28 -20.51 29.51
N GLU B 154 22.50 -19.61 28.91
CA GLU B 154 21.24 -19.21 29.51
C GLU B 154 20.18 -20.31 29.48
N THR B 155 20.40 -21.40 28.75
CA THR B 155 19.43 -22.47 28.65
C THR B 155 19.74 -23.64 29.58
N VAL B 156 20.27 -23.35 30.77
CA VAL B 156 20.57 -24.37 31.77
C VAL B 156 19.76 -24.08 33.01
N GLU B 157 19.03 -25.08 33.51
CA GLU B 157 18.22 -24.90 34.70
C GLU B 157 19.12 -24.81 35.93
N GLY B 158 18.59 -24.19 36.98
CA GLY B 158 19.34 -24.06 38.21
C GLY B 158 19.69 -25.43 38.80
N GLY B 159 20.90 -25.53 39.34
CA GLY B 159 21.40 -26.78 39.83
C GLY B 159 22.11 -27.63 38.80
N GLY B 160 22.08 -27.24 37.53
CA GLY B 160 22.76 -27.97 36.49
C GLY B 160 24.22 -27.61 36.42
N LEU B 161 24.89 -28.15 35.40
CA LEU B 161 26.31 -27.93 35.19
C LEU B 161 26.52 -27.31 33.81
N VAL B 162 27.30 -26.24 33.77
CA VAL B 162 27.77 -25.64 32.54
C VAL B 162 29.23 -26.06 32.39
N VAL B 163 29.48 -27.03 31.51
CA VAL B 163 30.81 -27.61 31.36
C VAL B 163 31.41 -27.12 30.06
N LEU B 164 32.61 -26.54 30.15
CA LEU B 164 33.36 -26.08 28.99
C LEU B 164 34.61 -26.92 28.85
N LEU B 165 34.77 -27.57 27.69
CA LEU B 165 35.92 -28.49 27.49
C LEU B 165 37.08 -27.75 26.81
N LEU B 166 38.27 -27.80 27.41
CA LEU B 166 39.47 -27.17 26.78
C LEU B 166 40.44 -28.28 26.37
N LYS B 167 41.14 -28.12 25.25
CA LYS B 167 42.08 -29.16 24.77
C LYS B 167 43.26 -29.27 25.74
N GLY B 168 43.88 -30.44 25.83
CA GLY B 168 45.03 -30.63 26.73
C GLY B 168 46.06 -29.53 26.54
N MET B 169 46.43 -28.85 27.62
CA MET B 169 47.39 -27.70 27.51
C MET B 169 48.54 -27.90 28.51
N THR B 170 49.78 -27.76 28.04
CA THR B 170 50.96 -27.90 28.95
C THR B 170 50.86 -26.82 30.04
N SER B 171 50.48 -25.60 29.68
CA SER B 171 50.31 -24.52 30.68
C SER B 171 49.15 -23.61 30.24
N LEU B 172 48.21 -23.34 31.15
CA LEU B 172 47.09 -22.41 30.82
C LEU B 172 47.67 -21.12 30.26
N LYS B 173 48.97 -20.88 30.46
CA LYS B 173 49.59 -19.65 29.97
C LYS B 173 49.64 -19.59 28.45
N GLN B 174 49.38 -20.71 27.77
CA GLN B 174 49.35 -20.68 26.31
C GLN B 174 47.97 -20.38 25.76
N LEU B 175 46.98 -20.12 26.62
CA LEU B 175 45.64 -19.81 26.12
C LEU B 175 45.57 -18.43 25.48
N TYR B 176 46.34 -17.46 25.98
CA TYR B 176 46.22 -16.10 25.47
C TYR B 176 46.67 -15.99 24.02
N THR B 177 47.43 -16.97 23.52
CA THR B 177 47.88 -17.00 22.13
C THR B 177 47.49 -18.35 21.53
N MET B 178 46.24 -18.45 21.09
CA MET B 178 45.74 -19.65 20.43
C MET B 178 44.77 -19.23 19.33
N THR B 179 44.81 -19.97 18.22
CA THR B 179 44.17 -19.58 16.97
C THR B 179 42.65 -19.68 17.09
N MET B 180 42.01 -18.51 17.23
CA MET B 180 40.56 -18.41 17.10
C MET B 180 40.15 -18.77 15.67
N ASP B 181 39.08 -19.55 15.52
CA ASP B 181 38.52 -19.76 14.19
C ASP B 181 37.87 -18.49 13.65
N VAL B 182 37.63 -17.50 14.51
CA VAL B 182 37.06 -16.25 14.07
C VAL B 182 38.14 -15.21 13.72
N HIS B 183 39.37 -15.42 14.19
CA HIS B 183 40.44 -14.46 13.93
C HIS B 183 40.71 -14.29 12.45
N ALA B 184 40.43 -15.33 11.66
CA ALA B 184 40.67 -15.28 10.21
C ALA B 184 39.90 -14.15 9.56
N ARG B 185 38.75 -13.78 10.14
CA ARG B 185 37.95 -12.71 9.55
C ARG B 185 38.52 -11.34 9.86
N TYR B 186 39.13 -11.15 11.03
CA TYR B 186 39.69 -9.85 11.37
C TYR B 186 40.93 -9.52 10.55
N ARG B 187 41.77 -10.52 10.29
CA ARG B 187 43.04 -10.26 9.63
C ARG B 187 42.83 -9.79 8.20
N THR B 188 43.79 -9.01 7.72
CA THR B 188 43.70 -8.38 6.40
C THR B 188 45.09 -8.39 5.79
N GLU B 189 45.17 -8.05 4.50
CA GLU B 189 46.47 -7.96 3.84
C GLU B 189 47.34 -6.89 4.48
N ALA B 190 46.76 -5.74 4.82
CA ALA B 190 47.54 -4.67 5.45
C ALA B 190 48.01 -5.08 6.85
N HIS B 191 47.10 -5.63 7.66
CA HIS B 191 47.41 -6.06 9.02
C HIS B 191 47.09 -7.54 9.15
N ASP B 192 48.13 -8.36 9.32
CA ASP B 192 47.97 -9.81 9.35
C ASP B 192 48.03 -10.39 10.75
N ASP B 193 48.99 -9.97 11.57
CA ASP B 193 49.13 -10.52 12.91
C ASP B 193 47.97 -10.10 13.81
N VAL B 194 47.59 -10.98 14.73
CA VAL B 194 46.51 -10.75 15.66
C VAL B 194 46.94 -11.22 17.04
N ILE B 195 46.80 -10.34 18.04
CA ILE B 195 47.10 -10.68 19.42
C ILE B 195 45.78 -10.92 20.14
N ALA B 196 45.58 -12.14 20.61
CA ALA B 196 44.33 -12.51 21.24
C ALA B 196 44.29 -11.97 22.67
N ARG B 197 43.38 -11.01 22.91
CA ARG B 197 43.18 -10.44 24.23
C ARG B 197 41.92 -10.93 24.92
N PHE B 198 40.95 -11.41 24.14
CA PHE B 198 39.66 -11.89 24.71
C PHE B 198 39.93 -13.10 25.62
N ASN B 199 40.72 -14.07 25.13
CA ASN B 199 41.05 -15.27 25.93
C ASN B 199 41.77 -14.84 27.21
N GLU B 200 42.62 -13.82 27.13
CA GLU B 200 43.36 -13.32 28.31
C GLU B 200 42.36 -12.95 29.41
N ARG B 201 41.39 -12.10 29.09
CA ARG B 201 40.38 -11.66 30.09
C ARG B 201 39.51 -12.87 30.48
N PHE B 202 39.18 -13.74 29.53
CA PHE B 202 38.31 -14.91 29.80
C PHE B 202 38.93 -15.73 30.94
N LEU B 203 40.22 -16.07 30.83
CA LEU B 203 40.88 -16.91 31.85
C LEU B 203 40.89 -16.17 33.20
N LEU B 204 41.14 -14.87 33.18
CA LEU B 204 41.22 -14.08 34.45
C LEU B 204 39.83 -13.90 35.06
N SER B 205 38.79 -13.78 34.22
CA SER B 205 37.41 -13.55 34.73
C SER B 205 36.96 -14.70 35.64
N LEU B 206 37.49 -15.91 35.40
CA LEU B 206 37.06 -17.10 36.19
C LEU B 206 37.24 -16.84 37.69
N GLY B 207 38.38 -16.25 38.09
CA GLY B 207 38.63 -16.03 39.50
C GLY B 207 37.63 -15.16 40.21
N SER B 208 36.73 -14.51 39.48
CA SER B 208 35.71 -13.66 40.06
C SER B 208 34.38 -14.38 40.27
N CYS B 209 34.28 -15.65 39.88
CA CYS B 209 33.06 -16.43 40.02
C CYS B 209 33.24 -17.47 41.12
N GLU B 210 32.33 -17.46 42.09
CA GLU B 210 32.43 -18.38 43.21
C GLU B 210 31.93 -19.78 42.88
N SER B 211 31.21 -19.95 41.78
CA SER B 211 30.71 -21.26 41.38
C SER B 211 31.50 -21.87 40.22
N CYS B 212 32.63 -21.27 39.85
CA CYS B 212 33.42 -21.71 38.72
C CYS B 212 34.62 -22.51 39.21
N LEU B 213 34.70 -23.77 38.80
CA LEU B 213 35.80 -24.65 39.14
C LEU B 213 36.48 -25.12 37.87
N VAL B 214 37.81 -25.03 37.85
CA VAL B 214 38.61 -25.49 36.71
C VAL B 214 39.29 -26.78 37.13
N ILE B 215 39.09 -27.84 36.35
CA ILE B 215 39.59 -29.16 36.69
C ILE B 215 40.30 -29.75 35.48
N ASP B 216 41.17 -30.71 35.75
CA ASP B 216 41.98 -31.36 34.73
C ASP B 216 41.38 -32.72 34.38
N ASP B 217 42.12 -33.48 33.57
CA ASP B 217 41.69 -34.83 33.21
C ASP B 217 41.65 -35.74 34.44
N GLU B 218 42.51 -35.47 35.43
CA GLU B 218 42.56 -36.25 36.66
C GLU B 218 41.63 -35.69 37.74
N LEU B 219 40.80 -34.70 37.41
CA LEU B 219 39.87 -34.08 38.35
C LEU B 219 40.62 -33.45 39.53
N ASN B 220 41.45 -32.47 39.21
CA ASN B 220 42.23 -31.74 40.20
C ASN B 220 41.96 -30.25 40.06
N VAL B 221 41.67 -29.59 41.18
CA VAL B 221 41.38 -28.16 41.15
C VAL B 221 42.68 -27.38 40.97
N LEU B 222 42.60 -26.28 40.20
CA LEU B 222 43.73 -25.42 39.95
C LEU B 222 43.58 -24.08 40.67
N PRO B 223 44.68 -23.41 41.00
CA PRO B 223 44.58 -22.10 41.67
C PRO B 223 43.82 -21.06 40.88
N ILE B 224 43.73 -21.19 39.56
CA ILE B 224 42.98 -20.22 38.76
C ILE B 224 41.49 -20.29 39.10
N SER B 225 41.03 -21.42 39.63
CA SER B 225 39.62 -21.58 39.94
C SER B 225 39.16 -20.53 40.94
N GLY B 226 38.03 -19.89 40.63
CA GLY B 226 37.47 -18.87 41.50
C GLY B 226 36.58 -19.38 42.60
N GLY B 227 36.39 -20.69 42.70
CA GLY B 227 35.55 -21.25 43.73
C GLY B 227 36.27 -22.27 44.59
N LYS B 228 37.59 -22.12 44.74
CA LYS B 228 38.35 -23.03 45.58
C LYS B 228 38.11 -22.80 47.07
N GLY B 229 37.54 -21.65 47.43
CA GLY B 229 37.24 -21.37 48.83
C GLY B 229 35.80 -21.68 49.18
N VAL B 230 35.13 -22.49 48.36
CA VAL B 230 33.75 -22.83 48.60
C VAL B 230 33.63 -23.73 49.83
N LYS B 231 32.52 -23.57 50.57
CA LYS B 231 32.26 -24.34 51.76
C LYS B 231 30.87 -24.96 51.69
N PRO B 232 30.68 -26.14 52.28
CA PRO B 232 29.35 -26.77 52.23
C PRO B 232 28.30 -25.93 52.95
N LEU B 233 27.10 -25.91 52.37
CA LEU B 233 25.98 -25.23 52.98
C LEU B 233 25.27 -26.15 53.97
N PRO B 234 24.64 -25.59 54.99
CA PRO B 234 23.89 -26.42 55.95
C PRO B 234 22.77 -27.17 55.25
N PRO B 235 22.49 -28.40 55.66
CA PRO B 235 21.44 -29.17 55.00
C PRO B 235 20.09 -28.49 55.19
N PRO B 236 19.21 -28.58 54.20
CA PRO B 236 17.91 -27.90 54.28
C PRO B 236 16.85 -28.74 54.97
N ASP B 237 15.69 -28.15 55.20
CA ASP B 237 14.53 -28.85 55.78
C ASP B 237 13.30 -28.46 54.99
N GLU B 238 12.81 -29.36 54.14
CA GLU B 238 11.65 -29.12 53.30
C GLU B 238 10.33 -29.40 54.01
N ASP B 239 10.37 -29.87 55.25
CA ASP B 239 9.14 -30.17 55.97
C ASP B 239 8.33 -28.91 56.24
N GLU B 240 8.98 -27.86 56.74
CA GLU B 240 8.33 -26.60 57.06
C GLU B 240 8.95 -25.39 56.38
N GLU B 241 10.28 -25.35 56.28
CA GLU B 241 10.95 -24.21 55.68
C GLU B 241 10.69 -24.17 54.18
N LEU B 242 10.28 -23.00 53.68
CA LEU B 242 10.06 -22.80 52.26
C LEU B 242 10.39 -21.36 51.92
N SER B 243 10.76 -21.14 50.65
CA SER B 243 11.12 -19.81 50.21
C SER B 243 9.89 -18.89 50.25
N PRO B 244 10.07 -17.63 50.64
CA PRO B 244 8.93 -16.70 50.62
C PRO B 244 8.33 -16.51 49.24
N ALA B 245 9.14 -16.58 48.19
CA ALA B 245 8.62 -16.45 46.83
C ALA B 245 7.66 -17.59 46.50
N ALA B 246 8.03 -18.81 46.87
CA ALA B 246 7.16 -19.96 46.60
C ALA B 246 5.85 -19.85 47.37
N LYS B 247 5.91 -19.36 48.60
CA LYS B 247 4.65 -19.14 49.35
C LYS B 247 3.83 -18.06 48.64
N GLU B 248 4.46 -16.96 48.22
CA GLU B 248 3.71 -15.84 47.59
C GLU B 248 3.03 -16.35 46.31
N LEU B 249 3.76 -17.07 45.46
CA LEU B 249 3.18 -17.54 44.18
C LEU B 249 1.97 -18.42 44.47
N LYS B 250 2.12 -19.45 45.31
CA LYS B 250 1.00 -20.40 45.56
C LYS B 250 -0.16 -19.64 46.20
N LYS B 251 0.12 -18.61 47.00
CA LYS B 251 -0.97 -17.80 47.58
C LYS B 251 -1.72 -17.06 46.47
N ILE B 252 -0.99 -16.43 45.55
CA ILE B 252 -1.63 -15.64 44.45
C ILE B 252 -2.27 -16.61 43.46
N LYS B 253 -1.91 -17.91 43.53
CA LYS B 253 -2.58 -18.92 42.68
C LYS B 253 -3.84 -19.40 43.39
N ASP B 254 -3.74 -19.90 44.62
CA ASP B 254 -4.91 -20.45 45.27
C ASP B 254 -5.99 -19.40 45.53
N GLU B 255 -5.62 -18.12 45.58
CA GLU B 255 -6.63 -17.08 45.81
C GLU B 255 -7.59 -16.99 44.63
N LEU B 256 -7.10 -17.10 43.41
CA LEU B 256 -7.91 -16.94 42.21
C LEU B 256 -8.29 -18.26 41.57
N GLU B 257 -8.16 -19.37 42.29
CA GLU B 257 -8.45 -20.68 41.72
C GLU B 257 -9.92 -20.80 41.32
N ASP B 258 -10.84 -20.25 42.12
CA ASP B 258 -12.25 -20.34 41.80
C ASP B 258 -12.60 -19.59 40.52
N THR B 259 -12.02 -18.39 40.35
CA THR B 259 -12.34 -17.57 39.19
C THR B 259 -11.79 -18.19 37.92
N GLN B 260 -12.48 -17.95 36.81
CA GLN B 260 -12.04 -18.38 35.49
C GLN B 260 -12.17 -17.17 34.55
N PRO B 261 -11.35 -17.08 33.50
CA PRO B 261 -10.30 -18.01 33.07
C PRO B 261 -8.96 -17.72 33.73
N ILE B 262 -8.90 -16.70 34.59
CA ILE B 262 -7.64 -16.34 35.23
C ILE B 262 -7.14 -17.45 36.14
N GLY B 263 -8.06 -18.19 36.76
CA GLY B 263 -7.64 -19.26 37.66
C GLY B 263 -6.88 -20.36 36.95
N SER B 264 -7.35 -20.75 35.77
CA SER B 264 -6.69 -21.79 34.99
C SER B 264 -5.54 -21.26 34.16
N LEU B 265 -5.38 -19.94 34.04
CA LEU B 265 -4.30 -19.34 33.27
C LEU B 265 -3.24 -18.72 34.18
N ILE B 266 -3.41 -18.84 35.49
CA ILE B 266 -2.38 -18.40 36.43
C ILE B 266 -1.60 -19.56 37.00
N LYS B 267 -1.99 -20.80 36.71
CA LYS B 267 -1.25 -21.98 37.13
C LYS B 267 -0.09 -22.29 36.20
N LEU B 268 0.10 -21.50 35.15
CA LEU B 268 1.23 -21.64 34.25
C LEU B 268 2.43 -20.79 34.63
N ALA B 269 2.20 -19.67 35.31
CA ALA B 269 3.31 -18.82 35.74
C ALA B 269 4.15 -19.52 36.80
N ARG B 270 5.45 -19.25 36.78
CA ARG B 270 6.39 -19.86 37.71
C ARG B 270 7.08 -18.89 38.65
N THR B 271 6.98 -17.59 38.41
CA THR B 271 7.59 -16.59 39.28
C THR B 271 6.52 -15.63 39.77
N VAL B 272 6.82 -14.96 40.89
CA VAL B 272 5.90 -13.98 41.44
C VAL B 272 5.71 -12.82 40.47
N ASP B 273 6.81 -12.36 39.86
CA ASP B 273 6.71 -11.27 38.90
C ASP B 273 5.91 -11.68 37.68
N GLN B 274 6.07 -12.93 37.22
CA GLN B 274 5.25 -13.42 36.12
C GLN B 274 3.78 -13.44 36.50
N ALA B 275 3.47 -13.88 37.72
CA ALA B 275 2.08 -13.91 38.17
C ALA B 275 1.49 -12.51 38.22
N LYS B 276 2.26 -11.53 38.72
CA LYS B 276 1.77 -10.15 38.74
C LYS B 276 1.59 -9.60 37.34
N ALA B 277 2.50 -9.95 36.42
CA ALA B 277 2.35 -9.51 35.03
C ALA B 277 1.09 -10.09 34.41
N LEU B 278 0.82 -11.38 34.66
CA LEU B 278 -0.42 -11.98 34.17
C LEU B 278 -1.63 -11.31 34.79
N LEU B 279 -1.56 -11.00 36.08
CA LEU B 279 -2.69 -10.37 36.76
C LEU B 279 -3.00 -9.00 36.16
N THR B 280 -1.97 -8.19 35.91
CA THR B 280 -2.24 -6.87 35.33
C THR B 280 -2.66 -6.97 33.87
N PHE B 281 -2.10 -7.93 33.12
CA PHE B 281 -2.55 -8.14 31.74
C PHE B 281 -4.02 -8.51 31.70
N VAL B 282 -4.44 -9.43 32.58
CA VAL B 282 -5.83 -9.86 32.61
C VAL B 282 -6.74 -8.75 33.12
N ASP B 283 -6.30 -7.97 34.10
CA ASP B 283 -7.08 -6.85 34.59
C ASP B 283 -7.18 -5.71 33.58
N ALA B 284 -6.30 -5.72 32.57
CA ALA B 284 -6.42 -4.72 31.48
C ALA B 284 -7.30 -5.34 30.38
N ILE B 285 -7.21 -6.66 30.20
CA ILE B 285 -8.06 -7.37 29.19
C ILE B 285 -9.50 -7.45 29.70
N ALA B 286 -9.68 -7.86 30.96
CA ALA B 286 -11.04 -7.96 31.55
C ALA B 286 -11.69 -6.58 31.52
N GLU B 287 -10.88 -5.52 31.68
CA GLU B 287 -11.42 -4.14 31.60
C GLU B 287 -12.02 -3.93 30.21
N LYS B 288 -11.50 -4.63 29.20
CA LYS B 288 -12.03 -4.52 27.82
C LYS B 288 -12.07 -3.04 27.41
N THR B 289 -11.02 -2.29 27.76
CA THR B 289 -10.95 -0.86 27.40
C THR B 289 -9.90 -0.66 26.31
N LEU B 290 -10.29 -0.03 25.20
CA LEU B 290 -9.36 0.21 24.07
C LEU B 290 -8.53 1.46 24.39
N ARG B 291 -8.60 1.95 25.63
CA ARG B 291 -7.80 3.13 26.05
C ARG B 291 -6.78 2.67 27.09
N ASN B 292 -6.28 1.43 26.96
CA ASN B 292 -5.26 0.90 27.90
C ASN B 292 -4.01 0.51 27.11
N THR B 293 -2.83 0.65 27.72
CA THR B 293 -1.56 0.24 27.06
C THR B 293 -0.58 -0.28 28.12
N VAL B 294 -0.35 -1.59 28.15
CA VAL B 294 0.55 -2.18 29.19
C VAL B 294 1.87 -2.60 28.53
N THR B 295 2.99 -2.04 29.01
CA THR B 295 4.33 -2.40 28.45
C THR B 295 5.05 -3.31 29.44
N LEU B 296 5.84 -4.27 28.93
CA LEU B 296 6.57 -5.22 29.81
C LEU B 296 8.06 -5.18 29.47
N THR B 297 8.87 -4.64 30.40
CA THR B 297 10.32 -4.58 30.19
C THR B 297 10.98 -5.54 31.15
N ALA B 298 11.80 -6.44 30.61
CA ALA B 298 12.48 -7.43 31.45
C ALA B 298 13.73 -7.91 30.76
N ALA B 299 14.67 -8.42 31.55
CA ALA B 299 15.90 -8.96 31.00
C ALA B 299 15.61 -10.25 30.24
N ARG B 300 16.63 -10.74 29.55
CA ARG B 300 16.49 -11.97 28.77
C ARG B 300 16.47 -13.17 29.71
N GLY B 301 15.52 -14.07 29.50
CA GLY B 301 15.35 -15.23 30.34
C GLY B 301 14.41 -15.05 31.51
N ARG B 302 13.90 -13.84 31.73
CA ARG B 302 12.98 -13.60 32.83
C ARG B 302 11.57 -14.11 32.55
N GLY B 303 11.21 -14.32 31.29
CA GLY B 303 9.93 -14.91 30.95
C GLY B 303 8.90 -13.93 30.44
N LYS B 304 9.31 -12.97 29.61
CA LYS B 304 8.35 -12.08 28.98
C LYS B 304 7.46 -12.84 28.00
N SER B 305 8.04 -13.76 27.24
CA SER B 305 7.29 -14.45 26.20
C SER B 305 6.17 -15.29 26.81
N ALA B 306 6.45 -16.00 27.89
CA ALA B 306 5.43 -16.84 28.51
C ALA B 306 4.29 -16.00 29.08
N ALA B 307 4.62 -14.90 29.77
CA ALA B 307 3.59 -14.03 30.32
C ALA B 307 2.73 -13.44 29.21
N MET B 308 3.35 -12.98 28.13
CA MET B 308 2.58 -12.41 27.03
C MET B 308 1.73 -13.46 26.32
N GLY B 309 2.25 -14.68 26.19
CA GLY B 309 1.47 -15.73 25.57
C GLY B 309 0.25 -16.11 26.40
N VAL B 310 0.41 -16.24 27.71
CA VAL B 310 -0.75 -16.54 28.53
C VAL B 310 -1.70 -15.35 28.55
N ALA B 311 -1.19 -14.13 28.46
CA ALA B 311 -2.08 -12.97 28.34
C ALA B 311 -2.88 -13.01 27.05
N ILE B 312 -2.25 -13.41 25.94
CA ILE B 312 -2.97 -13.55 24.68
C ILE B 312 -4.04 -14.62 24.79
N ALA B 313 -3.71 -15.73 25.45
CA ALA B 313 -4.72 -16.78 25.65
C ALA B 313 -5.89 -16.27 26.48
N ALA B 314 -5.60 -15.46 27.52
CA ALA B 314 -6.67 -14.88 28.32
C ALA B 314 -7.52 -13.93 27.49
N ALA B 315 -6.89 -13.14 26.61
CA ALA B 315 -7.65 -12.26 25.74
C ALA B 315 -8.55 -13.06 24.80
N VAL B 316 -8.05 -14.18 24.28
CA VAL B 316 -8.88 -15.05 23.44
C VAL B 316 -10.06 -15.57 24.24
N ALA B 317 -9.81 -16.03 25.47
CA ALA B 317 -10.89 -16.56 26.30
C ALA B 317 -11.88 -15.48 26.74
N TYR B 318 -11.48 -14.21 26.70
CA TYR B 318 -12.35 -13.14 27.15
C TYR B 318 -13.22 -12.55 26.04
N GLY B 319 -13.16 -13.12 24.84
CA GLY B 319 -14.04 -12.66 23.78
C GLY B 319 -13.45 -11.58 22.90
N TYR B 320 -12.21 -11.77 22.47
CA TYR B 320 -11.55 -10.85 21.56
C TYR B 320 -11.49 -11.47 20.18
N SER B 321 -11.92 -10.72 19.17
CA SER B 321 -12.03 -11.26 17.81
C SER B 321 -10.72 -11.17 17.05
N ASN B 322 -10.17 -9.97 16.90
CA ASN B 322 -8.98 -9.73 16.11
C ASN B 322 -7.82 -9.40 17.04
N ILE B 323 -6.82 -10.30 17.06
CA ILE B 323 -5.62 -10.11 17.87
C ILE B 323 -4.42 -10.18 16.94
N PHE B 324 -3.60 -9.13 16.96
CA PHE B 324 -2.45 -9.02 16.06
C PHE B 324 -1.17 -8.98 16.87
N ILE B 325 -0.19 -9.77 16.45
CA ILE B 325 1.13 -9.78 17.09
C ILE B 325 2.18 -9.28 16.11
N THR B 326 2.72 -8.10 16.37
CA THR B 326 3.72 -7.50 15.49
C THR B 326 5.11 -7.71 16.08
N SER B 327 5.99 -8.33 15.30
CA SER B 327 7.35 -8.61 15.75
C SER B 327 8.30 -8.42 14.58
N PRO B 328 9.58 -8.13 14.86
CA PRO B 328 10.54 -7.95 13.76
C PRO B 328 10.68 -9.17 12.87
N SER B 329 10.59 -10.38 13.44
CA SER B 329 10.68 -11.60 12.67
C SER B 329 9.80 -12.66 13.32
N PRO B 330 9.07 -13.44 12.53
CA PRO B 330 8.18 -14.46 13.11
C PRO B 330 8.90 -15.56 13.86
N GLU B 331 10.20 -15.77 13.62
CA GLU B 331 10.93 -16.79 14.35
C GLU B 331 11.10 -16.45 15.82
N ASN B 332 11.05 -15.16 16.18
CA ASN B 332 11.04 -14.81 17.60
C ASN B 332 9.74 -15.24 18.26
N LEU B 333 8.67 -15.38 17.48
CA LEU B 333 7.36 -15.78 17.99
C LEU B 333 7.22 -17.31 17.95
N LYS B 334 8.12 -17.97 18.68
CA LYS B 334 8.06 -19.41 18.85
C LYS B 334 7.65 -19.82 20.26
N THR B 335 8.38 -19.36 21.27
CA THR B 335 7.97 -19.59 22.65
C THR B 335 6.67 -18.88 23.02
N LEU B 336 6.43 -17.70 22.43
CA LEU B 336 5.18 -17.00 22.68
C LEU B 336 3.98 -17.82 22.23
N PHE B 337 4.03 -18.32 20.99
CA PHE B 337 2.93 -19.16 20.52
C PHE B 337 2.91 -20.51 21.20
N GLU B 338 4.05 -21.04 21.64
CA GLU B 338 4.03 -22.26 22.44
C GLU B 338 3.26 -22.05 23.74
N PHE B 339 3.46 -20.91 24.40
CA PHE B 339 2.73 -20.65 25.63
C PHE B 339 1.28 -20.26 25.38
N VAL B 340 0.99 -19.65 24.23
CA VAL B 340 -0.41 -19.44 23.84
C VAL B 340 -1.12 -20.79 23.71
N PHE B 341 -0.47 -21.74 23.06
CA PHE B 341 -1.05 -23.08 22.92
C PHE B 341 -1.17 -23.78 24.27
N LYS B 342 -0.19 -23.57 25.15
CA LYS B 342 -0.28 -24.13 26.50
C LYS B 342 -1.48 -23.55 27.25
N GLY B 343 -1.70 -22.24 27.12
CA GLY B 343 -2.87 -21.64 27.74
C GLY B 343 -4.17 -22.16 27.15
N PHE B 344 -4.20 -22.36 25.84
CA PHE B 344 -5.38 -22.95 25.21
C PHE B 344 -5.64 -24.36 25.75
N ASP B 345 -4.59 -25.16 25.90
CA ASP B 345 -4.73 -26.50 26.45
C ASP B 345 -5.24 -26.44 27.89
N ALA B 346 -4.72 -25.50 28.68
CA ALA B 346 -5.21 -25.32 30.04
C ALA B 346 -6.64 -24.80 30.08
N LEU B 347 -7.12 -24.20 28.98
CA LEU B 347 -8.50 -23.74 28.89
C LEU B 347 -9.43 -24.80 28.31
N ASP B 348 -9.02 -26.07 28.35
CA ASP B 348 -9.83 -27.20 27.91
C ASP B 348 -10.17 -27.15 26.42
N TYR B 349 -9.39 -26.44 25.62
CA TYR B 349 -9.60 -26.44 24.18
C TYR B 349 -9.08 -27.75 23.59
N LYS B 350 -9.64 -28.11 22.44
CA LYS B 350 -9.25 -29.34 21.74
C LYS B 350 -8.59 -28.99 20.43
N ASP B 351 -7.48 -29.66 20.13
CA ASP B 351 -6.76 -29.42 18.89
C ASP B 351 -7.57 -29.90 17.69
N HIS B 352 -7.49 -29.15 16.60
CA HIS B 352 -8.12 -29.45 15.32
C HIS B 352 -9.64 -29.52 15.41
N ALA B 353 -10.22 -29.15 16.54
CA ALA B 353 -11.67 -29.15 16.68
C ALA B 353 -12.15 -27.78 17.15
N ASP B 354 -11.35 -27.13 17.98
CA ASP B 354 -11.66 -25.78 18.44
C ASP B 354 -10.70 -24.73 17.90
N TYR B 355 -9.53 -25.12 17.42
CA TYR B 355 -8.60 -24.17 16.83
C TYR B 355 -7.73 -24.86 15.80
N THR B 356 -7.45 -24.16 14.72
CA THR B 356 -6.55 -24.62 13.67
C THR B 356 -5.37 -23.68 13.57
N ILE B 357 -4.19 -24.24 13.32
CA ILE B 357 -2.94 -23.49 13.29
C ILE B 357 -2.49 -23.34 11.85
N ILE B 358 -2.28 -22.11 11.41
CA ILE B 358 -1.81 -21.80 10.07
C ILE B 358 -0.35 -21.41 10.16
N GLN B 359 0.51 -22.19 9.49
CA GLN B 359 1.95 -22.01 9.56
C GLN B 359 2.47 -21.68 8.16
N SER B 360 3.31 -20.65 8.07
CA SER B 360 3.86 -20.21 6.79
C SER B 360 5.04 -21.10 6.43
N THR B 361 4.86 -21.95 5.42
CA THR B 361 5.90 -22.88 5.01
C THR B 361 6.65 -22.42 3.76
N ASN B 362 5.99 -21.64 2.90
CA ASN B 362 6.64 -21.21 1.67
C ASN B 362 7.88 -20.35 1.90
N PRO B 363 7.86 -19.31 2.76
CA PRO B 363 9.08 -18.51 2.96
C PRO B 363 10.15 -19.25 3.75
N GLU B 364 11.23 -18.54 4.09
CA GLU B 364 12.35 -19.17 4.78
C GLU B 364 11.96 -19.69 6.16
N PHE B 365 11.19 -18.92 6.92
CA PHE B 365 10.83 -19.31 8.28
C PHE B 365 9.70 -20.33 8.21
N ASN B 366 10.08 -21.59 7.95
CA ASN B 366 9.09 -22.65 7.81
C ASN B 366 8.38 -22.91 9.13
N LYS B 367 9.14 -23.01 10.23
CA LYS B 367 8.55 -23.35 11.52
C LYS B 367 7.74 -22.21 12.13
N ALA B 368 7.79 -21.02 11.56
CA ALA B 368 7.13 -19.86 12.16
C ALA B 368 5.61 -20.01 12.07
N ILE B 369 4.93 -19.74 13.18
CA ILE B 369 3.47 -19.69 13.19
C ILE B 369 3.03 -18.26 12.91
N VAL B 370 2.13 -18.10 11.95
CA VAL B 370 1.75 -16.77 11.49
C VAL B 370 0.28 -16.49 11.82
N ARG B 371 -0.54 -17.53 11.83
CA ARG B 371 -1.96 -17.33 12.07
C ARG B 371 -2.53 -18.49 12.87
N VAL B 372 -3.36 -18.17 13.86
CA VAL B 372 -4.11 -19.14 14.64
C VAL B 372 -5.58 -18.74 14.58
N ASN B 373 -6.44 -19.70 14.24
CA ASN B 373 -7.86 -19.45 14.10
C ASN B 373 -8.62 -20.09 15.27
N ILE B 374 -9.55 -19.33 15.85
CA ILE B 374 -10.39 -19.79 16.94
C ILE B 374 -11.84 -19.76 16.45
N HIS B 375 -12.54 -20.90 16.59
CA HIS B 375 -13.95 -20.98 16.15
C HIS B 375 -14.76 -21.73 17.22
N ARG B 376 -14.28 -21.70 18.47
CA ARG B 376 -15.00 -22.39 19.57
C ARG B 376 -16.01 -21.42 20.19
N ASN B 377 -15.55 -20.47 21.02
CA ASN B 377 -16.45 -19.46 21.60
C ASN B 377 -17.03 -18.62 20.45
N HIS B 378 -16.16 -18.08 19.60
CA HIS B 378 -16.60 -17.30 18.41
C HIS B 378 -15.39 -17.14 17.48
N ARG B 379 -15.59 -16.60 16.28
CA ARG B 379 -14.45 -16.51 15.33
C ARG B 379 -13.38 -15.56 15.90
N GLN B 380 -12.21 -16.09 16.24
CA GLN B 380 -11.10 -15.25 16.77
C GLN B 380 -9.83 -15.59 15.98
N THR B 381 -8.96 -14.60 15.76
CA THR B 381 -7.76 -14.84 14.91
C THR B 381 -6.51 -14.24 15.57
N ILE B 382 -5.41 -15.01 15.62
CA ILE B 382 -4.12 -14.47 16.16
C ILE B 382 -3.19 -14.32 14.96
N GLN B 383 -3.19 -13.13 14.32
CA GLN B 383 -2.42 -12.96 13.10
C GLN B 383 -1.08 -12.30 13.40
N TYR B 384 -0.02 -12.80 12.78
CA TYR B 384 1.28 -12.15 12.84
C TYR B 384 1.42 -11.22 11.65
N ILE B 385 1.79 -9.97 11.93
CA ILE B 385 2.01 -8.98 10.89
C ILE B 385 3.39 -8.36 11.08
N ARG B 386 3.95 -7.87 9.99
CA ARG B 386 5.20 -7.14 10.07
C ARG B 386 4.97 -5.77 10.68
N PRO B 387 5.99 -5.17 11.30
CA PRO B 387 5.80 -3.84 11.90
C PRO B 387 5.43 -2.76 10.91
N GLN B 388 5.70 -2.95 9.63
CA GLN B 388 5.37 -1.97 8.60
C GLN B 388 3.97 -2.14 8.05
N ASP B 389 3.19 -3.08 8.58
CA ASP B 389 1.84 -3.36 8.11
C ASP B 389 0.77 -2.76 9.03
N ALA B 390 0.99 -1.53 9.51
CA ALA B 390 0.05 -0.89 10.42
C ALA B 390 -1.28 -0.55 9.75
N HIS B 391 -1.36 -0.72 8.44
CA HIS B 391 -2.60 -0.41 7.67
C HIS B 391 -3.68 -1.47 7.94
N VAL B 392 -3.31 -2.57 8.61
CA VAL B 392 -4.27 -3.71 8.81
C VAL B 392 -4.79 -3.68 10.26
N LEU B 393 -4.50 -2.61 11.00
CA LEU B 393 -4.90 -2.56 12.43
C LEU B 393 -6.20 -1.75 12.58
N GLY B 394 -6.96 -1.60 11.49
CA GLY B 394 -8.23 -0.86 11.53
C GLY B 394 -9.24 -1.51 12.47
N GLN B 395 -9.31 -2.85 12.44
CA GLN B 395 -10.29 -3.59 13.29
C GLN B 395 -9.54 -4.28 14.44
N ALA B 396 -8.26 -3.95 14.62
CA ALA B 396 -7.45 -4.61 15.67
C ALA B 396 -8.09 -4.39 17.04
N GLU B 397 -8.31 -5.47 17.79
CA GLU B 397 -8.87 -5.35 19.17
C GLU B 397 -7.71 -5.44 20.17
N LEU B 398 -6.67 -6.20 19.82
CA LEU B 398 -5.47 -6.33 20.69
C LEU B 398 -4.22 -6.42 19.83
N VAL B 399 -3.35 -5.40 19.87
CA VAL B 399 -2.11 -5.44 19.13
C VAL B 399 -0.97 -5.59 20.12
N VAL B 400 -0.28 -6.72 20.05
CA VAL B 400 0.83 -7.04 20.96
C VAL B 400 2.12 -6.85 20.18
N ILE B 401 2.95 -5.92 20.63
CA ILE B 401 4.20 -5.58 19.95
C ILE B 401 5.32 -6.26 20.73
N ASP B 402 5.88 -7.32 20.18
CA ASP B 402 7.01 -7.99 20.80
C ASP B 402 8.31 -7.28 20.42
N GLU B 403 9.17 -7.10 21.42
CA GLU B 403 10.44 -6.38 21.24
C GLU B 403 10.20 -4.98 20.69
N ALA B 404 9.39 -4.22 21.43
CA ALA B 404 9.01 -2.88 21.00
C ALA B 404 10.19 -1.92 20.96
N ALA B 405 11.22 -2.14 21.79
CA ALA B 405 12.39 -1.27 21.77
C ALA B 405 13.16 -1.39 20.45
N ALA B 406 13.33 -2.62 19.95
CA ALA B 406 14.06 -2.84 18.72
C ALA B 406 13.32 -2.34 17.49
N ILE B 407 12.01 -2.20 17.56
CA ILE B 407 11.21 -1.67 16.44
C ILE B 407 11.52 -0.18 16.30
N PRO B 408 11.73 0.32 15.08
CA PRO B 408 11.99 1.76 14.92
C PRO B 408 10.85 2.59 15.46
N LEU B 409 11.20 3.77 15.98
CA LEU B 409 10.20 4.60 16.65
C LEU B 409 9.02 5.00 15.76
N PRO B 410 9.21 5.44 14.51
CA PRO B 410 8.03 5.73 13.68
C PRO B 410 7.11 4.54 13.49
N LEU B 411 7.67 3.34 13.36
CA LEU B 411 6.82 2.15 13.22
C LEU B 411 5.99 1.91 14.47
N VAL B 412 6.58 2.10 15.65
CA VAL B 412 5.83 1.96 16.90
C VAL B 412 4.76 3.03 16.98
N LYS B 413 5.08 4.26 16.57
CA LYS B 413 4.08 5.32 16.57
C LYS B 413 2.91 4.97 15.66
N LYS B 414 3.18 4.37 14.50
CA LYS B 414 2.12 4.03 13.58
C LYS B 414 1.31 2.83 14.05
N LEU B 415 1.95 1.86 14.71
CA LEU B 415 1.25 0.66 15.17
C LEU B 415 0.25 0.94 16.29
N MET B 416 0.43 2.04 17.02
CA MET B 416 -0.48 2.37 18.10
C MET B 416 -1.74 3.03 17.56
N GLY B 417 -2.88 2.67 18.13
CA GLY B 417 -4.16 3.20 17.71
C GLY B 417 -5.16 3.25 18.84
N PRO B 418 -6.45 3.24 18.49
CA PRO B 418 -7.52 3.27 19.50
C PRO B 418 -7.94 1.88 19.95
N TYR B 419 -6.98 1.11 20.45
CA TYR B 419 -7.25 -0.25 20.91
C TYR B 419 -6.32 -0.55 22.09
N LEU B 420 -6.25 -1.82 22.46
CA LEU B 420 -5.43 -2.26 23.58
C LEU B 420 -4.10 -2.77 23.06
N VAL B 421 -3.01 -2.20 23.55
CA VAL B 421 -1.67 -2.47 23.04
C VAL B 421 -0.85 -3.11 24.15
N PHE B 422 -0.24 -4.25 23.85
CA PHE B 422 0.70 -4.91 24.74
C PHE B 422 2.10 -4.74 24.17
N MET B 423 3.06 -4.40 25.02
CA MET B 423 4.42 -4.11 24.59
C MET B 423 5.41 -4.95 25.37
N ALA B 424 6.48 -5.36 24.70
CA ALA B 424 7.57 -6.08 25.34
C ALA B 424 8.89 -5.44 24.95
N SER B 425 9.84 -5.47 25.88
CA SER B 425 11.17 -4.94 25.62
C SER B 425 12.17 -5.70 26.48
N THR B 426 13.35 -5.94 25.92
CA THR B 426 14.46 -6.54 26.65
C THR B 426 15.49 -5.44 26.90
N ILE B 427 15.46 -4.87 28.11
CA ILE B 427 16.27 -3.70 28.43
C ILE B 427 17.63 -4.08 29.00
N SER B 428 17.93 -5.36 29.15
CA SER B 428 19.21 -5.80 29.69
C SER B 428 19.49 -7.20 29.18
N GLY B 429 20.67 -7.71 29.52
CA GLY B 429 21.02 -9.06 29.14
C GLY B 429 21.30 -9.21 27.66
N TYR B 430 21.42 -10.46 27.26
CA TYR B 430 21.77 -10.79 25.87
C TYR B 430 20.65 -10.38 24.92
N GLU B 431 21.04 -9.92 23.73
CA GLU B 431 20.12 -9.46 22.69
C GLU B 431 19.22 -8.33 23.16
N GLY B 432 19.64 -7.62 24.21
CA GLY B 432 18.85 -6.54 24.75
C GLY B 432 18.97 -5.27 23.94
N THR B 433 18.26 -4.26 24.41
CA THR B 433 18.28 -2.93 23.80
C THR B 433 18.90 -1.94 24.77
N GLY B 434 19.58 -0.94 24.22
CA GLY B 434 20.20 0.06 25.05
C GLY B 434 19.18 0.87 25.83
N ARG B 435 19.61 1.41 26.97
CA ARG B 435 18.71 2.15 27.83
C ARG B 435 18.16 3.39 27.15
N SER B 436 18.92 3.98 26.22
CA SER B 436 18.46 5.20 25.57
C SER B 436 17.22 4.96 24.71
N LEU B 437 17.19 3.86 23.96
CA LEU B 437 16.03 3.58 23.11
C LEU B 437 14.79 3.26 23.94
N SER B 438 14.96 2.47 25.00
CA SER B 438 13.83 2.18 25.88
C SER B 438 13.33 3.46 26.54
N LEU B 439 14.23 4.34 26.96
CA LEU B 439 13.82 5.61 27.55
C LEU B 439 13.06 6.45 26.55
N LYS B 440 13.52 6.49 25.29
CA LYS B 440 12.81 7.24 24.26
C LYS B 440 11.41 6.69 24.05
N LEU B 441 11.29 5.36 23.99
CA LEU B 441 9.98 4.73 23.78
C LEU B 441 9.04 5.04 24.94
N ILE B 442 9.54 4.91 26.17
CA ILE B 442 8.70 5.17 27.34
C ILE B 442 8.31 6.64 27.40
N LYS B 443 9.22 7.54 27.04
CA LYS B 443 8.90 8.96 27.02
C LYS B 443 7.83 9.26 25.98
N GLN B 444 7.92 8.63 24.80
CA GLN B 444 6.89 8.82 23.79
C GLN B 444 5.54 8.32 24.29
N LEU B 445 5.52 7.15 24.92
CA LEU B 445 4.27 6.61 25.44
C LEU B 445 3.67 7.54 26.50
N ARG B 446 4.51 8.04 27.41
CA ARG B 446 4.01 8.93 28.45
C ARG B 446 3.49 10.23 27.85
N GLU B 447 4.19 10.78 26.86
CA GLU B 447 3.72 12.00 26.21
C GLU B 447 2.42 11.81 25.46
N GLN B 448 2.22 10.67 24.79
CA GLN B 448 0.98 10.39 24.08
C GLN B 448 -0.14 10.01 25.04
N SER B 449 0.19 9.46 26.20
CA SER B 449 -0.82 9.06 27.17
C SER B 449 -0.87 10.02 28.35
N ARG B 480 -3.35 7.20 25.69
CA ARG B 480 -4.49 7.24 26.64
C ARG B 480 -4.00 6.84 28.04
N SER B 481 -3.95 5.54 28.33
CA SER B 481 -3.46 5.05 29.65
C SER B 481 -2.26 4.12 29.44
N LEU B 482 -1.19 4.31 30.20
CA LEU B 482 0.03 3.48 30.05
C LEU B 482 0.33 2.74 31.37
N LYS B 483 0.57 1.43 31.31
CA LYS B 483 0.92 0.65 32.52
C LYS B 483 2.35 0.11 32.34
N GLU B 484 3.21 0.28 33.35
CA GLU B 484 4.62 -0.16 33.22
C GLU B 484 4.92 -1.26 34.26
N ILE B 485 5.21 -2.48 33.79
CA ILE B 485 5.53 -3.58 34.67
C ILE B 485 6.90 -4.12 34.30
N THR B 486 7.55 -4.77 35.27
CA THR B 486 8.91 -5.25 35.12
C THR B 486 9.04 -6.62 35.77
N LEU B 487 9.81 -7.49 35.13
CA LEU B 487 10.14 -8.80 35.67
C LEU B 487 11.61 -8.83 36.08
N SER B 488 11.88 -9.36 37.26
CA SER B 488 13.24 -9.42 37.79
C SER B 488 13.70 -10.84 38.06
N GLU B 489 12.89 -11.64 38.73
CA GLU B 489 13.32 -12.98 39.11
C GLU B 489 13.38 -13.89 37.89
N PRO B 490 14.51 -14.52 37.59
CA PRO B 490 14.58 -15.46 36.47
C PRO B 490 13.86 -16.76 36.81
N ILE B 491 13.70 -17.58 35.78
CA ILE B 491 12.95 -18.83 35.89
C ILE B 491 13.87 -20.03 36.03
N ARG B 492 14.78 -20.22 35.09
CA ARG B 492 15.59 -21.43 35.05
C ARG B 492 16.56 -21.53 36.22
N TYR B 493 16.98 -20.40 36.80
CA TYR B 493 17.95 -20.40 37.87
C TYR B 493 17.53 -19.40 38.93
N ALA B 494 18.04 -19.58 40.14
CA ALA B 494 17.70 -18.69 41.24
C ALA B 494 18.24 -17.29 40.98
N GLN B 495 17.54 -16.30 41.54
CA GLN B 495 17.99 -14.92 41.44
C GLN B 495 19.35 -14.76 42.10
N GLY B 496 20.22 -13.97 41.47
CA GLY B 496 21.58 -13.85 41.94
C GLY B 496 22.46 -15.02 41.60
N ASP B 497 22.21 -15.68 40.47
CA ASP B 497 23.02 -16.82 40.06
C ASP B 497 24.45 -16.38 39.81
N ASN B 498 25.40 -17.23 40.20
CA ASN B 498 26.81 -16.87 40.08
C ASN B 498 27.29 -16.94 38.63
N VAL B 499 26.88 -17.99 37.90
CA VAL B 499 27.32 -18.12 36.51
C VAL B 499 26.73 -17.01 35.66
N GLU B 500 25.47 -16.63 35.91
CA GLU B 500 24.88 -15.51 35.18
C GLU B 500 25.63 -14.21 35.46
N LYS B 501 26.15 -14.06 36.69
CA LYS B 501 26.95 -12.86 37.01
C LYS B 501 28.23 -12.86 36.17
N TRP B 502 28.96 -13.98 36.12
CA TRP B 502 30.25 -14.05 35.37
C TRP B 502 30.01 -13.79 33.88
N LEU B 503 29.07 -14.49 33.25
CA LEU B 503 28.82 -14.34 31.79
C LEU B 503 28.24 -12.95 31.51
N ASN B 504 27.90 -12.20 32.55
CA ASN B 504 27.43 -10.80 32.32
C ASN B 504 28.60 -9.85 32.59
N THR B 505 29.76 -10.39 32.95
CA THR B 505 30.97 -9.55 33.15
C THR B 505 31.96 -9.83 32.01
N LEU B 506 32.17 -11.09 31.67
CA LEU B 506 33.07 -11.45 30.56
C LEU B 506 32.53 -10.85 29.26
N LEU B 507 31.22 -10.94 29.02
CA LEU B 507 30.63 -10.42 27.75
C LEU B 507 30.12 -9.00 27.96
N CYS B 508 30.32 -8.43 29.15
CA CYS B 508 29.80 -7.08 29.47
C CYS B 508 28.36 -6.94 28.97
N LEU B 509 27.44 -7.78 29.47
CA LEU B 509 26.04 -7.77 28.98
C LEU B 509 25.16 -6.94 29.91
N ASP B 510 25.75 -6.21 30.87
CA ASP B 510 24.95 -5.32 31.75
C ASP B 510 25.89 -4.33 32.44
N PRO B 524 30.79 19.45 32.18
CA PRO B 524 31.97 20.26 31.85
C PRO B 524 31.84 20.98 30.52
N ASP B 525 32.57 22.08 30.37
CA ASP B 525 32.53 22.83 29.13
C ASP B 525 33.11 21.99 27.98
N PRO B 526 32.46 21.97 26.82
CA PRO B 526 32.97 21.13 25.71
C PRO B 526 34.39 21.47 25.29
N SER B 527 34.77 22.75 25.36
CA SER B 527 36.11 23.15 24.97
C SER B 527 37.17 22.73 25.97
N GLN B 528 36.79 22.52 27.24
CA GLN B 528 37.74 22.13 28.27
C GLN B 528 38.12 20.66 28.21
N CYS B 529 37.32 19.83 27.54
CA CYS B 529 37.60 18.40 27.50
C CYS B 529 38.83 18.10 26.66
N GLU B 530 39.42 16.94 26.92
CA GLU B 530 40.58 16.47 26.19
C GLU B 530 40.37 15.01 25.80
N LEU B 531 41.06 14.58 24.76
CA LEU B 531 40.90 13.24 24.23
C LEU B 531 42.13 12.39 24.56
N LEU B 532 41.88 11.16 24.99
CA LEU B 532 42.95 10.22 25.33
C LEU B 532 42.77 8.93 24.57
N HIS B 533 43.89 8.27 24.29
CA HIS B 533 43.90 6.99 23.59
C HIS B 533 43.99 5.86 24.60
N VAL B 534 43.03 4.94 24.56
CA VAL B 534 42.94 3.87 25.54
C VAL B 534 43.76 2.68 25.03
N ASN B 535 44.75 2.27 25.81
CA ASN B 535 45.58 1.14 25.43
C ASN B 535 44.80 -0.16 25.59
N ARG B 536 44.75 -0.96 24.52
CA ARG B 536 44.00 -2.20 24.56
C ARG B 536 44.76 -3.35 25.19
N ASP B 537 46.06 -3.19 25.44
CA ASP B 537 46.82 -4.26 26.07
C ASP B 537 46.51 -4.37 27.56
N THR B 538 46.11 -3.27 28.19
CA THR B 538 45.78 -3.26 29.60
C THR B 538 44.28 -3.14 29.87
N LEU B 539 43.52 -2.59 28.92
CA LEU B 539 42.08 -2.51 29.07
C LEU B 539 41.42 -3.88 29.19
N PHE B 540 42.05 -4.90 28.63
CA PHE B 540 41.54 -6.27 28.68
C PHE B 540 42.45 -7.17 29.51
N SER B 541 43.02 -6.61 30.58
CA SER B 541 43.88 -7.35 31.49
C SER B 541 43.18 -7.73 32.79
N PHE B 542 41.89 -7.43 32.90
CA PHE B 542 41.08 -7.74 34.08
C PHE B 542 41.59 -7.07 35.35
N HIS B 543 42.32 -5.96 35.22
CA HIS B 543 42.64 -5.16 36.38
C HIS B 543 41.38 -4.46 36.88
N PRO B 544 41.20 -4.32 38.20
CA PRO B 544 39.96 -3.73 38.71
C PRO B 544 39.64 -2.35 38.13
N VAL B 545 40.64 -1.47 38.07
CA VAL B 545 40.42 -0.17 37.44
C VAL B 545 40.20 -0.33 35.94
N SER B 546 41.01 -1.17 35.29
CA SER B 546 40.84 -1.41 33.86
C SER B 546 39.49 -2.05 33.57
N GLU B 547 39.08 -3.01 34.40
CA GLU B 547 37.79 -3.65 34.19
C GLU B 547 36.64 -2.66 34.41
N LYS B 548 36.75 -1.81 35.43
CA LYS B 548 35.70 -0.81 35.65
C LYS B 548 35.58 0.13 34.47
N PHE B 549 36.72 0.60 33.95
CA PHE B 549 36.66 1.49 32.79
C PHE B 549 36.13 0.79 31.55
N LEU B 550 36.50 -0.49 31.38
CA LEU B 550 35.98 -1.24 30.24
C LEU B 550 34.46 -1.38 30.33
N GLN B 551 33.94 -1.67 31.52
CA GLN B 551 32.50 -1.76 31.68
C GLN B 551 31.83 -0.43 31.40
N GLN B 552 32.47 0.67 31.84
CA GLN B 552 31.92 2.03 31.60
C GLN B 552 31.70 2.23 30.10
N MET B 553 32.78 2.16 29.29
CA MET B 553 32.68 2.42 27.83
C MET B 553 31.71 1.42 27.18
N VAL B 554 31.79 0.14 27.58
CA VAL B 554 30.92 -0.91 26.98
C VAL B 554 29.45 -0.53 27.22
N ALA B 555 29.11 -0.12 28.45
CA ALA B 555 27.72 0.26 28.78
C ALA B 555 27.29 1.44 27.91
N LEU B 556 28.19 2.38 27.66
CA LEU B 556 27.86 3.58 26.83
C LEU B 556 27.43 3.10 25.44
N TYR B 557 28.18 2.16 24.85
CA TYR B 557 27.83 1.62 23.51
C TYR B 557 26.54 0.78 23.60
N VAL B 558 26.32 0.10 24.72
CA VAL B 558 25.13 -0.80 24.87
C VAL B 558 23.85 0.00 24.62
N ALA B 559 23.71 1.15 25.30
CA ALA B 559 22.50 1.98 25.14
C ALA B 559 22.34 2.37 23.67
N SER B 560 23.45 2.72 23.02
CA SER B 560 23.41 3.12 21.58
C SER B 560 23.45 1.87 20.69
N HIS B 561 22.42 1.01 20.81
CA HIS B 561 22.37 -0.23 19.99
C HIS B 561 20.97 -0.84 20.06
N TYR B 562 20.25 -0.83 18.94
CA TYR B 562 18.91 -1.40 18.90
C TYR B 562 18.89 -2.84 19.37
N LYS B 563 19.97 -3.58 19.13
CA LYS B 563 20.09 -4.95 19.62
C LYS B 563 21.52 -5.16 20.09
N ASN B 564 21.67 -5.57 21.35
CA ASN B 564 23.00 -5.79 21.91
C ASN B 564 23.60 -7.06 21.33
N SER B 565 24.87 -6.97 20.93
CA SER B 565 25.60 -8.11 20.38
C SER B 565 26.96 -8.17 21.08
N PRO B 566 27.25 -9.23 21.83
CA PRO B 566 28.55 -9.33 22.50
C PRO B 566 29.69 -9.75 21.59
N ASN B 567 29.43 -10.01 20.31
CA ASN B 567 30.52 -10.28 19.38
C ASN B 567 31.35 -9.02 19.10
N ASP B 568 30.73 -7.85 19.22
CA ASP B 568 31.49 -6.61 19.03
C ASP B 568 32.57 -6.46 20.08
N LEU B 569 32.36 -7.03 21.27
CA LEU B 569 33.43 -7.01 22.27
C LEU B 569 34.64 -7.81 21.82
N GLN B 570 34.41 -9.00 21.26
CA GLN B 570 35.52 -9.79 20.76
C GLN B 570 36.19 -9.10 19.58
N LEU B 571 35.39 -8.47 18.71
CA LEU B 571 35.98 -7.74 17.59
C LEU B 571 36.85 -6.59 18.08
N MET B 572 36.39 -5.85 19.09
CA MET B 572 37.17 -4.77 19.65
C MET B 572 38.45 -5.28 20.29
N SER B 573 38.37 -6.40 21.00
CA SER B 573 39.51 -6.90 21.75
C SER B 573 40.57 -7.51 20.84
N ASP B 574 40.16 -8.31 19.86
CA ASP B 574 41.09 -9.12 19.09
C ASP B 574 41.40 -8.55 17.70
N ALA B 575 40.90 -7.36 17.37
CA ALA B 575 41.18 -6.80 16.07
C ALA B 575 42.65 -6.43 15.95
N PRO B 576 43.23 -6.54 14.75
CA PRO B 576 44.66 -6.27 14.60
C PRO B 576 45.01 -4.79 14.54
N ALA B 577 44.08 -3.95 14.10
CA ALA B 577 44.37 -2.53 13.90
C ALA B 577 43.32 -1.59 14.47
N HIS B 578 42.41 -2.09 15.30
CA HIS B 578 41.36 -1.24 15.87
C HIS B 578 41.94 -0.41 17.01
N GLU B 579 41.69 0.90 16.98
CA GLU B 579 42.15 1.81 18.01
C GLU B 579 40.95 2.40 18.73
N LEU B 580 41.08 2.54 20.05
CA LEU B 580 40.01 3.05 20.89
C LEU B 580 40.40 4.41 21.44
N PHE B 581 39.55 5.41 21.20
CA PHE B 581 39.76 6.76 21.68
C PHE B 581 38.59 7.16 22.57
N VAL B 582 38.89 7.82 23.68
CA VAL B 582 37.87 8.23 24.63
C VAL B 582 38.06 9.71 24.94
N LEU B 583 36.96 10.39 25.25
CA LEU B 583 36.96 11.81 25.55
C LEU B 583 36.61 12.00 27.01
N THR B 584 37.51 12.62 27.77
CA THR B 584 37.32 12.85 29.19
C THR B 584 37.51 14.32 29.51
N GLY B 585 36.89 14.77 30.59
CA GLY B 585 37.04 16.13 31.04
C GLY B 585 38.32 16.32 31.82
N PRO B 586 38.47 17.52 32.39
CA PRO B 586 39.65 17.81 33.23
C PRO B 586 39.64 16.92 34.46
N ILE B 587 40.68 16.09 34.59
CA ILE B 587 40.74 15.09 35.65
C ILE B 587 42.09 15.21 36.35
N GLN B 588 42.08 14.96 37.66
CA GLN B 588 43.27 14.98 38.49
C GLN B 588 43.66 13.55 38.87
N GLU B 589 44.82 13.43 39.50
CA GLU B 589 45.33 12.12 39.89
C GLU B 589 44.45 11.52 40.99
N GLY B 590 44.40 10.18 41.00
CA GLY B 590 43.64 9.45 41.99
C GLY B 590 42.18 9.24 41.66
N ARG B 591 41.69 9.78 40.55
CA ARG B 591 40.30 9.63 40.14
C ARG B 591 40.26 9.17 38.69
N LEU B 592 39.53 8.10 38.42
CA LEU B 592 39.37 7.65 37.05
C LEU B 592 38.47 8.61 36.28
N PRO B 593 38.88 9.07 35.11
CA PRO B 593 38.03 10.02 34.37
C PRO B 593 36.74 9.39 33.89
N GLU B 594 35.70 10.21 33.82
CA GLU B 594 34.40 9.74 33.36
C GLU B 594 34.32 9.87 31.84
N PRO B 595 34.18 8.77 31.11
CA PRO B 595 34.13 8.85 29.64
C PRO B 595 32.84 9.49 29.16
N LEU B 596 32.97 10.64 28.50
CA LEU B 596 31.81 11.32 27.94
C LEU B 596 31.59 10.97 26.48
N CYS B 597 32.61 10.46 25.79
CA CYS B 597 32.49 10.07 24.40
C CYS B 597 33.58 9.06 24.08
N VAL B 598 33.20 7.97 23.45
CA VAL B 598 34.12 6.90 23.06
C VAL B 598 34.10 6.78 21.55
N ILE B 599 35.28 6.79 20.93
CA ILE B 599 35.44 6.67 19.50
C ILE B 599 36.28 5.44 19.21
N GLN B 600 35.78 4.56 18.37
CA GLN B 600 36.54 3.40 17.92
C GLN B 600 36.91 3.60 16.47
N VAL B 601 38.21 3.61 16.20
CA VAL B 601 38.75 3.89 14.86
C VAL B 601 39.47 2.64 14.38
N SER B 602 39.17 2.23 13.15
CA SER B 602 39.80 1.08 12.52
C SER B 602 40.63 1.55 11.34
N LEU B 603 41.87 1.09 11.27
CA LEU B 603 42.77 1.47 10.19
C LEU B 603 42.50 0.60 8.97
N GLU B 604 42.33 1.25 7.82
CA GLU B 604 41.98 0.55 6.58
C GLU B 604 42.77 1.13 5.42
N GLY B 605 42.95 0.31 4.38
CA GLY B 605 43.62 0.76 3.19
C GLY B 605 44.93 0.05 2.93
N LYS B 606 45.82 0.69 2.18
CA LYS B 606 47.13 0.15 1.84
C LYS B 606 47.01 -1.23 1.19
N ILE B 607 46.04 -1.36 0.29
CA ILE B 607 45.82 -2.58 -0.48
C ILE B 607 46.57 -2.47 -1.79
N SER B 608 47.36 -3.49 -2.11
CA SER B 608 48.16 -3.47 -3.32
C SER B 608 47.26 -3.43 -4.56
N LYS B 609 47.73 -2.74 -5.60
CA LYS B 609 46.96 -2.61 -6.83
C LYS B 609 46.75 -3.97 -7.49
N GLN B 610 47.72 -4.88 -7.38
CA GLN B 610 47.54 -6.20 -7.94
C GLN B 610 46.37 -6.93 -7.31
N SER B 611 46.23 -6.84 -5.98
CA SER B 611 45.08 -7.44 -5.32
C SER B 611 43.79 -6.74 -5.72
N ILE B 612 43.84 -5.43 -5.92
CA ILE B 612 42.65 -4.69 -6.36
C ILE B 612 42.17 -5.21 -7.71
N LEU B 613 43.09 -5.37 -8.66
CA LEU B 613 42.69 -5.88 -9.97
C LEU B 613 42.30 -7.35 -9.91
N LYS B 614 42.91 -8.12 -9.01
CA LYS B 614 42.55 -9.53 -8.85
C LYS B 614 41.11 -9.64 -8.36
N SER B 615 40.73 -8.79 -7.40
CA SER B 615 39.36 -8.83 -6.87
C SER B 615 38.35 -8.20 -7.81
N LEU B 616 38.74 -7.14 -8.53
CA LEU B 616 37.82 -6.42 -9.40
C LEU B 616 37.38 -7.23 -10.60
N SER B 617 38.12 -8.27 -10.96
CA SER B 617 37.76 -9.15 -12.06
C SER B 617 36.85 -10.28 -11.63
N ARG B 618 36.47 -10.32 -10.36
CA ARG B 618 35.56 -11.33 -9.84
C ARG B 618 34.56 -10.65 -8.93
N GLY B 619 33.76 -11.46 -8.22
CA GLY B 619 32.83 -10.93 -7.25
C GLY B 619 33.28 -11.16 -5.82
N GLN B 620 34.20 -12.11 -5.64
CA GLN B 620 34.71 -12.40 -4.31
C GLN B 620 35.55 -11.23 -3.79
N GLN B 621 35.44 -10.99 -2.49
CA GLN B 621 36.15 -9.92 -1.83
C GLN B 621 36.75 -10.44 -0.53
N PRO B 622 37.91 -9.93 -0.12
CA PRO B 622 38.49 -10.38 1.16
C PRO B 622 37.65 -10.03 2.36
N ALA B 623 36.80 -9.00 2.26
CA ALA B 623 35.87 -8.58 3.31
C ALA B 623 36.59 -8.09 4.56
N GLY B 624 37.92 -8.02 4.51
CA GLY B 624 38.65 -7.45 5.63
C GLY B 624 38.38 -5.96 5.81
N ASP B 625 38.39 -5.21 4.71
CA ASP B 625 38.15 -3.78 4.72
C ASP B 625 36.74 -3.49 4.22
N LEU B 626 36.23 -2.32 4.57
CA LEU B 626 34.89 -1.93 4.14
C LEU B 626 34.88 -0.73 3.21
N ILE B 627 35.39 0.40 3.64
CA ILE B 627 35.36 1.61 2.82
C ILE B 627 36.19 1.44 1.54
N PRO B 628 37.44 0.95 1.60
CA PRO B 628 38.16 0.75 0.33
C PRO B 628 37.53 -0.28 -0.58
N TRP B 629 37.18 -1.44 -0.06
CA TRP B 629 36.64 -2.52 -0.87
C TRP B 629 35.25 -2.21 -1.41
N LEU B 630 34.57 -1.21 -0.86
CA LEU B 630 33.26 -0.79 -1.37
C LEU B 630 33.37 0.29 -2.42
N VAL B 631 34.20 1.31 -2.20
CA VAL B 631 34.41 2.34 -3.21
C VAL B 631 35.09 1.75 -4.45
N SER B 632 36.09 0.89 -4.25
CA SER B 632 36.80 0.31 -5.37
C SER B 632 35.88 -0.58 -6.21
N GLN B 633 34.77 -1.06 -5.63
CA GLN B 633 33.82 -1.85 -6.41
C GLN B 633 32.75 -0.98 -7.04
N GLN B 634 32.21 -0.02 -6.28
CA GLN B 634 31.14 0.82 -6.81
C GLN B 634 31.64 1.72 -7.95
N PHE B 635 32.80 2.33 -7.76
CA PHE B 635 33.35 3.25 -8.74
C PHE B 635 34.29 2.59 -9.73
N GLN B 636 34.59 1.30 -9.55
CA GLN B 636 35.53 0.58 -10.39
C GLN B 636 36.86 1.31 -10.48
N ASP B 637 37.32 1.83 -9.35
CA ASP B 637 38.55 2.61 -9.26
C ASP B 637 39.63 1.76 -8.61
N ASP B 638 40.80 1.72 -9.24
CA ASP B 638 41.91 0.89 -8.79
C ASP B 638 42.98 1.69 -8.04
N GLU B 639 42.73 2.97 -7.75
CA GLU B 639 43.72 3.80 -7.08
C GLU B 639 43.29 4.25 -5.69
N PHE B 640 41.99 4.22 -5.38
CA PHE B 640 41.53 4.71 -4.08
C PHE B 640 41.90 3.76 -2.96
N ALA B 641 41.69 2.46 -3.16
CA ALA B 641 41.91 1.50 -2.08
C ALA B 641 43.37 1.31 -1.71
N SER B 642 44.29 1.84 -2.52
CA SER B 642 45.72 1.76 -2.19
C SER B 642 46.16 2.86 -1.25
N LEU B 643 45.26 3.76 -0.85
CA LEU B 643 45.60 4.82 0.09
C LEU B 643 45.61 4.26 1.51
N SER B 644 45.83 5.12 2.49
CA SER B 644 45.77 4.76 3.90
C SER B 644 44.65 5.57 4.54
N GLY B 645 43.75 4.89 5.26
CA GLY B 645 42.59 5.57 5.80
C GLY B 645 42.13 4.97 7.10
N ALA B 646 41.21 5.68 7.75
CA ALA B 646 40.66 5.28 9.04
C ALA B 646 39.14 5.25 8.95
N ARG B 647 38.55 4.18 9.45
CA ARG B 647 37.10 4.02 9.49
C ARG B 647 36.63 4.16 10.93
N ILE B 648 35.71 5.08 11.18
CA ILE B 648 35.13 5.26 12.50
C ILE B 648 34.06 4.20 12.70
N VAL B 649 34.45 3.07 13.32
CA VAL B 649 33.54 1.94 13.45
C VAL B 649 32.36 2.31 14.34
N ARG B 650 32.63 2.97 15.47
CA ARG B 650 31.56 3.33 16.40
C ARG B 650 31.97 4.58 17.15
N ILE B 651 31.09 5.58 17.17
CA ILE B 651 31.27 6.77 17.99
C ILE B 651 29.99 6.97 18.79
N ALA B 652 30.10 6.94 20.11
CA ALA B 652 28.96 7.10 20.99
C ALA B 652 29.34 8.02 22.14
N THR B 653 28.37 8.79 22.61
CA THR B 653 28.56 9.65 23.78
C THR B 653 27.63 9.19 24.89
N ASN B 654 27.72 9.88 26.03
CA ASN B 654 26.86 9.54 27.15
C ASN B 654 25.45 10.02 26.88
N PRO B 655 24.44 9.14 26.97
CA PRO B 655 23.07 9.56 26.68
C PRO B 655 22.57 10.70 27.56
N ASP B 656 23.11 10.84 28.76
CA ASP B 656 22.73 11.96 29.61
C ASP B 656 23.37 13.27 29.15
N TYR B 657 24.45 13.20 28.37
CA TYR B 657 25.14 14.39 27.88
C TYR B 657 25.04 14.54 26.37
N MET B 658 24.03 13.93 25.75
CA MET B 658 23.89 14.01 24.31
C MET B 658 23.45 15.41 23.88
N SER B 659 23.77 15.75 22.63
CA SER B 659 23.41 17.04 22.04
C SER B 659 23.92 18.21 22.88
N MET B 660 25.12 18.06 23.44
CA MET B 660 25.76 19.13 24.17
C MET B 660 27.11 19.52 23.58
N GLY B 661 27.60 18.82 22.56
CA GLY B 661 28.82 19.18 21.89
C GLY B 661 30.03 18.31 22.19
N TYR B 662 29.85 17.20 22.91
CA TYR B 662 30.99 16.33 23.21
C TYR B 662 31.41 15.48 22.03
N GLY B 663 30.45 14.96 21.27
CA GLY B 663 30.79 14.14 20.12
C GLY B 663 31.52 14.90 19.04
N SER B 664 31.03 16.10 18.72
CA SER B 664 31.69 16.92 17.71
C SER B 664 33.09 17.33 18.16
N LYS B 665 33.24 17.68 19.44
CA LYS B 665 34.55 18.05 19.96
C LYS B 665 35.51 16.87 19.89
N ALA B 666 35.03 15.67 20.26
CA ALA B 666 35.88 14.48 20.17
C ALA B 666 36.28 14.21 18.73
N LEU B 667 35.34 14.35 17.79
CA LEU B 667 35.64 14.13 16.39
C LEU B 667 36.67 15.12 15.87
N GLN B 668 36.52 16.40 16.24
CA GLN B 668 37.48 17.40 15.81
C GLN B 668 38.86 17.14 16.41
N LEU B 669 38.90 16.73 17.68
CA LEU B 669 40.19 16.41 18.30
C LEU B 669 40.85 15.22 17.62
N LEU B 670 40.07 14.19 17.28
CA LEU B 670 40.62 13.03 16.58
C LEU B 670 41.14 13.43 15.21
N VAL B 671 40.39 14.26 14.48
CA VAL B 671 40.83 14.70 13.16
C VAL B 671 42.12 15.49 13.26
N ASP B 672 42.19 16.42 14.22
CA ASP B 672 43.41 17.20 14.41
C ASP B 672 44.58 16.30 14.79
N TYR B 673 44.32 15.27 15.59
CA TYR B 673 45.38 14.32 15.93
C TYR B 673 45.88 13.60 14.69
N TYR B 674 44.98 13.21 13.80
CA TYR B 674 45.40 12.54 12.57
C TYR B 674 45.92 13.49 11.51
N GLU B 675 45.76 14.80 11.71
CA GLU B 675 46.34 15.80 10.82
C GLU B 675 47.72 16.24 11.28
N GLY B 676 48.29 15.58 12.27
CA GLY B 676 49.59 15.93 12.80
C GLY B 676 49.64 17.27 13.52
N LYS B 677 48.57 17.64 14.20
CA LYS B 677 48.55 18.86 15.01
C LYS B 677 49.05 18.65 16.42
N PHE B 678 49.31 17.40 16.81
CA PHE B 678 49.87 17.08 18.13
C PHE B 678 51.24 16.45 17.93
N ALA B 679 52.26 17.05 18.52
CA ALA B 679 53.63 16.56 18.36
C ALA B 679 54.12 15.92 19.66
N LEU B 718 53.30 -3.63 31.84
CA LEU B 718 52.12 -2.92 32.28
C LEU B 718 52.05 -1.51 31.69
N PRO B 719 51.63 -1.41 30.43
CA PRO B 719 51.51 -0.09 29.80
C PRO B 719 50.50 0.78 30.52
N PRO B 720 50.67 2.09 30.50
CA PRO B 720 49.63 2.98 31.07
C PRO B 720 48.33 2.81 30.30
N LEU B 721 47.21 2.82 31.04
CA LEU B 721 45.91 2.63 30.41
C LEU B 721 45.59 3.77 29.45
N PHE B 722 45.89 5.00 29.86
CA PHE B 722 45.59 6.17 29.06
C PHE B 722 46.87 6.77 28.50
N SER B 723 46.90 6.96 27.19
CA SER B 723 47.99 7.64 26.51
C SER B 723 47.44 8.95 25.95
N LYS B 724 48.01 10.07 26.36
CA LYS B 724 47.58 11.35 25.84
C LYS B 724 47.87 11.44 24.35
N LEU B 725 47.06 12.21 23.64
CA LEU B 725 47.21 12.33 22.20
C LEU B 725 48.52 12.98 21.80
N SER B 726 49.19 13.67 22.72
CA SER B 726 50.45 14.34 22.45
C SER B 726 51.66 13.45 22.68
N GLU B 727 51.45 12.17 23.03
CA GLU B 727 52.56 11.28 23.35
C GLU B 727 52.66 10.06 22.46
N ARG B 728 51.79 9.92 21.45
CA ARG B 728 51.91 8.85 20.49
C ARG B 728 51.91 9.43 19.08
N ARG B 729 52.68 8.82 18.19
CA ARG B 729 52.82 9.33 16.83
C ARG B 729 51.66 8.85 15.96
N PRO B 730 50.84 9.74 15.43
CA PRO B 730 49.75 9.31 14.55
C PRO B 730 50.28 8.73 13.25
N GLU B 731 49.49 7.83 12.67
CA GLU B 731 49.83 7.28 11.36
C GLU B 731 49.47 8.27 10.26
N LYS B 732 50.26 8.24 9.19
CA LYS B 732 50.02 9.10 8.03
C LYS B 732 48.77 8.62 7.31
N LEU B 733 47.69 9.38 7.41
CA LEU B 733 46.40 9.01 6.83
C LEU B 733 45.97 10.04 5.80
N ASP B 734 45.41 9.55 4.70
CA ASP B 734 44.92 10.42 3.63
C ASP B 734 43.44 10.73 3.75
N TYR B 735 42.65 9.85 4.38
CA TYR B 735 41.23 10.09 4.54
C TYR B 735 40.72 9.41 5.79
N VAL B 736 39.59 9.90 6.29
CA VAL B 736 38.85 9.26 7.37
C VAL B 736 37.42 9.07 6.91
N GLY B 737 36.86 7.89 7.15
CA GLY B 737 35.56 7.55 6.62
C GLY B 737 34.68 6.90 7.67
N VAL B 738 33.39 6.85 7.35
CA VAL B 738 32.41 6.23 8.25
C VAL B 738 31.29 5.64 7.42
N SER B 739 30.78 4.49 7.85
CA SER B 739 29.65 3.83 7.22
C SER B 739 28.58 3.66 8.28
N TYR B 740 27.40 4.23 8.03
CA TYR B 740 26.37 4.29 9.05
C TYR B 740 25.00 4.29 8.41
N GLY B 741 23.99 3.91 9.20
CA GLY B 741 22.61 3.97 8.74
C GLY B 741 22.15 5.41 8.61
N LEU B 742 21.59 5.74 7.45
CA LEU B 742 21.23 7.11 7.16
C LEU B 742 20.14 7.60 8.09
N THR B 743 20.31 8.84 8.57
CA THR B 743 19.34 9.50 9.44
C THR B 743 19.60 10.99 9.36
N GLN B 744 18.53 11.79 9.41
CA GLN B 744 18.68 13.22 9.21
C GLN B 744 19.59 13.85 10.25
N GLN B 745 19.41 13.47 11.53
CA GLN B 745 20.27 14.01 12.58
C GLN B 745 21.71 13.53 12.42
N LEU B 746 21.88 12.23 12.16
CA LEU B 746 23.22 11.68 11.98
C LEU B 746 23.90 12.31 10.77
N HIS B 747 23.16 12.46 9.66
CA HIS B 747 23.73 13.09 8.48
C HIS B 747 24.11 14.53 8.75
N LYS B 748 23.27 15.27 9.49
CA LYS B 748 23.61 16.65 9.82
C LYS B 748 24.88 16.73 10.65
N PHE B 749 25.02 15.84 11.62
CA PHE B 749 26.23 15.83 12.44
C PHE B 749 27.46 15.53 11.60
N TRP B 750 27.38 14.50 10.74
CA TRP B 750 28.54 14.14 9.92
C TRP B 750 28.89 15.25 8.94
N LYS B 751 27.88 15.88 8.32
CA LYS B 751 28.14 16.98 7.41
C LYS B 751 28.78 18.16 8.12
N ARG B 752 28.31 18.47 9.33
CA ARG B 752 28.96 19.52 10.12
C ARG B 752 30.40 19.15 10.45
N ALA B 753 30.69 17.86 10.56
CA ALA B 753 32.05 17.39 10.80
C ALA B 753 32.89 17.32 9.52
N GLN B 754 32.44 17.98 8.44
CA GLN B 754 33.17 18.04 7.18
C GLN B 754 33.36 16.65 6.57
N PHE B 755 32.27 15.90 6.47
CA PHE B 755 32.24 14.62 5.76
C PHE B 755 31.34 14.76 4.54
N VAL B 756 31.72 14.11 3.45
CA VAL B 756 30.91 14.16 2.23
C VAL B 756 30.58 12.74 1.78
N PRO B 757 29.38 12.48 1.26
CA PRO B 757 29.00 11.12 0.93
C PRO B 757 29.71 10.63 -0.32
N VAL B 758 29.87 9.32 -0.40
CA VAL B 758 30.52 8.68 -1.55
C VAL B 758 29.62 7.58 -2.09
N TYR B 759 28.77 7.02 -1.22
CA TYR B 759 27.94 5.90 -1.61
C TYR B 759 26.71 5.86 -0.71
N LEU B 760 25.62 5.31 -1.23
CA LEU B 760 24.37 5.19 -0.48
C LEU B 760 23.63 3.96 -0.97
N ARG B 761 23.45 2.98 -0.08
CA ARG B 761 22.81 1.73 -0.46
C ARG B 761 21.35 1.94 -0.80
N GLN B 762 20.85 1.13 -1.74
CA GLN B 762 19.46 1.22 -2.17
C GLN B 762 18.53 0.35 -1.33
N THR B 763 18.95 -0.88 -1.02
CA THR B 763 18.12 -1.79 -0.26
C THR B 763 18.25 -1.46 1.23
N ALA B 764 17.18 -0.95 1.83
CA ALA B 764 17.22 -0.55 3.21
C ALA B 764 17.41 -1.76 4.12
N ASN B 765 18.01 -1.53 5.28
CA ASN B 765 18.23 -2.61 6.24
C ASN B 765 16.89 -3.08 6.79
N ASP B 766 16.69 -4.40 6.77
CA ASP B 766 15.40 -4.96 7.17
C ASP B 766 15.14 -4.75 8.66
N LEU B 767 16.14 -4.98 9.52
CA LEU B 767 15.91 -4.82 10.95
C LEU B 767 15.89 -3.37 11.39
N THR B 768 16.43 -2.45 10.59
CA THR B 768 16.55 -1.05 11.00
C THR B 768 15.70 -0.10 10.16
N GLY B 769 15.57 -0.35 8.86
CA GLY B 769 14.83 0.56 8.01
C GLY B 769 15.62 1.73 7.49
N GLU B 770 16.95 1.65 7.49
CA GLU B 770 17.80 2.75 7.07
C GLU B 770 18.78 2.27 6.02
N HIS B 771 19.17 3.19 5.14
CA HIS B 771 20.11 2.89 4.07
C HIS B 771 21.54 3.17 4.51
N THR B 772 22.44 2.25 4.21
CA THR B 772 23.85 2.45 4.54
C THR B 772 24.44 3.57 3.70
N CYS B 773 25.06 4.54 4.37
CA CYS B 773 25.70 5.66 3.71
C CYS B 773 27.17 5.70 4.11
N VAL B 774 28.04 5.98 3.15
CA VAL B 774 29.48 6.04 3.37
C VAL B 774 29.94 7.47 3.17
N MET B 775 30.55 8.05 4.19
CA MET B 775 31.07 9.41 4.13
C MET B 775 32.57 9.38 4.32
N ILE B 776 33.28 10.12 3.47
CA ILE B 776 34.74 10.16 3.49
C ILE B 776 35.20 11.60 3.58
N ARG B 777 36.14 11.87 4.48
CA ARG B 777 36.70 13.20 4.66
C ARG B 777 38.16 13.22 4.24
N PRO B 778 38.59 14.17 3.42
CA PRO B 778 40.01 14.29 3.07
C PRO B 778 40.78 15.04 4.16
N LEU B 779 41.10 14.31 5.23
CA LEU B 779 41.65 14.97 6.42
C LEU B 779 43.02 15.57 6.16
N GLN B 780 43.86 14.90 5.38
CA GLN B 780 45.24 15.34 5.21
C GLN B 780 45.29 16.74 4.60
N ASP B 781 46.08 17.61 5.22
CA ASP B 781 46.27 18.96 4.74
C ASP B 781 47.59 19.06 4.00
N GLY B 782 47.65 20.00 3.05
CA GLY B 782 48.80 20.09 2.17
C GLY B 782 48.78 19.10 1.04
N ASN B 783 47.71 18.33 0.91
CA ASN B 783 47.53 17.39 -0.19
C ASN B 783 46.26 17.75 -0.94
N ASP B 784 46.27 17.53 -2.24
CA ASP B 784 45.14 17.91 -3.07
C ASP B 784 43.96 16.98 -2.78
N PRO B 785 42.82 17.50 -2.34
CA PRO B 785 41.61 16.68 -2.17
C PRO B 785 40.80 16.57 -3.46
N SER B 786 41.49 16.25 -4.56
CA SER B 786 40.84 16.09 -5.85
C SER B 786 40.47 14.64 -6.14
N TRP B 787 41.13 13.68 -5.50
CA TRP B 787 40.73 12.29 -5.66
C TRP B 787 39.33 12.06 -5.13
N LEU B 788 38.95 12.75 -4.05
CA LEU B 788 37.60 12.67 -3.51
C LEU B 788 36.61 13.53 -4.27
N GLY B 789 37.08 14.58 -4.96
CA GLY B 789 36.16 15.38 -5.75
C GLY B 789 35.50 14.57 -6.85
N ALA B 790 36.27 13.70 -7.50
CA ALA B 790 35.70 12.85 -8.55
C ALA B 790 34.65 11.90 -7.98
N PHE B 791 34.94 11.28 -6.83
CA PHE B 791 33.98 10.37 -6.22
C PHE B 791 32.71 11.11 -5.80
N ALA B 792 32.85 12.28 -5.20
CA ALA B 792 31.68 13.04 -4.78
C ALA B 792 30.85 13.49 -5.97
N ALA B 793 31.50 13.94 -7.06
CA ALA B 793 30.75 14.34 -8.24
C ALA B 793 30.05 13.15 -8.89
N ASP B 794 30.72 12.00 -8.95
CA ASP B 794 30.07 10.83 -9.52
C ASP B 794 28.87 10.40 -8.68
N PHE B 795 29.03 10.44 -7.35
CA PHE B 795 27.91 10.06 -6.46
C PHE B 795 26.80 11.12 -6.54
N HIS B 796 27.18 12.40 -6.59
CA HIS B 796 26.17 13.49 -6.59
C HIS B 796 25.19 13.32 -7.76
N LYS B 797 25.70 13.26 -8.99
CA LYS B 797 24.81 13.15 -10.18
C LYS B 797 24.03 11.84 -10.12
N ARG B 798 24.68 10.75 -9.72
CA ARG B 798 24.00 9.44 -9.63
C ARG B 798 22.84 9.56 -8.65
N PHE B 799 23.10 10.12 -7.46
CA PHE B 799 22.05 10.28 -6.42
C PHE B 799 20.90 11.12 -6.99
N LEU B 800 21.22 12.15 -7.78
CA LEU B 800 20.16 13.05 -8.32
C LEU B 800 19.02 12.22 -8.90
N SER B 801 19.31 11.34 -9.86
CA SER B 801 18.21 10.58 -10.52
C SER B 801 18.04 9.19 -9.88
N LEU B 802 18.87 8.85 -8.89
CA LEU B 802 18.69 7.56 -8.16
C LEU B 802 17.52 7.73 -7.19
N LEU B 803 17.01 8.95 -7.04
CA LEU B 803 15.87 9.21 -6.14
C LEU B 803 14.62 8.52 -6.67
N SER B 804 14.65 8.07 -7.93
CA SER B 804 13.50 7.31 -8.51
C SER B 804 13.75 5.82 -8.33
N TYR B 805 14.89 5.44 -7.73
CA TYR B 805 15.24 4.01 -7.56
C TYR B 805 15.47 3.69 -6.08
N LYS B 806 14.46 3.11 -5.41
CA LYS B 806 14.59 2.71 -3.97
C LYS B 806 14.76 3.94 -3.08
N PHE B 807 14.65 5.14 -3.65
CA PHE B 807 14.85 6.39 -2.86
C PHE B 807 13.58 7.24 -2.91
N ARG B 808 12.61 6.85 -3.74
CA ARG B 808 11.36 7.59 -3.84
C ARG B 808 10.75 7.84 -2.47
N GLU B 809 11.04 6.97 -1.50
CA GLU B 809 10.46 7.08 -0.18
C GLU B 809 11.19 8.07 0.72
N PHE B 810 12.31 8.62 0.28
CA PHE B 810 13.03 9.58 1.09
C PHE B 810 12.20 10.85 1.28
N PRO B 811 12.20 11.43 2.48
CA PRO B 811 11.60 12.76 2.63
C PRO B 811 12.35 13.78 1.80
N SER B 812 11.63 14.81 1.36
CA SER B 812 12.23 15.80 0.47
C SER B 812 13.39 16.52 1.15
N ILE B 813 13.24 16.86 2.43
CA ILE B 813 14.28 17.62 3.12
C ILE B 813 15.56 16.81 3.24
N LEU B 814 15.44 15.52 3.60
CA LEU B 814 16.62 14.68 3.74
C LEU B 814 17.36 14.54 2.41
N ALA B 815 16.60 14.30 1.33
CA ALA B 815 17.24 14.15 0.03
C ALA B 815 17.90 15.45 -0.42
N LEU B 816 17.25 16.59 -0.13
CA LEU B 816 17.85 17.88 -0.45
C LEU B 816 19.16 18.09 0.31
N THR B 817 19.18 17.75 1.60
CA THR B 817 20.40 17.90 2.39
C THR B 817 21.51 17.01 1.85
N ILE B 818 21.18 15.77 1.50
CA ILE B 818 22.20 14.86 0.97
C ILE B 818 22.74 15.40 -0.36
N GLU B 819 21.85 15.91 -1.22
CA GLU B 819 22.31 16.47 -2.49
C GLU B 819 23.21 17.67 -2.27
N GLU B 820 22.85 18.55 -1.34
CA GLU B 820 23.68 19.71 -1.05
C GLU B 820 25.05 19.29 -0.53
N SER B 821 25.08 18.29 0.36
CA SER B 821 26.35 17.82 0.89
C SER B 821 27.20 17.19 -0.20
N ALA B 822 26.59 16.41 -1.10
CA ALA B 822 27.34 15.80 -2.19
C ALA B 822 27.90 16.86 -3.13
N ASN B 823 27.11 17.90 -3.41
CA ASN B 823 27.61 18.99 -4.25
C ASN B 823 28.76 19.73 -3.58
N ALA B 824 28.65 19.97 -2.27
CA ALA B 824 29.74 20.62 -1.55
C ALA B 824 31.00 19.77 -1.59
N GLY B 825 30.85 18.45 -1.49
CA GLY B 825 31.99 17.57 -1.63
C GLY B 825 32.58 17.58 -3.03
N ALA B 826 31.73 17.60 -4.06
CA ALA B 826 32.20 17.65 -5.44
C ALA B 826 32.88 18.96 -5.76
N MET B 827 32.57 20.03 -5.04
CA MET B 827 33.22 21.32 -5.30
C MET B 827 34.69 21.34 -4.93
N LEU B 828 35.20 20.29 -4.26
CA LEU B 828 36.62 20.24 -3.94
C LEU B 828 37.49 20.25 -5.20
N ASP B 829 37.06 19.57 -6.25
CA ASP B 829 37.78 19.55 -7.50
C ASP B 829 37.40 20.78 -8.32
N PRO B 830 38.34 21.67 -8.63
CA PRO B 830 37.97 22.86 -9.42
C PRO B 830 37.43 22.51 -10.80
N SER B 831 37.87 21.41 -11.40
CA SER B 831 37.39 21.02 -12.72
C SER B 831 35.94 20.54 -12.70
N ASN B 832 35.37 20.31 -11.53
CA ASN B 832 33.98 19.89 -11.41
C ASN B 832 33.02 21.06 -11.21
N ALA B 833 33.50 22.29 -11.32
CA ALA B 833 32.63 23.44 -11.18
C ALA B 833 31.62 23.46 -12.31
N PRO B 834 30.37 23.85 -12.04
CA PRO B 834 29.34 23.81 -13.08
C PRO B 834 29.52 24.93 -14.08
N THR B 835 29.03 24.67 -15.30
CA THR B 835 29.10 25.61 -16.39
C THR B 835 27.74 26.26 -16.61
N GLU B 836 27.76 27.42 -17.25
CA GLU B 836 26.53 28.15 -17.53
C GLU B 836 25.69 27.40 -18.56
N LEU B 837 24.46 27.87 -18.73
CA LEU B 837 23.52 27.32 -19.71
C LEU B 837 23.47 28.24 -20.92
N THR B 838 23.71 27.67 -22.10
CA THR B 838 23.75 28.44 -23.34
C THR B 838 22.57 28.05 -24.23
N LYS B 839 22.29 28.92 -25.21
CA LYS B 839 21.16 28.69 -26.10
C LYS B 839 21.37 27.43 -26.94
N ALA B 840 22.62 27.17 -27.34
CA ALA B 840 22.89 26.01 -28.20
C ALA B 840 22.51 24.71 -27.51
N GLU B 841 22.87 24.56 -26.22
CA GLU B 841 22.51 23.35 -25.50
C GLU B 841 21.06 23.38 -25.02
N LEU B 842 20.52 24.57 -24.74
CA LEU B 842 19.13 24.67 -24.33
C LEU B 842 18.19 24.21 -25.44
N ASP B 843 18.46 24.62 -26.69
CA ASP B 843 17.63 24.20 -27.81
C ASP B 843 17.72 22.71 -28.08
N GLN B 844 18.79 22.06 -27.61
CA GLN B 844 18.92 20.61 -27.74
C GLN B 844 18.09 19.86 -26.70
N LEU B 845 17.54 20.55 -25.71
CA LEU B 845 16.74 19.94 -24.67
C LEU B 845 15.24 20.22 -24.82
N PHE B 846 14.87 21.48 -25.02
CA PHE B 846 13.47 21.87 -25.11
C PHE B 846 13.16 22.33 -26.53
N THR B 847 12.13 21.74 -27.13
CA THR B 847 11.60 22.24 -28.39
C THR B 847 10.83 23.53 -28.14
N PRO B 848 10.65 24.36 -29.17
CA PRO B 848 9.92 25.62 -28.97
C PRO B 848 8.51 25.42 -28.43
N PHE B 849 7.85 24.30 -28.77
CA PHE B 849 6.55 24.01 -28.19
C PHE B 849 6.64 23.75 -26.69
N ASP B 850 7.74 23.13 -26.24
CA ASP B 850 7.93 22.94 -24.80
C ASP B 850 8.10 24.29 -24.11
N HIS B 851 8.84 25.21 -24.74
CA HIS B 851 8.96 26.56 -24.17
C HIS B 851 7.61 27.25 -24.12
N LYS B 852 6.80 27.08 -25.16
CA LYS B 852 5.46 27.67 -25.16
C LYS B 852 4.60 27.09 -24.03
N ARG B 853 4.67 25.78 -23.82
CA ARG B 853 3.92 25.15 -22.73
C ARG B 853 4.38 25.67 -21.37
N LEU B 854 5.70 25.79 -21.18
CA LEU B 854 6.21 26.31 -19.91
C LEU B 854 5.78 27.74 -19.69
N GLU B 855 5.85 28.57 -20.73
CA GLU B 855 5.42 29.96 -20.60
C GLU B 855 3.94 30.06 -20.31
N SER B 856 3.13 29.21 -20.92
CA SER B 856 1.70 29.20 -20.64
C SER B 856 1.42 28.79 -19.19
N TYR B 857 2.13 27.77 -18.70
CA TYR B 857 1.93 27.37 -17.31
C TYR B 857 2.36 28.47 -16.34
N ALA B 858 3.49 29.13 -16.63
CA ALA B 858 3.97 30.19 -15.75
C ALA B 858 2.96 31.32 -15.65
N ASN B 859 2.13 31.52 -16.67
CA ASN B 859 1.11 32.55 -16.65
C ASN B 859 -0.17 32.11 -15.98
N GLY B 860 -0.25 30.85 -15.53
CA GLY B 860 -1.43 30.36 -14.85
C GLY B 860 -2.57 29.97 -15.74
N LEU B 861 -2.34 29.82 -17.05
CA LEU B 861 -3.39 29.48 -18.00
C LEU B 861 -3.38 28.00 -18.37
N LEU B 862 -2.58 27.18 -17.70
CA LEU B 862 -2.52 25.77 -18.00
C LEU B 862 -2.46 24.97 -16.70
N ASP B 863 -3.08 23.81 -16.69
CA ASP B 863 -3.01 22.93 -15.54
C ASP B 863 -1.60 22.37 -15.39
N TYR B 864 -1.19 22.16 -14.13
CA TYR B 864 0.17 21.71 -13.86
C TYR B 864 0.43 20.30 -14.36
N HIS B 865 -0.62 19.52 -14.63
CA HIS B 865 -0.41 18.16 -15.10
C HIS B 865 0.18 18.12 -16.50
N VAL B 866 -0.08 19.14 -17.31
CA VAL B 866 0.40 19.14 -18.69
C VAL B 866 1.92 19.25 -18.72
N VAL B 867 2.47 20.21 -17.98
CA VAL B 867 3.93 20.40 -17.95
C VAL B 867 4.44 19.56 -16.78
N LEU B 868 4.66 18.27 -17.07
CA LEU B 868 5.19 17.37 -16.05
C LEU B 868 6.31 16.48 -16.55
N ASP B 869 6.43 16.20 -17.84
CA ASP B 869 7.60 15.49 -18.33
C ASP B 869 8.80 16.42 -18.46
N LEU B 870 8.57 17.73 -18.54
CA LEU B 870 9.67 18.69 -18.46
C LEU B 870 10.24 18.81 -17.06
N MET B 871 9.53 18.30 -16.05
CA MET B 871 10.03 18.37 -14.69
C MET B 871 11.35 17.65 -14.49
N PRO B 872 11.56 16.42 -14.97
CA PRO B 872 12.90 15.83 -14.82
C PRO B 872 14.01 16.67 -15.44
N THR B 873 13.77 17.26 -16.61
CA THR B 873 14.83 18.02 -17.27
C THR B 873 15.16 19.29 -16.50
N ILE B 874 14.14 20.01 -16.03
CA ILE B 874 14.39 21.23 -15.27
C ILE B 874 15.05 20.90 -13.93
N ALA B 875 14.58 19.85 -13.26
CA ALA B 875 15.19 19.45 -12.00
C ALA B 875 16.64 19.06 -12.18
N GLN B 876 16.95 18.29 -13.24
CA GLN B 876 18.33 17.92 -13.49
C GLN B 876 19.19 19.13 -13.83
N LEU B 877 18.64 20.06 -14.62
CA LEU B 877 19.40 21.26 -14.97
C LEU B 877 19.70 22.09 -13.73
N TYR B 878 18.74 22.21 -12.81
CA TYR B 878 18.97 23.03 -11.64
C TYR B 878 19.91 22.35 -10.65
N PHE B 879 19.73 21.05 -10.42
CA PHE B 879 20.46 20.37 -9.37
C PHE B 879 21.81 19.85 -9.81
N THR B 880 22.16 19.97 -11.08
CA THR B 880 23.52 19.66 -11.53
C THR B 880 24.38 20.90 -11.67
N GLY B 881 23.82 22.08 -11.37
CA GLY B 881 24.60 23.30 -11.29
C GLY B 881 24.44 24.25 -12.46
N ARG B 882 23.90 23.79 -13.60
CA ARG B 882 23.80 24.66 -14.76
C ARG B 882 22.88 25.84 -14.50
N LEU B 883 21.75 25.60 -13.83
CA LEU B 883 20.79 26.63 -13.52
C LEU B 883 20.92 27.17 -12.10
N ARG B 884 21.86 26.66 -11.32
CA ARG B 884 21.92 27.02 -9.91
C ARG B 884 22.22 28.50 -9.70
N GLU B 885 23.15 29.05 -10.48
CA GLU B 885 23.53 30.45 -10.30
C GLU B 885 22.48 31.39 -10.88
N ALA B 886 21.86 31.01 -12.00
CA ALA B 886 20.96 31.93 -12.70
C ALA B 886 19.71 32.24 -11.89
N VAL B 887 19.11 31.22 -11.26
CA VAL B 887 17.87 31.39 -10.51
C VAL B 887 18.11 31.02 -9.05
N LYS B 888 17.55 31.81 -8.15
CA LYS B 888 17.71 31.62 -6.72
C LYS B 888 16.46 30.98 -6.14
N LEU B 889 16.64 29.87 -5.43
CA LEU B 889 15.54 29.14 -4.82
C LEU B 889 15.84 28.92 -3.34
N SER B 890 14.81 29.09 -2.51
CA SER B 890 14.96 28.88 -1.07
C SER B 890 14.99 27.39 -0.76
N GLY B 891 15.01 27.05 0.53
CA GLY B 891 15.02 25.66 0.93
C GLY B 891 13.74 24.93 0.57
N LEU B 892 12.59 25.56 0.84
CA LEU B 892 11.32 24.91 0.54
C LEU B 892 11.12 24.71 -0.96
N GLN B 893 11.42 25.74 -1.75
CA GLN B 893 11.29 25.62 -3.20
C GLN B 893 12.23 24.57 -3.75
N GLN B 894 13.46 24.52 -3.22
CA GLN B 894 14.40 23.50 -3.67
C GLN B 894 13.91 22.10 -3.33
N ALA B 895 13.36 21.93 -2.12
CA ALA B 895 12.85 20.62 -1.74
C ALA B 895 11.68 20.19 -2.61
N ILE B 896 10.76 21.11 -2.89
CA ILE B 896 9.61 20.78 -3.73
C ILE B 896 10.05 20.47 -5.15
N LEU B 897 10.98 21.26 -5.69
CA LEU B 897 11.51 21.00 -7.03
C LEU B 897 12.18 19.63 -7.08
N LEU B 898 13.00 19.31 -6.08
CA LEU B 898 13.67 18.01 -6.07
C LEU B 898 12.65 16.88 -6.02
N ALA B 899 11.66 16.98 -5.14
CA ALA B 899 10.65 15.94 -5.05
C ALA B 899 9.95 15.74 -6.37
N LEU B 900 9.35 16.82 -6.91
CA LEU B 900 8.54 16.71 -8.11
C LEU B 900 9.35 16.31 -9.34
N GLY B 901 10.63 16.66 -9.38
CA GLY B 901 11.43 16.34 -10.55
C GLY B 901 12.09 14.98 -10.47
N LEU B 902 12.85 14.73 -9.42
CA LEU B 902 13.65 13.52 -9.33
C LEU B 902 12.97 12.40 -8.54
N GLN B 903 12.13 12.71 -7.57
CA GLN B 903 11.43 11.67 -6.83
C GLN B 903 10.08 11.32 -7.44
N ARG B 904 9.59 12.13 -8.39
CA ARG B 904 8.35 11.85 -9.10
C ARG B 904 7.18 11.63 -8.14
N LYS B 905 7.15 12.43 -7.08
CA LYS B 905 6.07 12.36 -6.11
C LYS B 905 4.84 13.12 -6.61
N ASP B 906 3.69 12.76 -6.05
CA ASP B 906 2.45 13.46 -6.33
C ASP B 906 2.34 14.71 -5.46
N ILE B 907 1.38 15.56 -5.81
CA ILE B 907 1.16 16.76 -5.02
C ILE B 907 0.63 16.42 -3.63
N ASP B 908 -0.23 15.40 -3.54
CA ASP B 908 -0.80 15.03 -2.26
C ASP B 908 0.27 14.50 -1.30
N THR B 909 1.13 13.60 -1.77
CA THR B 909 2.19 13.07 -0.92
C THR B 909 3.14 14.17 -0.47
N LEU B 910 3.51 15.05 -1.40
CA LEU B 910 4.41 16.16 -1.06
C LEU B 910 3.76 17.11 -0.06
N ALA B 911 2.46 17.36 -0.22
CA ALA B 911 1.76 18.23 0.73
C ALA B 911 1.71 17.62 2.12
N THR B 912 1.42 16.32 2.21
CA THR B 912 1.37 15.67 3.52
C THR B 912 2.74 15.64 4.17
N GLU B 913 3.79 15.37 3.39
CA GLU B 913 5.13 15.32 3.96
C GLU B 913 5.58 16.68 4.47
N LEU B 914 5.22 17.75 3.76
CA LEU B 914 5.67 19.09 4.11
C LEU B 914 4.71 19.82 5.02
N ASN B 915 3.62 19.17 5.44
CA ASN B 915 2.62 19.76 6.33
C ASN B 915 2.09 21.07 5.76
N LEU B 916 1.75 21.05 4.48
CA LEU B 916 1.18 22.19 3.79
C LEU B 916 -0.05 21.74 3.01
N PRO B 917 -1.01 22.64 2.81
CA PRO B 917 -2.18 22.29 1.98
C PRO B 917 -1.78 22.06 0.53
N GLY B 918 -2.56 21.24 -0.16
CA GLY B 918 -2.24 20.91 -1.54
C GLY B 918 -2.21 22.12 -2.44
N SER B 919 -3.09 23.09 -2.19
CA SER B 919 -3.12 24.31 -3.01
C SER B 919 -1.84 25.11 -2.84
N GLN B 920 -1.32 25.18 -1.61
CA GLN B 920 -0.13 25.98 -1.35
C GLN B 920 1.12 25.36 -1.97
N VAL B 921 1.18 24.03 -2.06
CA VAL B 921 2.32 23.40 -2.73
C VAL B 921 2.39 23.82 -4.18
N LEU B 922 1.26 23.81 -4.88
CA LEU B 922 1.23 24.23 -6.27
C LEU B 922 1.47 25.74 -6.39
N ALA B 923 0.95 26.50 -5.43
CA ALA B 923 1.13 27.95 -5.47
C ALA B 923 2.60 28.33 -5.40
N ILE B 924 3.36 27.64 -4.54
CA ILE B 924 4.79 27.86 -4.49
C ILE B 924 5.52 27.14 -5.61
N PHE B 925 4.88 26.15 -6.24
CA PHE B 925 5.48 25.47 -7.39
C PHE B 925 5.41 26.30 -8.65
N MET B 926 4.34 27.07 -8.83
CA MET B 926 4.25 27.96 -9.98
C MET B 926 5.31 29.05 -9.91
N LYS B 927 5.58 29.56 -8.71
CA LYS B 927 6.63 30.57 -8.56
C LYS B 927 8.01 30.02 -8.90
N ILE B 928 8.23 28.72 -8.77
CA ILE B 928 9.45 28.13 -9.28
C ILE B 928 9.49 28.23 -10.80
N MET B 929 8.37 27.92 -11.45
CA MET B 929 8.28 28.01 -12.90
C MET B 929 8.37 29.43 -13.41
N ARG B 930 7.80 30.40 -12.69
CA ARG B 930 7.89 31.79 -13.10
C ARG B 930 9.31 32.33 -13.03
N LYS B 931 10.22 31.62 -12.36
CA LYS B 931 11.62 31.99 -12.33
C LYS B 931 12.42 31.28 -13.42
N VAL B 932 12.13 30.01 -13.67
CA VAL B 932 12.81 29.28 -14.74
C VAL B 932 12.38 29.80 -16.10
N THR B 933 11.08 30.04 -16.27
CA THR B 933 10.58 30.52 -17.56
C THR B 933 11.16 31.88 -17.92
N GLN B 934 11.25 32.78 -16.93
CA GLN B 934 11.84 34.09 -17.19
C GLN B 934 13.29 33.97 -17.62
N HIS B 935 14.05 33.11 -16.95
CA HIS B 935 15.44 32.92 -17.33
C HIS B 935 15.56 32.32 -18.75
N PHE B 936 14.71 31.34 -19.06
CA PHE B 936 14.75 30.75 -20.40
C PHE B 936 14.41 31.79 -21.46
N GLY B 937 13.41 32.63 -21.20
CA GLY B 937 13.06 33.67 -22.15
C GLY B 937 14.16 34.69 -22.35
N ALA B 938 14.77 35.14 -21.25
CA ALA B 938 15.89 36.08 -21.35
C ALA B 938 17.08 35.43 -22.04
N LEU B 939 17.22 34.11 -21.92
CA LEU B 939 18.33 33.42 -22.57
C LEU B 939 18.10 33.32 -24.07
N VAL B 940 16.90 32.94 -24.49
CA VAL B 940 16.64 32.78 -25.92
C VAL B 940 16.58 34.13 -26.61
N SER B 941 16.00 35.15 -25.96
CA SER B 941 15.89 36.46 -26.58
C SER B 941 17.27 37.08 -26.79
N GLY B 942 18.15 36.97 -25.80
CA GLY B 942 19.48 37.54 -25.91
C GLY B 942 20.59 36.57 -25.51
N1 A1AHN C . -16.50 1.59 -27.08
N3 A1AHN C . -12.05 -6.72 -28.52
C4 A1AHN C . -15.71 4.54 -26.07
C5 A1AHN C . -16.94 -0.82 -26.13
C6 A1AHN C . -18.09 -1.60 -26.72
C7 A1AHN C . -17.10 -3.53 -28.02
C8 A1AHN C . -16.83 -2.79 -29.32
C10 A1AHN C . -15.32 -2.45 -31.20
C13 A1AHN C . -10.22 -6.98 -31.46
C15 A1AHN C . -9.80 -7.19 -29.16
C17 A1AHN C . -12.60 -6.01 -27.59
C20 A1AHN C . -13.59 -6.86 -27.08
C21 A1AHN C . -14.36 -6.38 -26.06
C22 A1AHN C . -16.19 5.96 -26.16
C24 A1AHN C . -16.23 9.08 -23.73
C26 A1AHN C . -15.84 9.25 -21.32
C28 A1AHN C . -14.11 10.84 -20.46
C1 A1AHN C . -17.31 0.64 -26.34
C11 A1AHN C . -16.25 -4.65 -30.90
C12 A1AHN C . -10.79 -7.89 -32.48
C14 A1AHN C . -9.41 -7.69 -30.47
C16 A1AHN C . -10.97 -6.29 -29.33
C18 A1AHN C . -13.17 -4.45 -26.18
C19 A1AHN C . -12.56 -7.91 -28.68
C2 A1AHN C . -15.26 1.24 -27.73
C23 A1AHN C . -17.08 6.52 -25.06
C25 A1AHN C . -14.57 10.61 -22.86
C27 A1AHN C . -16.52 8.68 -22.39
C29 A1AHN C . -15.50 11.13 -18.56
C3 A1AHN C . -14.38 2.49 -27.67
C30 A1AHN C . -15.56 12.38 -19.37
C31 A1AHN C . -14.44 12.30 -20.32
C32 A1AHN C . -15.13 11.50 -17.16
C33 A1AHN C . -14.51 -3.77 -29.33
C9 A1AHN C . -15.74 -3.44 -30.15
N2 A1AHN C . -17.68 -2.97 -26.83
N4 A1AHN C . -12.36 -4.79 -27.18
N5 A1AHN C . -13.55 -8.14 -27.81
N6 A1AHN C . -14.14 -5.15 -25.61
N7 A1AHN C . -15.39 -7.20 -25.49
N8 A1AHN C . -15.29 10.02 -23.95
N9 A1AHN C . -14.84 10.23 -21.54
O1 A1AHN C . -18.30 1.01 -25.85
O10 A1AHN C . -15.88 6.61 -27.10
O11 A1AHN C . -13.59 11.57 -23.15
O12 A1AHN C . -14.47 10.28 -19.15
O13 A1AHN C . -16.80 12.45 -20.08
O14 A1AHN C . -13.31 12.98 -19.73
O15 A1AHN C . -16.23 12.09 -16.52
O16 A1AHN C . -7.47 -9.50 -31.72
O17 A1AHN C . -7.93 -10.82 -29.58
O18 A1AHN C . -9.00 -11.15 -31.87
O19 A1AHN C . -12.89 -8.64 -34.61
O2 A1AHN C . -16.83 -4.66 -27.97
O20 A1AHN C . -15.16 -5.44 -31.16
O21 A1AHN C . -16.38 -6.69 -32.97
O22 A1AHN C . -14.90 -5.19 -33.58
O3 A1AHN C . -16.35 -1.53 -29.02
O4 A1AHN C . -13.94 -7.31 -32.64
O5 A1AHN C . -13.31 -6.54 -34.95
O6 A1AHN C . -11.39 -7.05 -33.41
O7 A1AHN C . -9.70 -9.08 -30.52
O8 A1AHN C . -8.71 -6.45 -28.63
O9 A1AHN C . -11.34 -6.38 -30.74
P1 A1AHN C . -15.11 -6.19 -32.59
P2 A1AHN C . -12.90 -7.40 -33.89
P3 A1AHN C . -8.52 -10.14 -30.94
S1 A1AHN C . -15.43 3.95 -27.75
S2 A1AHN C . -17.13 8.35 -25.14
H1 A1AHN C . -16.85 2.52 -27.17
H6 A1AHN C . -16.46 3.93 -25.58
H7 A1AHN C . -14.78 4.51 -25.51
H9 A1AHN C . -16.01 -1.07 -26.61
H8 A1AHN C . -16.87 -1.02 -25.07
H11 A1AHN C . -18.93 -1.54 -26.05
H10 A1AHN C . -18.38 -1.19 -27.68
H13 A1AHN C . -17.74 -2.71 -29.89
H16 A1AHN C . -16.20 -1.95 -31.61
H15 A1AHN C . -14.79 -2.97 -31.99
H17 A1AHN C . -14.64 -1.72 -30.77
H22 A1AHN C . -9.64 -6.20 -31.93
H25 A1AHN C . -10.03 -8.01 -28.50
H34 A1AHN C . -16.08 8.93 -20.31
H36 A1AHN C . -13.05 10.73 -20.63
H18 A1AHN C . -16.73 -4.33 -31.81
H19 A1AHN C . -16.93 -5.22 -30.28
H21 A1AHN C . -11.55 -8.54 -32.05
H20 A1AHN C . -10.01 -8.47 -32.95
H23 A1AHN C . -8.36 -7.49 -30.63
H27 A1AHN C . -10.69 -5.27 -29.09
H28 A1AHN C . -13.02 -3.46 -25.78
H29 A1AHN C . -12.19 -8.62 -29.41
H2 A1AHN C . -15.44 0.97 -28.76
H3 A1AHN C . -14.76 0.44 -27.21
H33 A1AHN C . -18.08 6.14 -25.18
H32 A1AHN C . -16.69 6.22 -24.09
H35 A1AHN C . -17.28 7.93 -22.20
H37 A1AHN C . -16.46 10.63 -18.59
H4 A1AHN C . -13.70 2.48 -28.53
H5 A1AHN C . -13.80 2.49 -26.75
H38 A1AHN C . -15.45 13.25 -18.74
H39 A1AHN C . -14.72 12.76 -21.25
H43 A1AHN C . -14.84 10.61 -16.63
H42 A1AHN C . -14.31 12.20 -17.19
H46 A1AHN C . -14.60 -4.74 -28.87
H47 A1AHN C . -14.36 -3.02 -28.57
H45 A1AHN C . -13.64 -3.77 -29.99
H12 A1AHN C . -17.82 -3.55 -26.04
H31 A1AHN C . -15.31 -7.53 -24.55
H30 A1AHN C . -16.20 -7.45 -26.05
H40 A1AHN C . -17.52 12.31 -19.47
H41 A1AHN C . -12.87 12.41 -19.14
H44 A1AHN C . -17.02 11.93 -17.02
H24 A1AHN C . -7.91 -10.17 -28.89
H14 A1AHN C . -16.94 -0.87 -29.36
H26 A1AHN C . -8.48 -5.76 -29.23
N1 A1AHN D . 26.91 6.01 15.74
N3 A1AHN D . 22.41 14.30 17.22
C4 A1AHN D . 27.47 4.06 13.25
C5 A1AHN D . 24.97 6.69 17.38
C6 A1AHN D . 25.33 6.89 18.83
C7 A1AHN D . 25.07 9.36 19.34
C8 A1AHN D . 26.43 9.81 18.85
C10 A1AHN D . 27.72 11.51 17.68
C13 A1AHN D . 24.14 17.15 16.28
C15 A1AHN D . 22.08 16.17 15.78
C17 A1AHN D . 22.20 13.02 17.12
C20 A1AHN D . 21.59 12.71 18.35
C21 A1AHN D . 21.24 11.41 18.55
C22 A1AHN D . 28.44 2.99 12.82
C24 A1AHN D . 28.18 -0.35 10.72
C26 A1AHN D . 26.23 -1.65 9.99
C28 A1AHN D . 25.95 -2.20 7.56
C1 A1AHN D . 26.01 5.73 16.85
C11 A1AHN D . 26.55 12.17 19.68
C12 A1AHN D . 24.63 18.00 17.40
C14 A1AHN D . 22.75 17.44 15.93
C16 A1AHN D . 23.01 15.09 16.21
C18 A1AHN D . 22.06 10.94 16.49
C19 A1AHN D . 22.04 14.84 18.34
C2 A1AHN D . 26.91 7.27 15.03
C23 A1AHN D . 28.09 1.52 13.06
C25 A1AHN D . 27.85 -0.89 8.37
C27 A1AHN D . 26.96 -1.05 11.01
C29 A1AHN D . 24.94 -4.23 8.26
C3 A1AHN D . 27.31 6.96 13.59
C30 A1AHN D . 26.28 -4.55 7.69
C31 A1AHN D . 26.69 -3.34 6.95
C32 A1AHN D . 23.92 -5.07 7.58
C33 A1AHN D . 25.30 11.65 17.56
C9 A1AHN D . 26.46 11.28 18.47
N2 A1AHN D . 24.58 8.00 19.32
N4 A1AHN D . 22.46 12.18 16.17
N5 A1AHN D . 21.48 13.94 19.17
N6 A1AHN D . 21.48 10.52 17.61
N7 A1AHN D . 20.62 11.02 19.79
N8 A1AHN D . 28.61 -0.29 9.44
N9 A1AHN D . 26.67 -1.58 8.64
O1 A1AHN D . 26.09 4.68 17.37
O10 A1AHN D . 29.46 3.31 12.30
O11 A1AHN D . 28.35 -0.79 7.07
O12 A1AHN D . 24.69 -2.81 8.01
O13 A1AHN D . 27.21 -4.84 8.74
O14 A1AHN D . 26.29 -3.49 5.58
O15 A1AHN D . 24.02 -6.40 8.04
O16 A1AHN D . 22.27 20.32 15.59
O17 A1AHN D . 19.97 19.62 16.45
O18 A1AHN D . 21.92 20.59 17.80
O19 A1AHN D . 26.49 18.57 19.79
O2 A1AHN D . 24.35 10.15 19.77
O20 A1AHN D . 26.05 13.39 19.31
O21 A1AHN D . 27.14 14.55 21.24
O22 A1AHN D . 28.04 14.80 19.25
O3 A1AHN D . 26.74 9.12 17.69
O4 A1AHN D . 25.91 16.05 19.61
O5 A1AHN D . 27.99 17.28 18.95
O6 A1AHN D . 25.98 17.72 17.51
O7 A1AHN D . 22.13 18.16 16.99
O8 A1AHN D . 21.76 15.99 14.41
O9 A1AHN D . 24.18 15.77 16.74
P1 A1AHN D . 26.77 14.71 19.88
P2 A1AHN D . 26.58 17.39 18.98
P3 A1AHN D . 21.58 19.68 16.70
S1 A1AHN D . 28.42 5.55 13.59
S2 A1AHN D . 29.14 0.44 12.05
H1 A1AHN D . 27.56 5.31 15.48
H6 A1AHN D . 26.95 3.73 14.14
H7 A1AHN D . 26.76 4.25 12.45
H9 A1AHN D . 24.97 7.62 16.84
H8 A1AHN D . 23.99 6.22 17.31
H11 A1AHN D . 25.04 6.00 19.38
H10 A1AHN D . 26.39 7.05 18.94
H13 A1AHN D . 27.18 9.61 19.61
H16 A1AHN D . 28.55 10.98 18.14
H15 A1AHN D . 27.93 12.58 17.66
H17 A1AHN D . 27.58 11.18 16.66
H22 A1AHN D . 24.78 17.27 15.42
H25 A1AHN D . 21.17 16.16 16.35
H34 A1AHN D . 25.32 -2.18 10.24
H36 A1AHN D . 25.73 -1.46 6.80
H18 A1AHN D . 27.57 12.26 19.99
H19 A1AHN D . 25.92 11.79 20.47
H21 A1AHN D . 24.13 17.74 18.33
H20 A1AHN D . 24.49 19.05 17.18
H23 A1AHN D . 22.72 17.98 14.99
H27 A1AHN D . 23.29 14.48 15.36
H28 A1AHN D . 22.23 10.19 15.74
H29 A1AHN D . 22.15 15.90 18.56
H2 A1AHN D . 27.64 7.94 15.47
H3 A1AHN D . 25.93 7.73 15.04
H33 A1AHN D . 28.24 1.29 14.10
H32 A1AHN D . 27.05 1.35 12.80
H35 A1AHN D . 26.61 -1.11 12.03
H37 A1AHN D . 24.94 -4.42 9.34
H4 A1AHN D . 27.80 7.82 13.16
H5 A1AHN D . 26.41 6.73 13.01
H38 A1AHN D . 26.22 -5.38 7.01
H39 A1AHN D . 27.76 -3.22 7.03
H43 A1AHN D . 22.94 -4.69 7.80
H42 A1AHN D . 24.10 -5.05 6.51
H46 A1AHN D . 24.43 11.93 18.15
H47 A1AHN D . 25.05 10.83 16.92
H45 A1AHN D . 25.59 12.50 16.96
H12 A1AHN D . 23.66 7.83 19.67
H31 A1AHN D . 19.67 10.71 19.80
H30 A1AHN D . 21.14 11.06 20.65
H40 A1AHN D . 26.84 -5.50 9.31
H41 A1AHN D . 25.39 -3.26 5.49
H44 A1AHN D . 24.55 -6.43 8.82
H24 A1AHN D . 19.76 18.83 15.97
H14 A1AHN D . 27.53 8.61 17.82
H26 A1AHN D . 22.55 16.05 13.89
#